data_4FPI
#
_entry.id   4FPI
#
_cell.length_a   122.187
_cell.length_b   79.657
_cell.length_c   125.907
_cell.angle_alpha   90.000
_cell.angle_beta   105.540
_cell.angle_gamma   90.000
#
_symmetry.space_group_name_H-M   'P 1 21 1'
#
loop_
_entity.id
_entity.type
_entity.pdbx_description
1 polymer '5-chloromuconolactone dehalogenase'
2 water water
#
_entity_poly.entity_id   1
_entity_poly.type   'polypeptide(L)'
_entity_poly.pdbx_seq_one_letter_code
;MLYLVRMTVNLPRNLDSREEERLKASEKARSRTLQEQGQWRYLWRTTGKYGNISVFDVNSHDELHEILWSLPFFPYLTID
VEPLSHHPARVGKD
;
_entity_poly.pdbx_strand_id   A,B,C,D,E,F,G,H,I,J,K,L,M,N,O,P,R,S,T,U
#
# COMPACT_ATOMS: atom_id res chain seq x y z
N MET A 1 -18.05 37.98 -3.88
CA MET A 1 -16.88 38.57 -4.58
C MET A 1 -15.80 37.52 -4.85
N LEU A 2 -14.78 37.95 -5.58
CA LEU A 2 -13.89 37.06 -6.33
C LEU A 2 -12.52 36.80 -5.69
N TYR A 3 -12.14 35.52 -5.63
CA TYR A 3 -10.79 35.13 -5.22
C TYR A 3 -10.19 34.19 -6.25
N LEU A 4 -8.92 34.39 -6.59
CA LEU A 4 -8.13 33.40 -7.32
C LEU A 4 -7.47 32.46 -6.32
N VAL A 5 -7.73 31.17 -6.43
CA VAL A 5 -7.22 30.24 -5.44
C VAL A 5 -6.38 29.15 -6.11
N ARG A 6 -5.11 29.01 -5.71
CA ARG A 6 -4.27 27.89 -6.17
C ARG A 6 -4.22 26.74 -5.18
N MET A 7 -4.43 25.49 -5.62
CA MET A 7 -4.35 24.36 -4.68
C MET A 7 -3.40 23.29 -5.23
N THR A 8 -2.57 22.77 -4.36
CA THR A 8 -1.58 21.78 -4.69
C THR A 8 -1.84 20.52 -3.84
N VAL A 9 -1.94 19.35 -4.47
CA VAL A 9 -2.34 18.14 -3.72
C VAL A 9 -1.16 17.25 -3.38
N ASN A 10 -0.97 16.93 -2.10
CA ASN A 10 0.07 16.01 -1.63
C ASN A 10 -0.53 14.93 -0.74
N LEU A 11 -1.22 13.97 -1.35
CA LEU A 11 -1.74 12.79 -0.64
C LEU A 11 -0.64 11.95 -0.01
N PRO A 12 -0.91 11.35 1.16
CA PRO A 12 0.00 10.34 1.75
C PRO A 12 0.38 9.31 0.71
N ARG A 13 1.67 8.98 0.64
CA ARG A 13 2.21 8.31 -0.53
C ARG A 13 1.66 6.89 -0.59
N ASN A 14 2.34 5.94 0.02
CA ASN A 14 1.73 4.63 0.22
C ASN A 14 1.38 4.52 1.68
N LEU A 15 0.15 4.89 2.00
CA LEU A 15 -0.26 5.03 3.38
C LEU A 15 -1.77 4.85 3.59
N ASP A 16 -2.51 4.78 2.48
CA ASP A 16 -3.99 4.72 2.48
C ASP A 16 -4.52 3.33 2.02
N SER A 17 -5.86 3.12 1.96
CA SER A 17 -6.48 1.87 1.35
C SER A 17 -7.86 2.00 0.63
N ARG A 18 -8.90 1.44 1.26
CA ARG A 18 -10.32 1.75 0.95
C ARG A 18 -10.59 3.19 1.41
N GLU A 19 -9.69 3.71 2.22
CA GLU A 19 -9.78 5.07 2.75
C GLU A 19 -9.55 6.12 1.65
N GLU A 20 -8.51 5.95 0.85
CA GLU A 20 -8.24 6.79 -0.32
C GLU A 20 -9.46 6.93 -1.26
N GLU A 21 -10.11 5.79 -1.52
CA GLU A 21 -11.26 5.76 -2.40
C GLU A 21 -12.42 6.58 -1.79
N ARG A 22 -12.72 6.35 -0.53
CA ARG A 22 -13.69 7.19 0.16
C ARG A 22 -13.27 8.67 0.12
N LEU A 23 -12.01 8.95 0.44
CA LEU A 23 -11.52 10.34 0.48
C LEU A 23 -11.70 11.03 -0.88
N LYS A 24 -11.28 10.37 -1.95
CA LYS A 24 -11.45 10.90 -3.31
C LYS A 24 -12.91 11.16 -3.68
N ALA A 25 -13.79 10.23 -3.34
CA ALA A 25 -15.15 10.34 -3.74
C ALA A 25 -15.89 11.35 -2.88
N SER A 26 -15.46 11.55 -1.64
CA SER A 26 -16.13 12.57 -0.86
C SER A 26 -15.70 13.96 -1.35
N GLU A 27 -14.42 14.12 -1.72
CA GLU A 27 -13.88 15.38 -2.30
C GLU A 27 -14.55 15.73 -3.60
N LYS A 28 -14.73 14.73 -4.44
CA LYS A 28 -15.37 14.93 -5.74
C LYS A 28 -16.81 15.44 -5.59
N ALA A 29 -17.49 14.91 -4.59
CA ALA A 29 -18.89 15.27 -4.35
C ALA A 29 -18.97 16.64 -3.69
N ARG A 30 -17.99 16.96 -2.86
CA ARG A 30 -17.98 18.27 -2.18
C ARG A 30 -17.78 19.38 -3.22
N SER A 31 -16.84 19.17 -4.13
CA SER A 31 -16.48 20.16 -5.15
C SER A 31 -17.58 20.31 -6.16
N ARG A 32 -18.22 19.20 -6.51
CA ARG A 32 -19.41 19.26 -7.35
C ARG A 32 -20.52 20.17 -6.74
N THR A 33 -20.87 19.93 -5.50
CA THR A 33 -21.94 20.75 -4.88
C THR A 33 -21.56 22.22 -4.90
N LEU A 34 -20.28 22.46 -4.66
CA LEU A 34 -19.77 23.80 -4.52
C LEU A 34 -19.80 24.46 -5.88
N GLN A 35 -19.57 23.71 -6.93
CA GLN A 35 -19.65 24.29 -8.24
C GLN A 35 -21.12 24.46 -8.66
N GLU A 36 -21.96 23.51 -8.28
CA GLU A 36 -23.38 23.55 -8.68
C GLU A 36 -24.09 24.77 -8.09
N GLN A 37 -23.78 25.06 -6.83
CA GLN A 37 -24.36 26.23 -6.18
C GLN A 37 -23.68 27.54 -6.57
N GLY A 38 -22.44 27.48 -7.06
CA GLY A 38 -21.84 28.64 -7.70
C GLY A 38 -20.74 29.38 -6.93
N GLN A 39 -20.53 29.01 -5.68
CA GLN A 39 -19.40 29.56 -4.98
C GLN A 39 -18.10 29.06 -5.59
N TRP A 40 -18.00 27.80 -5.97
CA TRP A 40 -16.84 27.35 -6.77
C TRP A 40 -17.08 27.67 -8.24
N ARG A 41 -16.77 28.91 -8.64
CA ARG A 41 -17.11 29.42 -9.99
C ARG A 41 -16.32 28.77 -11.12
N TYR A 42 -15.00 28.87 -11.08
CA TYR A 42 -14.21 28.24 -12.15
C TYR A 42 -13.24 27.27 -11.52
N LEU A 43 -12.97 26.16 -12.23
CA LEU A 43 -12.00 25.18 -11.78
C LEU A 43 -11.23 24.58 -12.97
N TRP A 44 -9.91 24.72 -12.92
CA TRP A 44 -9.02 24.30 -14.01
C TRP A 44 -7.93 23.47 -13.44
N ARG A 45 -7.41 22.58 -14.29
CA ARG A 45 -6.20 21.83 -13.99
C ARG A 45 -4.94 22.65 -14.37
N THR A 46 -4.03 22.81 -13.43
CA THR A 46 -2.70 23.25 -13.79
C THR A 46 -2.01 22.17 -14.65
N THR A 47 -1.88 22.41 -15.97
CA THR A 47 -1.36 21.40 -16.91
C THR A 47 -0.06 20.69 -16.42
N GLY A 48 -0.07 19.37 -16.34
CA GLY A 48 1.12 18.62 -15.93
C GLY A 48 1.26 18.48 -14.43
N LYS A 49 0.29 19.02 -13.70
CA LYS A 49 0.40 19.04 -12.25
C LYS A 49 -0.85 18.47 -11.58
N TYR A 50 -0.67 17.90 -10.40
CA TYR A 50 -1.78 17.49 -9.56
C TYR A 50 -2.15 18.73 -8.76
N GLY A 51 -2.83 19.65 -9.43
CA GLY A 51 -3.25 20.89 -8.81
C GLY A 51 -4.42 21.47 -9.57
N ASN A 52 -4.98 22.54 -9.01
CA ASN A 52 -6.02 23.30 -9.67
C ASN A 52 -5.79 24.79 -9.47
N ILE A 53 -6.21 25.58 -10.44
CA ILE A 53 -6.39 26.98 -10.25
C ILE A 53 -7.89 27.16 -10.27
N SER A 54 -8.40 27.87 -9.27
CA SER A 54 -9.80 28.11 -9.15
C SER A 54 -10.12 29.58 -8.94
N VAL A 55 -11.35 29.96 -9.31
CA VAL A 55 -11.98 31.19 -8.84
C VAL A 55 -13.18 30.89 -7.98
N PHE A 56 -13.11 31.35 -6.72
CA PHE A 56 -14.26 31.30 -5.85
C PHE A 56 -15.01 32.62 -5.83
N ASP A 57 -16.33 32.48 -5.85
CA ASP A 57 -17.20 33.61 -5.72
C ASP A 57 -17.96 33.46 -4.39
N VAL A 58 -17.46 34.12 -3.34
CA VAL A 58 -18.07 34.05 -2.02
C VAL A 58 -18.18 35.43 -1.41
N ASN A 59 -18.99 35.57 -0.36
CA ASN A 59 -19.32 36.86 0.18
C ASN A 59 -18.38 37.34 1.24
N SER A 60 -17.64 36.46 1.89
CA SER A 60 -16.64 36.93 2.83
C SER A 60 -15.43 36.00 2.84
N HIS A 61 -14.38 36.43 3.54
CA HIS A 61 -13.16 35.65 3.66
C HIS A 61 -13.51 34.48 4.52
N ASP A 62 -14.31 34.70 5.58
CA ASP A 62 -14.57 33.63 6.55
C ASP A 62 -15.33 32.55 5.83
N GLU A 63 -16.19 32.95 4.90
CA GLU A 63 -16.99 32.02 4.12
C GLU A 63 -16.05 31.24 3.19
N LEU A 64 -15.07 31.92 2.58
CA LEU A 64 -14.11 31.22 1.72
C LEU A 64 -13.38 30.21 2.58
N HIS A 65 -12.98 30.64 3.74
CA HIS A 65 -12.12 29.81 4.55
C HIS A 65 -12.81 28.60 5.14
N GLU A 66 -14.07 28.77 5.54
CA GLU A 66 -14.85 27.60 5.96
C GLU A 66 -15.08 26.65 4.73
N ILE A 67 -15.29 27.20 3.53
CA ILE A 67 -15.43 26.36 2.34
C ILE A 67 -14.19 25.50 2.10
N LEU A 68 -13.01 26.09 2.29
CA LEU A 68 -11.74 25.43 1.99
C LEU A 68 -11.41 24.47 3.09
N TRP A 69 -11.68 24.88 4.33
CA TRP A 69 -11.49 24.00 5.49
C TRP A 69 -12.31 22.70 5.39
N SER A 70 -13.56 22.82 4.96
CA SER A 70 -14.47 21.68 4.83
C SER A 70 -14.07 20.71 3.71
N LEU A 71 -13.05 21.06 2.93
CA LEU A 71 -12.70 20.17 1.85
C LEU A 71 -12.01 18.90 2.40
N PRO A 72 -12.48 17.69 2.01
CA PRO A 72 -11.87 16.43 2.47
C PRO A 72 -10.39 16.37 2.23
N PHE A 73 -9.95 16.92 1.10
CA PHE A 73 -8.54 16.97 0.78
C PHE A 73 -7.81 18.03 1.61
N PHE A 74 -8.52 18.85 2.39
CA PHE A 74 -7.85 20.01 3.03
C PHE A 74 -6.54 19.68 3.72
N PRO A 75 -6.53 18.62 4.55
CA PRO A 75 -5.26 18.37 5.25
C PRO A 75 -4.03 18.16 4.35
N TYR A 76 -4.22 17.83 3.07
CA TYR A 76 -3.12 17.44 2.18
C TYR A 76 -2.94 18.42 1.03
N LEU A 77 -3.53 19.60 1.22
CA LEU A 77 -3.54 20.69 0.25
C LEU A 77 -2.54 21.76 0.53
N THR A 78 -1.97 22.33 -0.52
CA THR A 78 -1.22 23.59 -0.39
C THR A 78 -2.02 24.64 -1.10
N ILE A 79 -2.38 25.72 -0.39
CA ILE A 79 -3.38 26.67 -0.88
C ILE A 79 -2.90 28.13 -0.90
N ASP A 80 -3.03 28.78 -2.05
CA ASP A 80 -2.73 30.18 -2.13
C ASP A 80 -4.03 30.95 -2.46
N VAL A 81 -4.35 31.97 -1.67
CA VAL A 81 -5.58 32.78 -1.87
C VAL A 81 -5.23 34.19 -2.33
N GLU A 82 -5.79 34.63 -3.45
CA GLU A 82 -5.52 35.99 -3.92
C GLU A 82 -6.85 36.72 -4.10
N PRO A 83 -7.06 37.81 -3.36
CA PRO A 83 -8.28 38.63 -3.54
C PRO A 83 -8.24 39.22 -4.93
N LEU A 84 -9.37 39.24 -5.61
CA LEU A 84 -9.44 39.80 -6.95
C LEU A 84 -10.35 41.00 -6.95
N SER A 85 -10.03 41.99 -7.78
CA SER A 85 -10.82 43.18 -7.85
C SER A 85 -11.28 43.41 -9.27
N HIS A 86 -12.31 44.27 -9.40
CA HIS A 86 -12.80 44.75 -10.69
C HIS A 86 -11.74 45.56 -11.41
N HIS A 87 -11.52 45.22 -12.69
CA HIS A 87 -10.63 45.99 -13.58
C HIS A 87 -11.47 47.05 -14.33
N PRO A 88 -11.07 48.34 -14.28
CA PRO A 88 -11.88 49.42 -14.95
C PRO A 88 -12.12 49.22 -16.47
N ALA A 89 -11.34 48.33 -17.11
CA ALA A 89 -11.40 48.03 -18.55
C ALA A 89 -12.21 46.78 -18.92
N ARG A 90 -12.84 46.16 -17.92
CA ARG A 90 -13.64 44.94 -18.08
C ARG A 90 -14.83 45.18 -18.97
N VAL A 91 -14.99 44.40 -20.03
CA VAL A 91 -16.30 44.39 -20.67
C VAL A 91 -17.14 43.23 -20.15
N GLY A 92 -18.31 43.59 -19.63
CA GLY A 92 -19.22 42.61 -19.09
C GLY A 92 -18.91 42.35 -17.65
N LYS A 93 -19.24 41.13 -17.22
CA LYS A 93 -19.28 40.75 -15.80
C LYS A 93 -17.88 40.37 -15.31
N ASP A 94 -17.50 40.82 -14.14
CA ASP A 94 -16.31 40.23 -13.50
C ASP A 94 -16.36 38.71 -13.48
N MET B 1 -7.94 27.44 -26.52
CA MET B 1 -7.43 26.89 -25.24
C MET B 1 -6.98 27.99 -24.25
N LEU B 2 -6.98 27.62 -22.97
CA LEU B 2 -6.98 28.63 -21.90
C LEU B 2 -5.60 28.88 -21.30
N TYR B 3 -5.31 30.15 -21.02
CA TYR B 3 -4.08 30.52 -20.32
C TYR B 3 -4.33 31.49 -19.19
N LEU B 4 -3.69 31.24 -18.05
CA LEU B 4 -3.62 32.22 -16.94
C LEU B 4 -2.43 33.18 -17.20
N VAL B 5 -2.73 34.44 -17.44
CA VAL B 5 -1.71 35.48 -17.69
C VAL B 5 -1.75 36.55 -16.58
N ARG B 6 -0.63 36.75 -15.90
CA ARG B 6 -0.50 37.89 -15.02
C ARG B 6 0.34 38.88 -15.74
N MET B 7 -0.06 40.15 -15.67
CA MET B 7 0.76 41.22 -16.26
C MET B 7 0.98 42.32 -15.20
N THR B 8 2.24 42.63 -14.93
CA THR B 8 2.57 43.66 -13.97
C THR B 8 3.08 44.85 -14.77
N VAL B 9 2.54 46.02 -14.45
CA VAL B 9 2.78 47.25 -15.20
C VAL B 9 3.87 48.08 -14.53
N ASN B 10 4.81 48.56 -15.32
CA ASN B 10 5.89 49.38 -14.79
C ASN B 10 6.22 50.50 -15.77
N LEU B 11 5.34 51.51 -15.78
CA LEU B 11 5.46 52.64 -16.69
C LEU B 11 6.74 53.44 -16.46
N PRO B 12 7.20 54.19 -17.48
CA PRO B 12 8.35 55.06 -17.29
C PRO B 12 8.13 56.05 -16.13
N ARG B 13 9.14 56.14 -15.26
CA ARG B 13 9.13 57.03 -14.10
C ARG B 13 9.08 58.50 -14.53
N ASN B 14 8.14 58.79 -15.45
CA ASN B 14 7.92 60.11 -16.07
C ASN B 14 9.15 61.01 -16.28
N LEU B 15 9.78 60.96 -17.46
CA LEU B 15 9.68 59.91 -18.50
C LEU B 15 8.30 59.63 -19.16
N ASP B 16 7.33 60.52 -18.96
CA ASP B 16 6.02 60.38 -19.56
C ASP B 16 5.46 61.78 -19.79
N SER B 17 4.42 61.88 -20.61
CA SER B 17 3.83 63.20 -20.92
C SER B 17 2.30 63.16 -21.06
N ARG B 18 1.80 63.71 -22.17
CA ARG B 18 0.40 63.53 -22.58
C ARG B 18 0.35 62.34 -23.56
N GLU B 19 1.52 61.78 -23.86
CA GLU B 19 1.62 60.47 -24.49
C GLU B 19 1.05 59.40 -23.54
N GLU B 20 1.29 59.58 -22.24
CA GLU B 20 0.80 58.67 -21.20
C GLU B 20 -0.73 58.46 -21.25
N GLU B 21 -1.49 59.53 -21.48
CA GLU B 21 -2.96 59.42 -21.58
C GLU B 21 -3.36 58.84 -22.93
N ARG B 22 -2.59 59.19 -23.96
CA ARG B 22 -2.69 58.58 -25.28
C ARG B 22 -2.46 57.06 -25.15
N LEU B 23 -1.48 56.68 -24.34
CA LEU B 23 -1.12 55.26 -24.14
C LEU B 23 -2.19 54.45 -23.41
N LYS B 24 -2.58 54.91 -22.23
CA LYS B 24 -3.58 54.24 -21.40
C LYS B 24 -4.88 53.99 -22.16
N ALA B 25 -5.18 54.87 -23.12
CA ALA B 25 -6.41 54.75 -23.92
C ALA B 25 -6.21 53.80 -25.07
N SER B 26 -5.02 53.76 -25.65
CA SER B 26 -4.73 52.73 -26.65
C SER B 26 -4.90 51.33 -26.05
N GLU B 27 -4.32 51.15 -24.85
CA GLU B 27 -4.45 49.92 -24.12
C GLU B 27 -5.89 49.63 -23.82
N LYS B 28 -6.58 50.60 -23.23
CA LYS B 28 -8.00 50.42 -22.95
C LYS B 28 -8.72 50.00 -24.21
N ALA B 29 -8.48 50.71 -25.31
CA ALA B 29 -9.11 50.40 -26.62
C ALA B 29 -8.80 48.99 -27.09
N ARG B 30 -7.53 48.60 -27.04
CA ARG B 30 -7.18 47.25 -27.44
C ARG B 30 -7.75 46.18 -26.49
N SER B 31 -7.65 46.39 -25.17
CA SER B 31 -8.18 45.36 -24.25
C SER B 31 -9.68 45.15 -24.49
N ARG B 32 -10.39 46.26 -24.70
CA ARG B 32 -11.83 46.25 -25.05
C ARG B 32 -12.13 45.39 -26.29
N THR B 33 -11.46 45.66 -27.40
CA THR B 33 -11.58 44.83 -28.62
C THR B 33 -11.35 43.31 -28.39
N LEU B 34 -10.34 42.98 -27.60
CA LEU B 34 -10.01 41.57 -27.39
C LEU B 34 -11.02 40.82 -26.50
N GLN B 35 -11.67 41.52 -25.58
CA GLN B 35 -12.67 40.88 -24.73
C GLN B 35 -13.94 40.68 -25.52
N GLU B 36 -14.32 41.73 -26.27
CA GLU B 36 -15.45 41.63 -27.23
C GLU B 36 -15.28 40.48 -28.22
N GLN B 37 -14.08 40.33 -28.79
CA GLN B 37 -13.85 39.23 -29.72
C GLN B 37 -13.80 37.91 -28.99
N GLY B 38 -13.49 37.98 -27.70
CA GLY B 38 -13.52 36.80 -26.86
C GLY B 38 -12.18 36.16 -26.50
N GLN B 39 -11.07 36.57 -27.09
CA GLN B 39 -9.81 35.92 -26.71
C GLN B 39 -9.28 36.40 -25.35
N TRP B 40 -9.62 37.63 -25.01
CA TRP B 40 -9.37 38.12 -23.68
C TRP B 40 -10.65 37.74 -22.91
N ARG B 41 -10.67 36.54 -22.31
CA ARG B 41 -11.89 35.96 -21.75
C ARG B 41 -12.24 36.62 -20.42
N TYR B 42 -11.32 36.58 -19.45
CA TYR B 42 -11.54 37.20 -18.15
C TYR B 42 -10.45 38.21 -17.84
N LEU B 43 -10.86 39.28 -17.20
CA LEU B 43 -9.95 40.35 -16.87
C LEU B 43 -10.25 40.75 -15.46
N TRP B 44 -9.26 40.66 -14.59
CA TRP B 44 -9.42 41.10 -13.22
C TRP B 44 -8.22 41.91 -12.79
N ARG B 45 -8.37 42.61 -11.69
CA ARG B 45 -7.35 43.48 -11.20
C ARG B 45 -6.82 42.84 -9.94
N THR B 46 -5.50 42.80 -9.83
CA THR B 46 -4.81 42.43 -8.61
C THR B 46 -5.07 43.50 -7.53
N THR B 47 -5.76 43.11 -6.46
CA THR B 47 -6.20 44.03 -5.40
C THR B 47 -5.01 44.75 -4.80
N GLY B 48 -4.98 46.07 -4.93
CA GLY B 48 -3.92 46.91 -4.35
C GLY B 48 -2.73 47.19 -5.26
N LYS B 49 -2.80 46.65 -6.48
CA LYS B 49 -1.69 46.70 -7.41
C LYS B 49 -2.08 47.23 -8.79
N TYR B 50 -1.09 47.73 -9.53
CA TYR B 50 -1.27 48.20 -10.89
C TYR B 50 -0.94 47.05 -11.81
N GLY B 51 -1.96 46.41 -12.33
CA GLY B 51 -1.77 45.35 -13.31
C GLY B 51 -3.03 44.56 -13.42
N ASN B 52 -2.91 43.40 -14.06
CA ASN B 52 -4.05 42.53 -14.18
C ASN B 52 -3.69 41.07 -14.09
N ILE B 53 -4.70 40.26 -13.83
CA ILE B 53 -4.61 38.82 -13.82
C ILE B 53 -5.77 38.41 -14.71
N SER B 54 -5.50 37.54 -15.68
CA SER B 54 -6.40 37.32 -16.79
C SER B 54 -6.43 35.88 -17.31
N VAL B 55 -7.53 35.53 -17.99
CA VAL B 55 -7.64 34.27 -18.72
C VAL B 55 -7.83 34.62 -20.18
N PHE B 56 -6.99 34.02 -21.01
CA PHE B 56 -7.02 34.19 -22.43
C PHE B 56 -7.45 32.87 -23.00
N ASP B 57 -8.30 32.97 -24.00
CA ASP B 57 -8.88 31.81 -24.66
C ASP B 57 -8.42 31.96 -26.12
N VAL B 58 -7.30 31.32 -26.48
CA VAL B 58 -6.82 31.39 -27.89
C VAL B 58 -6.53 30.00 -28.47
N ASN B 59 -6.36 29.92 -29.79
CA ASN B 59 -6.10 28.65 -30.50
C ASN B 59 -4.63 28.15 -30.50
N SER B 60 -3.65 29.03 -30.30
CA SER B 60 -2.25 28.57 -30.27
C SER B 60 -1.38 29.45 -29.38
N HIS B 61 -0.19 28.94 -29.06
CA HIS B 61 0.79 29.71 -28.32
C HIS B 61 1.11 30.93 -29.14
N ASP B 62 1.28 30.69 -30.43
CA ASP B 62 1.59 31.78 -31.38
C ASP B 62 0.62 32.95 -31.36
N GLU B 63 -0.67 32.67 -31.42
CA GLU B 63 -1.67 33.73 -31.38
C GLU B 63 -1.68 34.47 -30.02
N LEU B 64 -1.50 33.74 -28.93
CA LEU B 64 -1.35 34.43 -27.63
C LEU B 64 -0.12 35.36 -27.66
N HIS B 65 0.99 34.88 -28.22
CA HIS B 65 2.19 35.74 -28.30
C HIS B 65 1.95 37.06 -29.00
N GLU B 66 1.30 36.98 -30.16
CA GLU B 66 1.04 38.15 -31.00
C GLU B 66 0.10 39.14 -30.35
N ILE B 67 -0.84 38.61 -29.58
CA ILE B 67 -1.77 39.43 -28.80
C ILE B 67 -1.04 40.16 -27.67
N LEU B 68 -0.25 39.43 -26.91
CA LEU B 68 0.48 40.04 -25.81
C LEU B 68 1.49 41.04 -26.41
N TRP B 69 2.23 40.60 -27.41
CA TRP B 69 3.13 41.48 -28.15
C TRP B 69 2.50 42.82 -28.63
N SER B 70 1.25 42.75 -29.10
CA SER B 70 0.54 43.91 -29.64
C SER B 70 -0.04 44.90 -28.60
N LEU B 71 0.01 44.55 -27.31
CA LEU B 71 -0.51 45.44 -26.28
C LEU B 71 0.34 46.69 -26.19
N PRO B 72 -0.30 47.87 -26.28
CA PRO B 72 0.35 49.15 -26.04
C PRO B 72 1.28 49.12 -24.86
N PHE B 73 0.80 48.56 -23.74
CA PHE B 73 1.57 48.48 -22.50
C PHE B 73 2.79 47.53 -22.59
N PHE B 74 2.81 46.64 -23.58
CA PHE B 74 3.80 45.56 -23.65
C PHE B 74 5.20 45.89 -23.13
N PRO B 75 5.86 46.97 -23.64
CA PRO B 75 7.26 47.16 -23.25
C PRO B 75 7.44 47.50 -21.78
N TYR B 76 6.32 47.85 -21.12
CA TYR B 76 6.27 48.15 -19.69
C TYR B 76 5.79 46.99 -18.80
N LEU B 77 5.41 45.87 -19.41
CA LEU B 77 4.87 44.72 -18.65
C LEU B 77 5.91 43.67 -18.27
N THR B 78 5.67 43.06 -17.11
CA THR B 78 6.28 41.83 -16.73
C THR B 78 5.15 40.79 -16.82
N ILE B 79 5.32 39.78 -17.66
CA ILE B 79 4.27 38.80 -17.91
C ILE B 79 4.60 37.39 -17.46
N ASP B 80 3.64 36.74 -16.80
CA ASP B 80 3.69 35.31 -16.61
C ASP B 80 2.54 34.66 -17.34
N VAL B 81 2.83 33.55 -17.99
CA VAL B 81 1.87 32.78 -18.76
C VAL B 81 1.83 31.37 -18.15
N GLU B 82 0.64 30.88 -17.88
CA GLU B 82 0.47 29.52 -17.37
C GLU B 82 -0.71 28.85 -18.11
N PRO B 83 -0.48 27.68 -18.76
CA PRO B 83 -1.55 26.89 -19.43
C PRO B 83 -2.49 26.29 -18.45
N LEU B 84 -3.79 26.47 -18.68
CA LEU B 84 -4.84 25.81 -17.92
C LEU B 84 -5.43 24.67 -18.72
N SER B 85 -5.71 23.57 -18.04
CA SER B 85 -6.35 22.40 -18.66
C SER B 85 -7.66 22.07 -17.98
N HIS B 86 -8.47 21.27 -18.68
CA HIS B 86 -9.77 20.83 -18.17
C HIS B 86 -9.57 19.91 -16.98
N HIS B 87 -10.28 20.20 -15.89
CA HIS B 87 -10.15 19.45 -14.63
C HIS B 87 -11.22 18.36 -14.63
N PRO B 88 -10.85 17.11 -14.33
CA PRO B 88 -11.90 16.06 -14.32
C PRO B 88 -13.05 16.33 -13.35
N ALA B 89 -12.76 16.90 -12.18
CA ALA B 89 -13.86 17.24 -11.26
C ALA B 89 -14.67 18.49 -11.64
N ARG B 90 -14.42 19.05 -12.83
CA ARG B 90 -15.18 20.19 -13.38
C ARG B 90 -16.63 19.83 -13.65
N VAL B 91 -17.58 20.57 -13.10
CA VAL B 91 -18.97 20.29 -13.46
C VAL B 91 -19.45 21.10 -14.68
N GLY B 92 -19.51 22.42 -14.55
CA GLY B 92 -19.98 23.27 -15.68
C GLY B 92 -19.03 23.31 -16.89
N LYS B 93 -18.89 24.49 -17.52
CA LYS B 93 -18.07 24.56 -18.72
C LYS B 93 -16.57 24.87 -18.51
N ASP B 94 -16.25 26.15 -18.30
CA ASP B 94 -14.88 26.67 -18.45
C ASP B 94 -13.75 25.65 -18.25
N MET C 1 5.47 45.76 24.33
CA MET C 1 5.70 46.34 22.96
C MET C 1 5.41 45.30 21.90
N LEU C 2 5.37 45.69 20.64
CA LEU C 2 4.60 44.94 19.65
C LEU C 2 5.42 44.07 18.71
N TYR C 3 4.93 42.85 18.44
CA TYR C 3 5.53 41.96 17.44
C TYR C 3 4.45 41.46 16.55
N LEU C 4 4.71 41.40 15.25
CA LEU C 4 3.84 40.68 14.32
C LEU C 4 4.40 39.26 14.22
N VAL C 5 3.58 38.27 14.53
CA VAL C 5 4.00 36.87 14.60
C VAL C 5 3.14 35.98 13.68
N ARG C 6 3.77 35.36 12.69
CA ARG C 6 3.09 34.39 11.82
C ARG C 6 3.39 33.01 12.33
N MET C 7 2.36 32.18 12.46
CA MET C 7 2.57 30.79 12.87
C MET C 7 1.90 29.85 11.86
N THR C 8 2.71 29.00 11.22
CA THR C 8 2.24 28.00 10.28
C THR C 8 2.26 26.64 11.00
N VAL C 9 1.13 25.94 10.99
CA VAL C 9 1.01 24.68 11.72
C VAL C 9 1.29 23.51 10.78
N ASN C 10 2.18 22.62 11.24
CA ASN C 10 2.50 21.37 10.56
C ASN C 10 2.38 20.20 11.55
N LEU C 11 1.15 19.74 11.77
CA LEU C 11 0.85 18.63 12.68
C LEU C 11 1.29 17.28 12.08
N PRO C 12 1.93 16.41 12.92
CA PRO C 12 2.56 15.14 12.52
C PRO C 12 1.69 14.21 11.67
N ARG C 13 2.33 13.53 10.71
CA ARG C 13 1.68 12.69 9.68
C ARG C 13 0.83 11.51 10.18
N ASN C 14 1.41 10.31 10.12
CA ASN C 14 0.73 9.09 10.57
C ASN C 14 0.98 8.85 12.07
N LEU C 15 0.58 9.83 12.88
CA LEU C 15 0.78 9.78 14.33
C LEU C 15 -0.42 10.45 15.01
N ASP C 16 -0.37 10.49 16.34
CA ASP C 16 -1.26 11.29 17.20
C ASP C 16 -2.26 10.49 18.07
N SER C 17 -3.26 9.87 17.45
CA SER C 17 -4.27 9.08 18.16
C SER C 17 -5.37 9.99 18.78
N ARG C 18 -5.69 9.77 20.07
CA ARG C 18 -6.64 10.61 20.80
C ARG C 18 -5.94 11.80 21.45
N GLU C 19 -4.61 11.70 21.51
CA GLU C 19 -3.73 12.73 22.07
C GLU C 19 -3.75 14.05 21.26
N GLU C 20 -4.06 13.97 19.97
CA GLU C 20 -4.21 15.16 19.15
C GLU C 20 -5.26 16.07 19.77
N GLU C 21 -6.45 15.52 20.02
CA GLU C 21 -7.56 16.29 20.58
C GLU C 21 -7.16 16.93 21.90
N ARG C 22 -6.23 16.27 22.60
CA ARG C 22 -5.66 16.76 23.86
C ARG C 22 -4.69 17.93 23.62
N LEU C 23 -3.93 17.86 22.52
CA LEU C 23 -2.97 18.90 22.17
C LEU C 23 -3.67 20.16 21.68
N LYS C 24 -4.62 19.98 20.76
CA LYS C 24 -5.51 21.05 20.30
C LYS C 24 -6.13 21.81 21.47
N ALA C 25 -6.61 21.07 22.48
CA ALA C 25 -7.23 21.65 23.65
C ALA C 25 -6.22 22.38 24.54
N SER C 26 -5.14 21.70 24.94
CA SER C 26 -4.00 22.36 25.62
C SER C 26 -3.68 23.71 24.96
N GLU C 27 -3.51 23.71 23.63
CA GLU C 27 -3.17 24.93 22.89
C GLU C 27 -4.26 26.00 23.00
N LYS C 28 -5.51 25.58 22.83
CA LYS C 28 -6.66 26.49 22.88
C LYS C 28 -6.83 27.21 24.22
N ALA C 29 -6.47 26.52 25.32
CA ALA C 29 -6.51 27.09 26.66
C ALA C 29 -5.28 27.95 26.99
N ARG C 30 -4.09 27.54 26.58
CA ARG C 30 -2.94 28.43 26.71
C ARG C 30 -3.19 29.74 25.93
N SER C 31 -3.82 29.66 24.76
CA SER C 31 -4.07 30.87 23.99
C SER C 31 -5.11 31.79 24.64
N ARG C 32 -6.12 31.21 25.30
CA ARG C 32 -7.23 31.97 25.94
C ARG C 32 -6.71 32.86 27.06
N THR C 33 -5.95 32.21 27.93
CA THR C 33 -5.17 32.81 29.00
C THR C 33 -4.31 33.96 28.48
N LEU C 34 -3.62 33.71 27.36
CA LEU C 34 -2.67 34.68 26.80
C LEU C 34 -3.40 35.88 26.22
N GLN C 35 -4.62 35.68 25.70
CA GLN C 35 -5.45 36.79 25.23
C GLN C 35 -6.12 37.57 26.35
N GLU C 36 -6.69 36.86 27.34
CA GLU C 36 -7.26 37.50 28.56
C GLU C 36 -6.21 38.36 29.28
N GLN C 37 -4.99 37.86 29.37
CA GLN C 37 -3.98 38.61 30.06
C GLN C 37 -3.35 39.71 29.23
N GLY C 38 -3.61 39.70 27.92
CA GLY C 38 -3.29 40.84 27.06
C GLY C 38 -2.05 40.69 26.20
N GLN C 39 -1.20 39.73 26.55
CA GLN C 39 0.05 39.51 25.84
C GLN C 39 -0.18 38.98 24.42
N TRP C 40 -1.20 38.13 24.23
CA TRP C 40 -1.67 37.74 22.88
C TRP C 40 -2.76 38.71 22.51
N ARG C 41 -2.35 39.86 22.03
CA ARG C 41 -3.23 40.96 21.73
C ARG C 41 -4.25 40.73 20.61
N TYR C 42 -3.76 40.41 19.40
CA TYR C 42 -4.67 40.19 18.30
C TYR C 42 -4.32 38.87 17.73
N LEU C 43 -5.34 38.17 17.23
CA LEU C 43 -5.19 36.80 16.69
C LEU C 43 -6.14 36.64 15.54
N TRP C 44 -5.57 36.30 14.40
CA TRP C 44 -6.35 36.07 13.18
C TRP C 44 -5.93 34.77 12.50
N ARG C 45 -6.87 34.13 11.83
CA ARG C 45 -6.53 33.02 10.95
C ARG C 45 -6.26 33.52 9.52
N THR C 46 -5.19 33.03 8.95
CA THR C 46 -4.94 33.20 7.54
C THR C 46 -5.97 32.46 6.68
N THR C 47 -6.64 33.17 5.82
CA THR C 47 -7.72 32.62 5.00
C THR C 47 -7.18 31.48 4.14
N GLY C 48 -7.70 30.28 4.37
CA GLY C 48 -7.32 29.08 3.60
C GLY C 48 -6.21 28.21 4.17
N LYS C 49 -5.72 28.59 5.34
CA LYS C 49 -4.55 27.98 5.96
C LYS C 49 -4.86 27.56 7.38
N TYR C 50 -4.07 26.61 7.85
CA TYR C 50 -4.02 26.23 9.25
C TYR C 50 -2.82 26.96 9.82
N GLY C 51 -3.12 27.98 10.59
CA GLY C 51 -2.13 28.60 11.44
C GLY C 51 -2.75 29.79 12.11
N ASN C 52 -1.97 30.85 12.19
CA ASN C 52 -2.47 32.16 12.54
C ASN C 52 -1.47 33.25 12.19
N ILE C 53 -2.00 34.44 12.07
CA ILE C 53 -1.18 35.63 12.13
C ILE C 53 -1.61 36.49 13.34
N SER C 54 -0.65 36.96 14.11
CA SER C 54 -0.88 37.53 15.44
C SER C 54 -0.12 38.81 15.75
N VAL C 55 -0.61 39.50 16.76
CA VAL C 55 0.11 40.62 17.37
C VAL C 55 0.31 40.35 18.86
N PHE C 56 1.58 40.36 19.26
CA PHE C 56 1.90 40.13 20.66
C PHE C 56 2.33 41.43 21.31
N ASP C 57 2.04 41.56 22.60
CA ASP C 57 2.26 42.80 23.36
C ASP C 57 3.00 42.31 24.59
N VAL C 58 4.33 42.31 24.54
CA VAL C 58 5.12 41.83 25.66
C VAL C 58 6.25 42.82 26.02
N ASN C 59 6.95 42.56 27.12
CA ASN C 59 7.96 43.49 27.63
C ASN C 59 9.32 43.32 27.00
N SER C 60 9.65 42.12 26.56
CA SER C 60 10.95 41.87 25.96
C SER C 60 10.86 40.76 24.94
N HIS C 61 11.96 40.55 24.21
CA HIS C 61 12.05 39.43 23.28
C HIS C 61 12.02 38.15 24.07
N ASP C 62 12.70 38.20 25.20
CA ASP C 62 12.76 37.04 26.09
C ASP C 62 11.38 36.60 26.55
N GLU C 63 10.54 37.54 26.94
CA GLU C 63 9.16 37.16 27.30
C GLU C 63 8.42 36.52 26.11
N LEU C 64 8.55 37.12 24.93
CA LEU C 64 7.94 36.58 23.73
C LEU C 64 8.43 35.19 23.47
N HIS C 65 9.74 35.01 23.54
CA HIS C 65 10.35 33.74 23.28
C HIS C 65 9.80 32.63 24.23
N GLU C 66 9.79 32.96 25.52
CA GLU C 66 9.20 32.06 26.52
C GLU C 66 7.72 31.76 26.25
N ILE C 67 6.97 32.75 25.78
CA ILE C 67 5.57 32.51 25.44
C ILE C 67 5.42 31.58 24.22
N LEU C 68 6.13 31.84 23.14
CA LEU C 68 6.02 30.93 21.99
C LEU C 68 6.44 29.49 22.36
N TRP C 69 7.56 29.35 23.07
CA TRP C 69 8.11 28.06 23.46
C TRP C 69 7.14 27.30 24.36
N SER C 70 6.38 28.02 25.18
CA SER C 70 5.36 27.41 26.05
C SER C 70 4.18 26.85 25.29
N LEU C 71 3.99 27.28 24.03
CA LEU C 71 2.80 26.91 23.26
C LEU C 71 2.86 25.41 22.95
N PRO C 72 1.81 24.66 23.30
CA PRO C 72 1.87 23.22 23.08
C PRO C 72 2.18 22.90 21.63
N PHE C 73 1.73 23.75 20.70
CA PHE C 73 1.90 23.53 19.27
C PHE C 73 3.31 23.85 18.83
N PHE C 74 4.13 24.35 19.74
CA PHE C 74 5.45 24.86 19.36
C PHE C 74 6.27 23.88 18.47
N PRO C 75 6.31 22.56 18.80
CA PRO C 75 7.18 21.68 17.97
C PRO C 75 6.68 21.48 16.53
N TYR C 76 5.40 21.79 16.27
CA TYR C 76 4.77 21.64 14.94
C TYR C 76 4.61 22.97 14.13
N LEU C 77 5.09 24.07 14.71
CA LEU C 77 5.00 25.40 14.12
C LEU C 77 6.26 25.84 13.39
N THR C 78 6.06 26.57 12.29
CA THR C 78 7.09 27.50 11.79
C THR C 78 6.64 28.90 12.19
N ILE C 79 7.58 29.70 12.68
CA ILE C 79 7.24 30.96 13.31
C ILE C 79 8.01 32.11 12.70
N ASP C 80 7.29 33.16 12.32
CA ASP C 80 7.97 34.37 11.91
C ASP C 80 7.62 35.55 12.79
N VAL C 81 8.65 36.21 13.32
CA VAL C 81 8.50 37.27 14.32
C VAL C 81 9.04 38.51 13.71
N GLU C 82 8.26 39.59 13.74
CA GLU C 82 8.74 40.83 13.21
C GLU C 82 8.42 41.94 14.22
N PRO C 83 9.40 42.79 14.52
CA PRO C 83 9.21 43.95 15.40
C PRO C 83 8.29 45.01 14.80
N LEU C 84 7.30 45.45 15.59
CA LEU C 84 6.39 46.54 15.20
C LEU C 84 6.68 47.80 16.04
N SER C 85 6.65 48.99 15.43
CA SER C 85 6.86 50.28 16.13
C SER C 85 5.70 51.24 15.97
N HIS C 86 5.59 52.13 16.96
CA HIS C 86 4.65 53.22 16.84
C HIS C 86 4.86 53.97 15.52
N HIS C 87 3.77 54.19 14.81
CA HIS C 87 3.78 54.92 13.55
C HIS C 87 3.32 56.38 13.74
N PRO C 88 4.19 57.34 13.37
CA PRO C 88 3.93 58.80 13.43
C PRO C 88 2.52 59.22 12.98
N ALA C 89 2.00 58.59 11.93
CA ALA C 89 0.65 58.95 11.47
C ALA C 89 -0.53 58.15 12.12
N ARG C 90 -0.29 57.40 13.20
CA ARG C 90 -1.39 56.71 13.92
C ARG C 90 -2.41 57.71 14.49
N VAL C 91 -3.70 57.40 14.39
CA VAL C 91 -4.71 58.17 15.14
C VAL C 91 -5.52 57.39 16.21
N GLY C 92 -5.45 56.06 16.23
CA GLY C 92 -6.17 55.26 17.25
C GLY C 92 -5.33 54.67 18.39
N LYS C 93 -5.69 53.47 18.84
CA LYS C 93 -4.87 52.70 19.82
C LYS C 93 -3.65 52.04 19.15
N ASP C 94 -2.73 51.52 19.99
CA ASP C 94 -1.47 50.90 19.55
C ASP C 94 -0.34 51.93 19.43
N MET D 1 -14.85 43.42 6.67
CA MET D 1 -13.86 42.32 6.87
C MET D 1 -12.39 42.76 6.79
N LEU D 2 -11.48 41.84 7.09
CA LEU D 2 -10.16 42.24 7.52
C LEU D 2 -9.02 41.82 6.58
N TYR D 3 -8.08 42.75 6.34
CA TYR D 3 -6.92 42.52 5.48
C TYR D 3 -5.66 42.97 6.19
N LEU D 4 -4.65 42.11 6.06
CA LEU D 4 -3.31 42.45 6.40
C LEU D 4 -2.63 43.03 5.14
N VAL D 5 -2.18 44.28 5.25
CA VAL D 5 -1.54 45.00 4.12
C VAL D 5 -0.18 45.49 4.58
N ARG D 6 0.85 45.08 3.84
CA ARG D 6 2.18 45.62 4.04
C ARG D 6 2.42 46.64 2.92
N MET D 7 2.98 47.79 3.27
CA MET D 7 3.38 48.81 2.29
C MET D 7 4.80 49.28 2.57
N THR D 8 5.55 49.39 1.48
CA THR D 8 6.95 49.84 1.46
C THR D 8 7.01 51.06 0.56
N VAL D 9 7.66 52.11 1.02
CA VAL D 9 7.73 53.37 0.28
C VAL D 9 9.08 53.50 -0.40
N ASN D 10 9.09 53.72 -1.71
CA ASN D 10 10.32 54.13 -2.41
C ASN D 10 10.03 55.45 -3.07
N LEU D 11 10.19 56.53 -2.32
CA LEU D 11 10.04 57.88 -2.85
C LEU D 11 11.27 58.23 -3.69
N PRO D 12 11.07 58.98 -4.81
CA PRO D 12 12.19 59.56 -5.58
C PRO D 12 13.11 60.39 -4.66
N ARG D 13 14.42 60.24 -4.83
CA ARG D 13 15.41 60.75 -3.87
C ARG D 13 15.76 62.21 -4.13
N ASN D 14 16.77 62.43 -4.98
CA ASN D 14 17.16 63.80 -5.36
C ASN D 14 16.12 64.51 -6.26
N LEU D 15 14.95 63.88 -6.45
CA LEU D 15 13.94 64.39 -7.38
C LEU D 15 13.04 65.47 -6.79
N ASP D 16 12.59 65.25 -5.56
CA ASP D 16 11.57 66.09 -4.97
C ASP D 16 12.04 67.45 -4.52
N SER D 17 11.22 68.46 -4.81
CA SER D 17 11.33 69.79 -4.25
C SER D 17 10.58 69.87 -2.90
N ARG D 18 9.78 70.93 -2.72
CA ARG D 18 8.84 71.10 -1.60
C ARG D 18 7.45 70.52 -1.98
N GLU D 19 7.39 70.00 -3.20
CA GLU D 19 6.42 68.98 -3.62
C GLU D 19 6.41 67.81 -2.59
N GLU D 20 7.60 67.42 -2.14
CA GLU D 20 7.78 66.41 -1.08
C GLU D 20 6.96 66.72 0.15
N GLU D 21 7.02 67.98 0.59
CA GLU D 21 6.18 68.47 1.65
C GLU D 21 4.69 68.40 1.30
N ARG D 22 4.35 68.46 0.01
CA ARG D 22 2.95 68.48 -0.43
C ARG D 22 2.38 67.06 -0.43
N LEU D 23 3.18 66.07 -0.82
CA LEU D 23 2.73 64.68 -0.83
C LEU D 23 2.68 64.11 0.61
N LYS D 24 3.74 64.26 1.39
CA LYS D 24 3.74 63.73 2.75
C LYS D 24 2.56 64.19 3.61
N ALA D 25 2.26 65.49 3.58
CA ALA D 25 1.16 66.05 4.35
C ALA D 25 -0.15 65.57 3.77
N SER D 26 -0.15 65.45 2.45
CA SER D 26 -1.29 64.97 1.69
C SER D 26 -1.60 63.50 2.06
N GLU D 27 -0.55 62.74 2.34
CA GLU D 27 -0.67 61.37 2.70
C GLU D 27 -1.11 61.24 4.17
N LYS D 28 -0.51 62.04 5.06
CA LYS D 28 -0.92 62.05 6.48
C LYS D 28 -2.40 62.41 6.66
N ALA D 29 -2.88 63.36 5.86
CA ALA D 29 -4.28 63.79 5.95
C ALA D 29 -5.24 62.68 5.47
N ARG D 30 -4.88 61.96 4.41
CA ARG D 30 -5.75 60.94 3.85
C ARG D 30 -5.79 59.73 4.80
N SER D 31 -4.64 59.38 5.35
CA SER D 31 -4.52 58.27 6.30
C SER D 31 -5.20 58.54 7.62
N ARG D 32 -5.12 59.79 8.11
CA ARG D 32 -5.85 60.22 9.31
C ARG D 32 -7.37 60.03 9.16
N THR D 33 -7.90 60.47 8.02
CA THR D 33 -9.32 60.31 7.71
C THR D 33 -9.76 58.84 7.66
N LEU D 34 -9.02 58.04 6.89
CA LEU D 34 -9.32 56.62 6.75
C LEU D 34 -9.27 55.94 8.11
N GLN D 35 -8.39 56.41 9.01
CA GLN D 35 -8.36 55.90 10.39
C GLN D 35 -9.55 56.45 11.22
N GLU D 36 -9.97 57.67 10.93
CA GLU D 36 -11.04 58.26 11.75
C GLU D 36 -12.33 57.63 11.33
N GLN D 37 -12.41 57.34 10.03
CA GLN D 37 -13.60 56.75 9.48
C GLN D 37 -13.71 55.25 9.74
N GLY D 38 -12.61 54.62 10.17
CA GLY D 38 -12.63 53.22 10.63
C GLY D 38 -12.02 52.23 9.64
N GLN D 39 -11.96 52.61 8.38
CA GLN D 39 -11.48 51.63 7.40
C GLN D 39 -9.96 51.28 7.51
N TRP D 40 -9.11 52.23 7.87
CA TRP D 40 -7.71 51.93 8.22
C TRP D 40 -7.67 51.59 9.70
N ARG D 41 -7.76 50.33 10.08
CA ARG D 41 -8.11 50.01 11.48
C ARG D 41 -6.90 50.02 12.41
N TYR D 42 -5.83 49.35 11.98
CA TYR D 42 -4.55 49.41 12.69
C TYR D 42 -3.43 49.85 11.74
N LEU D 43 -2.45 50.56 12.28
CA LEU D 43 -1.34 51.08 11.48
C LEU D 43 -0.08 51.12 12.32
N TRP D 44 0.92 50.35 11.89
CA TRP D 44 2.13 50.20 12.64
C TRP D 44 3.31 50.48 11.74
N ARG D 45 4.40 50.99 12.35
CA ARG D 45 5.65 51.15 11.62
C ARG D 45 6.44 49.86 11.67
N THR D 46 6.95 49.45 10.52
CA THR D 46 7.90 48.35 10.40
C THR D 46 9.22 48.87 10.85
N THR D 47 9.71 48.31 11.95
CA THR D 47 10.86 48.83 12.65
C THR D 47 12.08 48.90 11.78
N GLY D 48 12.56 50.13 11.59
CA GLY D 48 13.79 50.37 10.84
C GLY D 48 13.63 50.48 9.34
N LYS D 49 12.38 50.50 8.88
CA LYS D 49 12.03 50.66 7.46
C LYS D 49 11.03 51.81 7.24
N TYR D 50 11.13 52.44 6.08
CA TYR D 50 10.12 53.36 5.58
C TYR D 50 8.94 52.51 5.01
N GLY D 51 7.97 52.26 5.89
CA GLY D 51 6.94 51.26 5.66
C GLY D 51 6.00 51.12 6.86
N ASN D 52 4.94 50.39 6.61
CA ASN D 52 3.95 50.07 7.62
C ASN D 52 3.37 48.68 7.34
N ILE D 53 2.99 48.03 8.43
CA ILE D 53 2.07 46.92 8.47
C ILE D 53 0.75 47.51 8.97
N SER D 54 -0.32 47.25 8.22
CA SER D 54 -1.61 47.77 8.51
C SER D 54 -2.69 46.69 8.46
N VAL D 55 -3.79 46.97 9.11
CA VAL D 55 -4.96 46.12 9.05
C VAL D 55 -6.07 47.03 8.57
N PHE D 56 -6.66 46.70 7.43
CA PHE D 56 -7.81 47.43 6.94
C PHE D 56 -9.11 46.63 7.14
N ASP D 57 -10.16 47.35 7.50
CA ASP D 57 -11.49 46.83 7.78
C ASP D 57 -12.45 47.45 6.79
N VAL D 58 -12.79 46.70 5.73
CA VAL D 58 -13.63 47.25 4.67
C VAL D 58 -14.63 46.19 4.19
N ASN D 59 -15.47 46.52 3.21
CA ASN D 59 -16.62 45.66 2.90
C ASN D 59 -16.48 44.84 1.64
N SER D 60 -15.41 45.08 0.88
CA SER D 60 -15.11 44.31 -0.34
C SER D 60 -13.63 44.49 -0.72
N HIS D 61 -13.16 43.64 -1.65
CA HIS D 61 -11.83 43.75 -2.26
C HIS D 61 -11.74 45.04 -3.03
N ASP D 62 -12.82 45.38 -3.74
CA ASP D 62 -12.85 46.64 -4.52
C ASP D 62 -12.77 47.89 -3.63
N GLU D 63 -13.46 47.92 -2.49
CA GLU D 63 -13.29 49.04 -1.56
C GLU D 63 -11.83 49.11 -1.04
N LEU D 64 -11.21 47.97 -0.74
CA LEU D 64 -9.78 48.03 -0.39
C LEU D 64 -8.97 48.64 -1.51
N HIS D 65 -9.19 48.12 -2.70
CA HIS D 65 -8.44 48.53 -3.85
C HIS D 65 -8.58 50.03 -4.16
N GLU D 66 -9.79 50.55 -4.01
CA GLU D 66 -10.02 51.97 -4.29
C GLU D 66 -9.32 52.84 -3.27
N ILE D 67 -9.41 52.45 -2.01
CA ILE D 67 -8.68 53.10 -0.92
C ILE D 67 -7.17 53.13 -1.17
N LEU D 68 -6.57 52.00 -1.54
CA LEU D 68 -5.12 51.98 -1.74
C LEU D 68 -4.69 52.79 -2.96
N TRP D 69 -5.42 52.66 -4.06
CA TRP D 69 -5.14 53.35 -5.31
C TRP D 69 -5.15 54.87 -5.05
N SER D 70 -5.99 55.31 -4.11
CA SER D 70 -6.19 56.72 -3.81
C SER D 70 -5.14 57.37 -2.89
N LEU D 71 -4.27 56.57 -2.27
CA LEU D 71 -3.26 57.11 -1.38
C LEU D 71 -2.25 57.95 -2.18
N PRO D 72 -2.00 59.20 -1.74
CA PRO D 72 -1.01 60.04 -2.44
C PRO D 72 0.28 59.31 -2.71
N PHE D 73 0.71 58.48 -1.74
CA PHE D 73 1.92 57.67 -1.85
C PHE D 73 1.90 56.53 -2.88
N PHE D 74 0.72 56.16 -3.36
CA PHE D 74 0.53 54.94 -4.16
C PHE D 74 1.60 54.65 -5.22
N PRO D 75 1.92 55.63 -6.09
CA PRO D 75 2.93 55.34 -7.12
C PRO D 75 4.29 54.82 -6.63
N TYR D 76 4.66 55.10 -5.39
CA TYR D 76 5.95 54.67 -4.87
C TYR D 76 5.84 53.55 -3.81
N LEU D 77 4.64 52.97 -3.71
CA LEU D 77 4.38 51.89 -2.77
C LEU D 77 4.58 50.50 -3.37
N THR D 78 5.16 49.62 -2.58
CA THR D 78 5.12 48.17 -2.82
C THR D 78 4.15 47.56 -1.78
N ILE D 79 3.06 46.96 -2.28
CA ILE D 79 1.88 46.56 -1.47
C ILE D 79 1.67 45.04 -1.51
N ASP D 80 1.47 44.45 -0.33
CA ASP D 80 1.08 43.06 -0.22
C ASP D 80 -0.24 43.00 0.55
N VAL D 81 -1.21 42.26 0.01
CA VAL D 81 -2.55 42.21 0.55
C VAL D 81 -2.80 40.76 0.97
N GLU D 82 -3.26 40.58 2.20
CA GLU D 82 -3.54 39.26 2.73
C GLU D 82 -4.91 39.23 3.40
N PRO D 83 -5.84 38.43 2.88
CA PRO D 83 -7.14 38.35 3.61
C PRO D 83 -6.98 37.70 4.99
N LEU D 84 -7.76 38.14 5.97
CA LEU D 84 -7.68 37.60 7.34
C LEU D 84 -9.00 37.00 7.73
N SER D 85 -8.97 35.90 8.47
CA SER D 85 -10.18 35.29 8.93
C SER D 85 -10.21 35.16 10.43
N HIS D 86 -11.40 34.87 10.91
CA HIS D 86 -11.71 34.61 12.30
C HIS D 86 -11.01 33.35 12.68
N HIS D 87 -10.40 33.38 13.85
CA HIS D 87 -9.69 32.22 14.39
C HIS D 87 -10.58 31.73 15.53
N PRO D 88 -10.90 30.43 15.50
CA PRO D 88 -11.89 29.90 16.46
C PRO D 88 -11.40 30.11 17.90
N ALA D 89 -10.08 30.24 18.06
CA ALA D 89 -9.51 30.40 19.39
C ALA D 89 -9.58 31.83 19.88
N ARG D 90 -10.07 32.75 19.06
CA ARG D 90 -10.02 34.16 19.41
C ARG D 90 -10.91 34.48 20.59
N VAL D 91 -10.33 35.15 21.60
CA VAL D 91 -11.18 35.74 22.65
C VAL D 91 -11.53 37.21 22.39
N GLY D 92 -12.83 37.47 22.29
CA GLY D 92 -13.31 38.81 22.02
C GLY D 92 -13.36 39.08 20.53
N LYS D 93 -13.17 40.33 20.16
CA LYS D 93 -13.45 40.77 18.79
C LYS D 93 -12.22 40.47 17.96
N ASP D 94 -12.44 40.03 16.71
CA ASP D 94 -11.33 39.86 15.76
C ASP D 94 -10.55 41.17 15.70
N MET E 1 39.81 34.89 13.85
CA MET E 1 38.95 35.74 12.98
C MET E 1 37.46 35.33 13.11
N LEU E 2 36.56 36.21 12.71
CA LEU E 2 35.15 36.06 13.06
C LEU E 2 34.23 35.49 11.94
N TYR E 3 33.27 34.64 12.34
CA TYR E 3 32.24 34.07 11.47
C TYR E 3 30.84 34.23 12.07
N LEU E 4 29.89 34.75 11.29
CA LEU E 4 28.50 34.78 11.72
C LEU E 4 27.85 33.51 11.29
N VAL E 5 27.42 32.70 12.27
CA VAL E 5 26.99 31.33 12.04
C VAL E 5 25.53 31.21 12.49
N ARG E 6 24.73 30.50 11.71
CA ARG E 6 23.30 30.30 12.02
C ARG E 6 23.04 28.82 11.91
N MET E 7 22.29 28.33 12.90
CA MET E 7 22.04 26.92 13.07
C MET E 7 20.58 26.81 13.37
N THR E 8 19.88 26.14 12.47
CA THR E 8 18.47 25.90 12.65
C THR E 8 18.37 24.44 13.09
N VAL E 9 17.59 24.16 14.13
CA VAL E 9 17.46 22.78 14.59
C VAL E 9 16.17 22.12 14.11
N ASN E 10 16.35 21.01 13.39
CA ASN E 10 15.28 20.05 13.17
C ASN E 10 15.76 18.71 13.73
N LEU E 11 14.99 18.15 14.67
CA LEU E 11 15.26 16.82 15.22
C LEU E 11 14.27 15.84 14.58
N PRO E 12 14.65 14.56 14.39
CA PRO E 12 13.73 13.64 13.74
C PRO E 12 12.51 13.36 14.62
N ARG E 13 11.37 13.03 14.01
CA ARG E 13 10.12 12.77 14.74
C ARG E 13 10.19 11.49 15.61
N ASN E 14 10.47 10.36 14.95
CA ASN E 14 10.76 9.11 15.64
C ASN E 14 12.24 9.09 16.04
N LEU E 15 12.50 9.44 17.30
CA LEU E 15 13.88 9.60 17.78
C LEU E 15 14.22 8.75 19.02
N GLU E 20 18.76 11.97 24.36
CA GLU E 20 17.82 12.88 23.72
C GLU E 20 17.69 14.21 24.48
N GLU E 21 17.39 14.12 25.78
CA GLU E 21 17.66 15.25 26.71
C GLU E 21 19.11 15.18 27.22
N ARG E 22 19.82 14.10 26.84
CA ARG E 22 21.27 13.96 26.98
C ARG E 22 21.97 14.82 25.95
N LEU E 23 21.38 14.91 24.76
CA LEU E 23 21.98 15.72 23.70
C LEU E 23 21.99 17.19 24.11
N LYS E 24 20.83 17.75 24.43
CA LYS E 24 20.80 19.12 24.94
C LYS E 24 21.92 19.30 25.96
N ALA E 25 22.06 18.31 26.84
CA ALA E 25 23.17 18.26 27.80
C ALA E 25 24.52 18.12 27.09
N SER E 26 24.69 17.11 26.25
CA SER E 26 25.96 16.90 25.54
C SER E 26 26.42 18.19 24.84
N GLU E 27 25.51 18.74 24.02
CA GLU E 27 25.71 19.99 23.30
C GLU E 27 26.05 21.15 24.24
N LYS E 28 25.43 21.16 25.42
CA LYS E 28 25.62 22.25 26.37
C LYS E 28 27.02 22.22 27.01
N ALA E 29 27.62 21.04 27.14
CA ALA E 29 29.02 20.98 27.55
C ALA E 29 29.94 21.48 26.43
N ARG E 30 29.81 20.89 25.24
CA ARG E 30 30.49 21.34 24.02
C ARG E 30 30.40 22.86 23.89
N SER E 31 29.20 23.41 24.04
CA SER E 31 28.99 24.85 23.98
C SER E 31 29.80 25.55 25.05
N ARG E 32 29.78 24.99 26.27
CA ARG E 32 30.48 25.62 27.42
C ARG E 32 32.02 25.60 27.28
N THR E 33 32.58 24.44 26.91
CA THR E 33 34.03 24.31 26.59
C THR E 33 34.44 25.43 25.63
N LEU E 34 33.81 25.39 24.46
CA LEU E 34 34.04 26.35 23.39
C LEU E 34 33.89 27.80 23.81
N GLN E 35 32.95 28.05 24.72
CA GLN E 35 32.71 29.42 25.16
C GLN E 35 33.75 29.83 26.20
N GLU E 36 34.10 28.89 27.07
CA GLU E 36 35.14 29.12 28.06
C GLU E 36 36.48 29.44 27.38
N GLN E 37 36.79 28.68 26.33
CA GLN E 37 37.92 29.01 25.46
C GLN E 37 37.79 30.38 24.76
N GLY E 38 36.59 30.70 24.27
CA GLY E 38 36.35 31.99 23.60
C GLY E 38 36.19 31.93 22.07
N GLN E 39 36.17 30.71 21.54
CA GLN E 39 36.00 30.47 20.11
C GLN E 39 34.56 30.24 19.71
N TRP E 40 33.71 29.87 20.68
CA TRP E 40 32.30 30.15 20.53
C TRP E 40 32.11 31.46 21.28
N ARG E 41 32.32 32.57 20.59
CA ARG E 41 32.37 33.87 21.23
C ARG E 41 31.02 34.41 21.71
N TYR E 42 29.98 34.34 20.87
CA TYR E 42 28.65 34.80 21.24
C TYR E 42 27.63 33.77 20.87
N LEU E 43 26.70 33.52 21.79
CA LEU E 43 25.60 32.62 21.52
C LEU E 43 24.26 33.31 21.81
N TRP E 44 23.44 33.45 20.78
CA TRP E 44 22.08 33.95 20.95
C TRP E 44 21.04 33.00 20.43
N ARG E 45 19.83 33.23 20.88
CA ARG E 45 18.66 32.48 20.48
C ARG E 45 17.94 33.38 19.49
N THR E 46 17.47 32.81 18.40
CA THR E 46 16.64 33.55 17.49
C THR E 46 15.25 33.56 18.12
N THR E 47 14.78 34.73 18.58
CA THR E 47 13.48 34.82 19.22
C THR E 47 12.38 34.07 18.46
N GLY E 48 11.83 33.06 19.11
CA GLY E 48 10.71 32.27 18.57
C GLY E 48 11.08 30.99 17.87
N LYS E 49 12.38 30.71 17.80
CA LYS E 49 12.88 29.62 17.00
C LYS E 49 13.73 28.69 17.82
N TYR E 50 13.81 27.41 17.45
CA TYR E 50 14.79 26.53 18.06
C TYR E 50 16.20 26.69 17.44
N GLY E 51 17.03 27.55 18.03
CA GLY E 51 18.43 27.56 17.69
C GLY E 51 19.05 28.94 17.75
N ASN E 52 20.32 28.98 17.38
CA ASN E 52 21.17 30.12 17.65
C ASN E 52 21.59 30.92 16.44
N ILE E 53 21.90 32.19 16.70
CA ILE E 53 22.81 32.98 15.91
C ILE E 53 24.08 33.06 16.75
N SER E 54 25.19 32.64 16.14
CA SER E 54 26.47 32.63 16.83
C SER E 54 27.57 33.37 16.08
N VAL E 55 28.44 34.03 16.83
CA VAL E 55 29.71 34.45 16.28
C VAL E 55 30.76 33.45 16.75
N PHE E 56 31.64 33.02 15.84
CA PHE E 56 32.79 32.18 16.20
C PHE E 56 34.09 32.91 15.90
N ASP E 57 35.11 32.66 16.70
CA ASP E 57 36.36 33.40 16.55
C ASP E 57 37.50 32.42 16.54
N VAL E 58 37.81 31.94 15.34
CA VAL E 58 38.76 30.87 15.15
C VAL E 58 39.83 31.31 14.17
N ASN E 59 40.79 30.43 13.94
CA ASN E 59 41.97 30.78 13.16
C ASN E 59 41.86 30.40 11.71
N SER E 60 41.12 29.33 11.42
CA SER E 60 40.98 28.84 10.05
C SER E 60 39.57 28.30 9.75
N HIS E 61 39.25 28.25 8.46
CA HIS E 61 38.03 27.59 8.01
C HIS E 61 37.98 26.17 8.52
N ASP E 62 39.09 25.46 8.37
CA ASP E 62 39.25 24.08 8.87
C ASP E 62 39.02 23.95 10.39
N GLU E 63 39.44 24.96 11.15
CA GLU E 63 39.15 24.96 12.60
C GLU E 63 37.63 25.09 12.79
N LEU E 64 37.02 26.09 12.18
CA LEU E 64 35.57 26.27 12.30
C LEU E 64 34.82 25.04 11.80
N HIS E 65 35.27 24.45 10.69
CA HIS E 65 34.60 23.31 10.13
C HIS E 65 34.56 22.15 11.09
N GLU E 66 35.72 21.82 11.68
CA GLU E 66 35.81 20.67 12.59
C GLU E 66 35.09 20.97 13.90
N ILE E 67 35.19 22.21 14.37
CA ILE E 67 34.47 22.67 15.56
C ILE E 67 32.96 22.61 15.39
N LEU E 68 32.46 22.94 14.18
CA LEU E 68 31.01 22.91 13.96
C LEU E 68 30.57 21.46 13.84
N TRP E 69 31.41 20.65 13.21
CA TRP E 69 31.21 19.22 13.04
C TRP E 69 31.34 18.43 14.38
N SER E 70 31.97 19.02 15.38
CA SER E 70 32.03 18.39 16.71
C SER E 70 30.71 18.48 17.47
N LEU E 71 29.90 19.51 17.18
CA LEU E 71 28.60 19.72 17.84
C LEU E 71 27.70 18.50 17.63
N PRO E 72 27.12 17.95 18.71
CA PRO E 72 26.31 16.73 18.67
C PRO E 72 25.00 16.88 17.91
N PHE E 73 24.46 18.09 17.90
CA PHE E 73 23.28 18.39 17.06
C PHE E 73 23.53 18.41 15.56
N PHE E 74 24.81 18.48 15.17
CA PHE E 74 25.21 18.68 13.77
C PHE E 74 24.43 17.88 12.73
N PRO E 75 24.25 16.56 12.93
CA PRO E 75 23.44 15.85 11.92
C PRO E 75 22.02 16.42 11.71
N TYR E 76 21.61 17.32 12.60
CA TYR E 76 20.24 17.80 12.63
C TYR E 76 20.14 19.31 12.31
N LEU E 77 21.31 19.92 12.17
CA LEU E 77 21.49 21.34 11.93
C LEU E 77 21.49 21.78 10.48
N THR E 78 20.88 22.96 10.27
CA THR E 78 20.94 23.69 9.03
C THR E 78 21.87 24.84 9.38
N ILE E 79 23.00 24.94 8.69
CA ILE E 79 24.04 25.89 9.06
C ILE E 79 24.35 26.80 7.88
N ASP E 80 24.22 28.10 8.11
CA ASP E 80 24.81 29.08 7.22
C ASP E 80 25.95 29.81 7.95
N VAL E 81 27.04 30.00 7.20
CA VAL E 81 28.27 30.62 7.66
C VAL E 81 28.58 31.83 6.81
N GLU E 82 28.91 32.91 7.48
CA GLU E 82 29.20 34.13 6.84
C GLU E 82 30.49 34.72 7.48
N PRO E 83 31.50 35.05 6.63
CA PRO E 83 32.72 35.69 7.15
C PRO E 83 32.42 37.09 7.60
N LEU E 84 33.12 37.53 8.63
CA LEU E 84 32.90 38.83 9.24
C LEU E 84 34.22 39.55 9.21
N SER E 85 34.21 40.80 8.77
CA SER E 85 35.43 41.55 8.62
C SER E 85 35.39 42.76 9.52
N HIS E 86 36.58 43.28 9.86
CA HIS E 86 36.65 44.49 10.66
C HIS E 86 36.11 45.65 9.87
N HIS E 87 35.20 46.38 10.50
CA HIS E 87 34.60 47.61 9.96
C HIS E 87 35.45 48.79 10.42
N PRO E 88 35.77 49.73 9.50
CA PRO E 88 36.52 50.95 9.79
C PRO E 88 35.81 51.98 10.69
N ALA E 89 34.51 51.82 10.90
CA ALA E 89 33.78 52.69 11.82
C ALA E 89 33.76 52.15 13.25
N ARG E 90 34.25 50.93 13.44
CA ARG E 90 34.13 50.25 14.71
C ARG E 90 34.85 51.00 15.82
N VAL E 91 34.32 50.91 17.03
CA VAL E 91 35.00 51.45 18.22
C VAL E 91 35.34 50.37 19.29
N GLY E 92 34.32 49.65 19.76
CA GLY E 92 34.46 48.72 20.90
C GLY E 92 35.69 47.84 20.86
N LYS E 93 35.74 46.99 19.84
CA LYS E 93 36.82 46.03 19.63
C LYS E 93 36.67 45.37 18.25
N ASP E 94 36.57 44.04 18.29
CA ASP E 94 36.24 43.15 17.17
C ASP E 94 35.79 43.83 15.87
N MET F 1 17.83 45.54 25.15
CA MET F 1 17.68 44.17 24.59
C MET F 1 18.09 44.09 23.10
N LEU F 2 18.30 42.88 22.62
CA LEU F 2 19.18 42.68 21.47
C LEU F 2 18.48 42.48 20.13
N TYR F 3 19.02 43.13 19.10
CA TYR F 3 18.62 42.92 17.71
C TYR F 3 19.82 42.67 16.77
N LEU F 4 19.75 41.63 15.93
CA LEU F 4 20.56 41.50 14.71
C LEU F 4 20.07 42.35 13.52
N VAL F 5 20.89 43.30 13.09
CA VAL F 5 20.54 44.33 12.13
C VAL F 5 21.49 44.24 10.91
N ARG F 6 20.97 43.85 9.75
CA ARG F 6 21.83 43.79 8.57
C ARG F 6 21.60 45.03 7.76
N MET F 7 22.70 45.68 7.39
CA MET F 7 22.58 46.86 6.56
C MET F 7 23.36 46.65 5.29
N THR F 8 22.76 47.17 4.23
CA THR F 8 23.35 47.16 2.94
C THR F 8 23.18 48.57 2.46
N VAL F 9 24.24 49.08 1.84
CA VAL F 9 24.38 50.50 1.55
C VAL F 9 24.28 50.75 0.06
N ASN F 10 23.42 51.67 -0.34
CA ASN F 10 23.26 51.93 -1.77
C ASN F 10 23.37 53.40 -2.13
N LEU F 11 24.58 53.94 -2.00
CA LEU F 11 24.90 55.32 -2.40
C LEU F 11 24.59 55.57 -3.88
N PRO F 12 23.93 56.70 -4.20
CA PRO F 12 23.54 56.93 -5.60
C PRO F 12 24.74 56.82 -6.56
N ARG F 13 24.59 55.95 -7.56
CA ARG F 13 25.66 55.55 -8.49
C ARG F 13 26.48 56.75 -8.98
N ASN F 14 25.79 57.74 -9.54
CA ASN F 14 26.41 58.99 -9.94
C ASN F 14 25.67 60.16 -9.32
N LEU F 15 26.43 61.10 -8.75
CA LEU F 15 25.90 62.32 -8.10
C LEU F 15 26.55 62.49 -6.72
N ASP F 16 26.08 63.48 -5.96
CA ASP F 16 26.66 63.90 -4.68
C ASP F 16 28.03 64.51 -4.92
N SER F 17 28.93 63.67 -5.42
CA SER F 17 30.37 63.89 -5.40
C SER F 17 30.79 65.35 -5.62
N ARG F 18 31.31 65.96 -4.56
CA ARG F 18 31.59 65.20 -3.35
C ARG F 18 30.95 65.72 -2.06
N GLU F 19 29.61 65.84 -2.05
CA GLU F 19 28.88 65.94 -0.77
C GLU F 19 29.03 64.62 -0.02
N GLU F 20 29.39 63.57 -0.77
CA GLU F 20 29.78 62.28 -0.21
C GLU F 20 30.68 62.46 1.03
N GLU F 21 31.34 63.62 1.12
CA GLU F 21 32.20 63.95 2.26
C GLU F 21 31.37 64.25 3.50
N ARG F 22 30.38 65.15 3.38
CA ARG F 22 29.53 65.54 4.50
C ARG F 22 28.80 64.33 5.07
N LEU F 23 28.19 63.53 4.19
CA LEU F 23 27.36 62.40 4.59
C LEU F 23 28.14 61.24 5.24
N LYS F 24 29.28 60.87 4.67
CA LYS F 24 30.14 59.83 5.25
C LYS F 24 30.72 60.27 6.58
N ALA F 25 30.88 61.58 6.77
CA ALA F 25 31.37 62.14 8.01
C ALA F 25 30.33 62.13 9.13
N SER F 26 29.09 62.54 8.85
CA SER F 26 28.09 62.49 9.92
C SER F 26 27.85 61.03 10.34
N GLU F 27 27.85 60.13 9.35
CA GLU F 27 27.65 58.68 9.56
C GLU F 27 28.65 58.00 10.50
N LYS F 28 29.94 58.32 10.33
CA LYS F 28 31.01 57.78 11.17
C LYS F 28 30.99 58.34 12.63
N ALA F 29 30.66 59.61 12.77
CA ALA F 29 30.47 60.21 14.09
C ALA F 29 29.22 59.61 14.75
N ARG F 30 28.11 59.72 14.04
CA ARG F 30 26.84 59.20 14.54
C ARG F 30 27.00 57.76 14.99
N SER F 31 27.73 56.95 14.22
CA SER F 31 27.96 55.54 14.63
C SER F 31 28.94 55.40 15.78
N ARG F 32 29.89 56.33 15.90
CA ARG F 32 30.77 56.36 17.07
C ARG F 32 30.01 56.71 18.34
N THR F 33 29.21 57.77 18.29
CA THR F 33 28.34 58.07 19.45
C THR F 33 27.54 56.81 19.88
N LEU F 34 26.68 56.31 18.99
CA LEU F 34 25.89 55.08 19.23
C LEU F 34 26.67 53.89 19.79
N GLN F 35 27.91 53.72 19.34
CA GLN F 35 28.72 52.64 19.88
C GLN F 35 29.30 52.96 21.29
N GLU F 36 29.62 54.23 21.49
CA GLU F 36 30.16 54.68 22.78
C GLU F 36 29.14 54.45 23.90
N GLN F 37 27.85 54.56 23.57
CA GLN F 37 26.75 54.48 24.55
C GLN F 37 26.19 53.07 24.76
N GLY F 38 26.71 52.12 23.98
CA GLY F 38 26.23 50.75 24.09
C GLY F 38 24.97 50.43 23.31
N GLN F 39 24.33 51.45 22.71
CA GLN F 39 23.22 51.28 21.75
C GLN F 39 23.60 50.33 20.63
N TRP F 40 24.72 50.66 20.00
CA TRP F 40 25.27 49.91 18.90
C TRP F 40 26.35 49.04 19.50
N ARG F 41 25.95 47.88 19.99
CA ARG F 41 26.85 47.03 20.74
C ARG F 41 28.04 46.56 19.89
N TYR F 42 27.74 45.86 18.78
CA TYR F 42 28.73 45.29 17.85
C TYR F 42 28.51 45.79 16.42
N LEU F 43 29.64 45.84 15.69
CA LEU F 43 29.70 46.33 14.34
C LEU F 43 30.79 45.57 13.62
N TRP F 44 30.38 44.90 12.54
CA TRP F 44 31.31 44.20 11.66
C TRP F 44 30.98 44.46 10.20
N ARG F 45 31.87 44.04 9.32
CA ARG F 45 31.71 44.26 7.90
C ARG F 45 31.47 42.91 7.30
N THR F 46 30.44 42.80 6.47
CA THR F 46 30.25 41.64 5.64
C THR F 46 31.38 41.57 4.63
N THR F 47 32.24 40.55 4.77
CA THR F 47 33.45 40.44 3.95
C THR F 47 33.15 40.53 2.45
N GLY F 48 33.74 41.52 1.78
CA GLY F 48 33.52 41.71 0.35
C GLY F 48 32.35 42.57 -0.11
N LYS F 49 31.59 43.15 0.83
CA LYS F 49 30.36 43.88 0.53
C LYS F 49 30.41 45.23 1.20
N TYR F 50 29.63 46.17 0.66
CA TYR F 50 29.43 47.46 1.30
C TYR F 50 28.23 47.27 2.21
N GLY F 51 28.53 46.86 3.42
CA GLY F 51 27.48 46.71 4.35
C GLY F 51 28.01 46.13 5.60
N ASN F 52 27.20 46.27 6.64
CA ASN F 52 27.54 45.74 7.93
C ASN F 52 26.50 44.75 8.43
N ILE F 53 26.93 43.96 9.40
CA ILE F 53 26.12 43.12 10.24
C ILE F 53 26.37 43.69 11.63
N SER F 54 25.32 44.08 12.35
CA SER F 54 25.42 44.68 13.69
C SER F 54 24.49 44.04 14.69
N VAL F 55 24.84 44.15 15.98
CA VAL F 55 23.90 43.84 17.07
C VAL F 55 23.60 45.10 17.84
N PHE F 56 22.33 45.53 17.87
CA PHE F 56 21.91 46.70 18.66
C PHE F 56 21.38 46.29 20.04
N ASP F 57 21.62 47.14 21.03
CA ASP F 57 21.09 46.92 22.38
C ASP F 57 20.31 48.13 22.84
N VAL F 58 18.99 48.03 22.76
CA VAL F 58 18.11 49.15 23.07
C VAL F 58 16.97 48.67 23.96
N ASN F 59 16.18 49.62 24.43
CA ASN F 59 15.17 49.37 25.45
C ASN F 59 13.84 48.89 24.87
N SER F 60 13.62 49.19 23.58
CA SER F 60 12.33 48.98 22.89
C SER F 60 12.48 49.07 21.38
N HIS F 61 11.46 48.63 20.63
CA HIS F 61 11.40 48.79 19.17
C HIS F 61 11.43 50.22 18.65
N ASP F 62 10.58 51.07 19.24
CA ASP F 62 10.53 52.53 18.96
C ASP F 62 11.90 53.22 19.05
N GLU F 63 12.69 52.87 20.06
CA GLU F 63 14.07 53.39 20.20
C GLU F 63 14.93 52.92 19.04
N LEU F 64 14.91 51.62 18.77
CA LEU F 64 15.66 51.07 17.64
C LEU F 64 15.25 51.82 16.39
N HIS F 65 13.94 52.01 16.19
CA HIS F 65 13.47 52.70 15.01
C HIS F 65 14.13 54.05 14.81
N GLU F 66 13.91 54.97 15.76
CA GLU F 66 14.42 56.37 15.66
C GLU F 66 15.92 56.41 15.45
N ILE F 67 16.67 55.60 16.20
CA ILE F 67 18.11 55.44 15.96
C ILE F 67 18.46 55.11 14.48
N LEU F 68 17.73 54.14 13.89
CA LEU F 68 18.05 53.75 12.50
C LEU F 68 17.69 54.85 11.50
N TRP F 69 16.46 55.39 11.65
CA TRP F 69 15.95 56.52 10.87
C TRP F 69 16.90 57.75 10.95
N SER F 70 17.54 57.94 12.12
CA SER F 70 18.48 59.05 12.34
C SER F 70 19.80 58.92 11.55
N LEU F 71 20.26 57.69 11.35
CA LEU F 71 21.46 57.45 10.52
C LEU F 71 21.49 58.27 9.22
N PRO F 72 22.57 59.03 9.01
CA PRO F 72 22.80 59.75 7.74
C PRO F 72 22.73 58.83 6.51
N PHE F 73 23.08 57.56 6.63
CA PHE F 73 22.93 56.65 5.51
C PHE F 73 21.49 56.19 5.25
N PHE F 74 20.54 56.55 6.12
CA PHE F 74 19.25 55.85 6.10
C PHE F 74 18.56 55.71 4.71
N PRO F 75 18.34 56.83 3.99
CA PRO F 75 17.64 56.74 2.71
C PRO F 75 18.39 55.90 1.68
N TYR F 76 19.59 55.44 2.02
CA TYR F 76 20.41 54.69 1.10
C TYR F 76 20.66 53.27 1.64
N LEU F 77 20.01 52.95 2.76
CA LEU F 77 20.18 51.65 3.43
C LEU F 77 19.05 50.65 3.11
N THR F 78 19.41 49.37 3.05
CA THR F 78 18.43 48.28 3.15
C THR F 78 18.70 47.55 4.46
N ILE F 79 17.65 47.41 5.26
CA ILE F 79 17.78 47.04 6.66
C ILE F 79 16.91 45.86 6.98
N ASP F 80 17.54 44.83 7.51
CA ASP F 80 16.80 43.74 8.07
C ASP F 80 17.03 43.79 9.56
N VAL F 81 15.95 43.66 10.32
CA VAL F 81 15.99 43.66 11.77
C VAL F 81 15.54 42.29 12.24
N GLU F 82 16.19 41.75 13.28
CA GLU F 82 15.86 40.42 13.79
C GLU F 82 16.03 40.32 15.31
N PRO F 83 14.91 40.12 16.05
CA PRO F 83 14.97 40.07 17.55
C PRO F 83 15.83 38.93 18.10
N LEU F 84 16.77 39.26 18.98
CA LEU F 84 17.56 38.23 19.64
C LEU F 84 17.16 38.01 21.10
N SER F 85 17.03 36.73 21.47
CA SER F 85 16.68 36.26 22.82
C SER F 85 17.87 35.56 23.48
N HIS F 86 17.90 35.52 24.81
CA HIS F 86 18.92 34.78 25.55
C HIS F 86 18.90 33.28 25.23
N HIS F 87 20.08 32.66 25.18
CA HIS F 87 20.17 31.22 24.94
C HIS F 87 20.49 30.53 26.28
N PRO F 88 19.68 29.52 26.70
CA PRO F 88 19.98 28.83 27.96
C PRO F 88 21.43 28.42 28.03
N ALA F 89 21.90 27.74 26.98
CA ALA F 89 23.28 27.29 26.87
C ALA F 89 24.29 28.42 26.62
N ARG F 90 24.00 29.63 27.09
CA ARG F 90 25.01 30.69 27.05
C ARG F 90 25.77 30.62 28.36
N VAL F 91 26.90 31.33 28.45
CA VAL F 91 27.74 31.19 29.66
C VAL F 91 28.16 32.50 30.39
N GLY F 92 28.68 33.47 29.65
CA GLY F 92 29.24 34.69 30.26
C GLY F 92 28.20 35.77 30.53
N LYS F 93 28.30 36.87 29.79
CA LYS F 93 27.30 37.93 29.84
C LYS F 93 26.51 37.95 28.52
N ASP F 94 26.41 39.14 27.90
CA ASP F 94 25.69 39.37 26.64
C ASP F 94 24.25 38.84 26.61
N MET G 1 37.70 20.05 -20.33
CA MET G 1 37.11 21.37 -19.98
C MET G 1 36.45 21.41 -18.57
N LEU G 2 36.08 22.59 -18.13
CA LEU G 2 35.88 22.81 -16.68
C LEU G 2 34.42 22.99 -16.30
N TYR G 3 34.02 22.33 -15.20
CA TYR G 3 32.74 22.54 -14.55
C TYR G 3 32.87 22.75 -13.06
N LEU G 4 32.07 23.66 -12.55
CA LEU G 4 31.91 23.88 -11.12
C LEU G 4 30.71 23.10 -10.67
N VAL G 5 30.90 22.14 -9.79
CA VAL G 5 29.87 21.20 -9.46
C VAL G 5 29.73 21.20 -7.96
N ARG G 6 28.55 21.62 -7.47
CA ARG G 6 28.20 21.51 -6.05
C ARG G 6 27.37 20.24 -5.79
N MET G 7 27.60 19.67 -4.60
CA MET G 7 27.00 18.43 -4.16
C MET G 7 26.54 18.53 -2.69
N THR G 8 25.27 18.26 -2.46
CA THR G 8 24.73 18.29 -1.12
C THR G 8 24.24 16.88 -0.80
N VAL G 9 24.69 16.38 0.33
CA VAL G 9 24.46 15.00 0.66
C VAL G 9 23.28 14.85 1.63
N ASN G 10 22.34 13.98 1.27
CA ASN G 10 21.09 13.77 2.01
C ASN G 10 20.76 12.27 2.13
N LEU G 11 21.47 11.59 3.04
CA LEU G 11 21.21 10.18 3.41
C LEU G 11 19.92 10.02 4.21
N PRO G 12 19.17 8.92 3.96
CA PRO G 12 17.90 8.68 4.65
C PRO G 12 18.12 8.51 6.15
N ARG G 13 17.24 9.13 6.94
CA ARG G 13 17.45 9.34 8.40
C ARG G 13 17.30 8.07 9.23
N ASN G 14 16.30 7.27 8.86
CA ASN G 14 16.10 5.94 9.43
C ASN G 14 16.43 4.93 8.35
N LEU G 15 17.73 4.81 8.05
CA LEU G 15 18.20 3.84 7.08
C LEU G 15 19.67 3.45 7.24
N ASP G 16 20.22 2.98 6.14
CA ASP G 16 21.56 2.41 6.09
C ASP G 16 21.64 1.11 6.90
N SER G 17 22.59 1.02 7.83
CA SER G 17 22.86 -0.24 8.53
C SER G 17 24.35 -0.51 8.39
N ARG G 18 24.69 -1.70 7.90
CA ARG G 18 25.97 -1.97 7.28
C ARG G 18 26.00 -1.31 5.88
N GLU G 19 24.85 -0.77 5.48
CA GLU G 19 24.71 -0.04 4.22
C GLU G 19 25.53 1.26 4.19
N GLU G 20 25.57 2.00 5.31
CA GLU G 20 26.43 3.19 5.47
C GLU G 20 27.90 2.77 5.36
N GLU G 21 28.19 1.57 5.85
CA GLU G 21 29.53 1.04 5.82
C GLU G 21 30.07 0.93 4.39
N ARG G 22 29.40 0.12 3.55
CA ARG G 22 29.89 -0.13 2.20
C ARG G 22 29.92 1.15 1.35
N LEU G 23 28.90 1.99 1.56
CA LEU G 23 28.66 3.17 0.76
C LEU G 23 29.79 4.19 0.83
N LYS G 24 30.10 4.64 2.05
CA LYS G 24 31.18 5.63 2.22
C LYS G 24 32.51 5.09 1.66
N ALA G 25 32.82 3.83 1.96
CA ALA G 25 34.07 3.22 1.50
C ALA G 25 34.19 3.26 -0.01
N SER G 26 33.13 2.87 -0.71
CA SER G 26 33.18 2.86 -2.17
C SER G 26 33.08 4.27 -2.74
N GLU G 27 32.54 5.19 -1.94
CA GLU G 27 32.57 6.62 -2.30
C GLU G 27 34.03 7.13 -2.31
N LYS G 28 34.75 6.92 -1.22
CA LYS G 28 36.20 7.22 -1.17
C LYS G 28 36.97 6.56 -2.32
N ALA G 29 36.74 5.27 -2.53
CA ALA G 29 37.43 4.53 -3.59
C ALA G 29 37.24 5.20 -4.96
N ARG G 30 36.01 5.63 -5.25
CA ARG G 30 35.67 6.22 -6.58
C ARG G 30 36.23 7.62 -6.78
N SER G 31 36.32 8.40 -5.70
CA SER G 31 36.82 9.75 -5.80
C SER G 31 38.35 9.75 -5.87
N ARG G 32 38.98 8.76 -5.22
CA ARG G 32 40.42 8.50 -5.40
C ARG G 32 40.73 8.35 -6.90
N THR G 33 40.08 7.38 -7.54
CA THR G 33 40.32 7.13 -8.97
C THR G 33 40.15 8.38 -9.82
N LEU G 34 39.02 9.06 -9.65
CA LEU G 34 38.69 10.27 -10.42
C LEU G 34 39.66 11.44 -10.17
N GLN G 35 40.10 11.60 -8.93
CA GLN G 35 41.12 12.59 -8.62
C GLN G 35 42.46 12.20 -9.26
N GLU G 36 42.95 10.98 -9.00
CA GLU G 36 44.28 10.65 -9.57
C GLU G 36 44.31 10.63 -11.08
N GLN G 37 43.17 10.36 -11.72
CA GLN G 37 43.06 10.40 -13.18
C GLN G 37 42.83 11.84 -13.70
N GLY G 38 42.53 12.76 -12.79
CA GLY G 38 42.46 14.16 -13.11
C GLY G 38 41.10 14.69 -13.54
N GLN G 39 40.06 13.83 -13.62
CA GLN G 39 38.75 14.36 -14.09
C GLN G 39 38.06 15.16 -13.01
N TRP G 40 38.25 14.72 -11.78
CA TRP G 40 37.94 15.46 -10.57
C TRP G 40 39.13 16.34 -10.15
N ARG G 41 39.33 17.45 -10.84
CA ARG G 41 40.48 18.33 -10.63
C ARG G 41 40.60 18.89 -9.19
N TYR G 42 39.54 19.54 -8.73
CA TYR G 42 39.54 20.17 -7.39
C TYR G 42 38.37 19.69 -6.52
N LEU G 43 38.64 19.41 -5.26
CA LEU G 43 37.63 18.90 -4.37
C LEU G 43 37.75 19.60 -3.01
N TRP G 44 36.74 20.40 -2.65
CA TRP G 44 36.75 21.14 -1.39
C TRP G 44 35.48 20.84 -0.64
N ARG G 45 35.50 21.14 0.65
CA ARG G 45 34.32 21.00 1.46
C ARG G 45 33.84 22.39 1.78
N THR G 46 32.55 22.59 1.67
CA THR G 46 32.01 23.92 1.99
C THR G 46 32.04 24.09 3.51
N THR G 47 32.64 25.16 4.04
CA THR G 47 32.82 25.18 5.48
C THR G 47 31.50 25.09 6.25
N GLY G 48 31.38 24.05 7.08
CA GLY G 48 30.24 23.86 7.97
C GLY G 48 29.14 23.02 7.36
N LYS G 49 29.45 22.29 6.30
CA LYS G 49 28.39 21.60 5.59
C LYS G 49 28.83 20.19 5.23
N TYR G 50 27.86 19.36 4.85
CA TYR G 50 28.16 18.03 4.38
C TYR G 50 27.87 17.97 2.90
N GLY G 51 28.97 17.74 2.17
CA GLY G 51 28.94 17.57 0.73
C GLY G 51 30.18 18.24 0.22
N ASN G 52 30.12 18.81 -0.99
CA ASN G 52 31.33 19.37 -1.55
C ASN G 52 31.10 20.31 -2.71
N ILE G 53 32.07 21.21 -2.89
CA ILE G 53 32.18 22.10 -4.07
C ILE G 53 33.40 21.69 -4.85
N SER G 54 33.23 21.34 -6.13
CA SER G 54 34.33 20.75 -6.90
C SER G 54 34.48 21.37 -8.28
N VAL G 55 35.62 21.17 -8.92
CA VAL G 55 35.78 21.55 -10.33
C VAL G 55 36.10 20.27 -11.11
N PHE G 56 35.27 19.96 -12.07
CA PHE G 56 35.56 18.77 -12.84
C PHE G 56 36.19 19.22 -14.10
N ASP G 57 37.16 18.43 -14.54
CA ASP G 57 37.82 18.65 -15.80
C ASP G 57 37.61 17.40 -16.71
N VAL G 58 36.62 17.47 -17.59
CA VAL G 58 36.28 16.32 -18.46
C VAL G 58 36.10 16.79 -19.86
N ASN G 59 35.81 15.89 -20.77
CA ASN G 59 35.83 16.26 -22.18
C ASN G 59 34.50 16.50 -22.87
N SER G 60 33.41 16.15 -22.22
CA SER G 60 32.06 16.37 -22.74
C SER G 60 31.09 16.39 -21.57
N HIS G 61 29.85 16.75 -21.85
CA HIS G 61 28.80 16.68 -20.86
C HIS G 61 28.49 15.25 -20.52
N ASP G 62 28.59 14.38 -21.53
CA ASP G 62 28.23 12.99 -21.34
C ASP G 62 29.20 12.33 -20.42
N GLU G 63 30.46 12.71 -20.53
CA GLU G 63 31.49 12.25 -19.60
C GLU G 63 31.24 12.73 -18.21
N LEU G 64 30.90 14.01 -18.06
CA LEU G 64 30.63 14.53 -16.71
C LEU G 64 29.47 13.77 -16.13
N HIS G 65 28.49 13.48 -16.96
CA HIS G 65 27.25 12.91 -16.44
C HIS G 65 27.43 11.48 -15.98
N GLU G 66 28.14 10.67 -16.77
CA GLU G 66 28.42 9.28 -16.39
C GLU G 66 29.28 9.25 -15.15
N ILE G 67 30.21 10.19 -15.03
CA ILE G 67 30.96 10.31 -13.78
C ILE G 67 30.08 10.52 -12.56
N LEU G 68 29.16 11.48 -12.60
CA LEU G 68 28.40 11.79 -11.37
C LEU G 68 27.32 10.72 -11.13
N TRP G 69 26.70 10.27 -12.23
CA TRP G 69 25.73 9.18 -12.21
C TRP G 69 26.31 7.94 -11.54
N SER G 70 27.62 7.69 -11.73
CA SER G 70 28.38 6.59 -11.07
C SER G 70 28.73 6.72 -9.57
N LEU G 71 28.76 7.92 -9.00
CA LEU G 71 29.07 8.00 -7.56
C LEU G 71 28.10 7.16 -6.73
N PRO G 72 28.63 6.34 -5.80
CA PRO G 72 27.84 5.62 -4.79
C PRO G 72 26.80 6.48 -4.10
N PHE G 73 27.13 7.75 -3.90
CA PHE G 73 26.24 8.67 -3.22
C PHE G 73 25.20 9.28 -4.14
N PHE G 74 25.30 9.08 -5.45
CA PHE G 74 24.41 9.75 -6.39
C PHE G 74 22.92 9.76 -6.02
N PRO G 75 22.34 8.61 -5.59
CA PRO G 75 20.90 8.66 -5.24
C PRO G 75 20.55 9.63 -4.09
N TYR G 76 21.57 10.00 -3.32
CA TYR G 76 21.40 10.87 -2.16
C TYR G 76 21.88 12.32 -2.40
N LEU G 77 22.35 12.60 -3.61
CA LEU G 77 22.96 13.88 -3.95
C LEU G 77 22.01 14.85 -4.59
N THR G 78 22.13 16.13 -4.22
CA THR G 78 21.60 17.26 -5.00
C THR G 78 22.76 17.98 -5.68
N ILE G 79 22.70 18.10 -7.01
CA ILE G 79 23.83 18.55 -7.81
C ILE G 79 23.49 19.78 -8.61
N ASP G 80 24.37 20.77 -8.56
CA ASP G 80 24.33 21.97 -9.40
C ASP G 80 25.61 21.89 -10.26
N VAL G 81 25.42 21.97 -11.57
CA VAL G 81 26.51 21.93 -12.52
C VAL G 81 26.54 23.23 -13.28
N GLU G 82 27.74 23.78 -13.41
CA GLU G 82 27.89 25.07 -14.05
C GLU G 82 29.21 25.06 -14.80
N PRO G 83 29.14 25.36 -16.09
CA PRO G 83 30.29 25.50 -16.97
C PRO G 83 31.20 26.64 -16.57
N LEU G 84 32.50 26.37 -16.59
CA LEU G 84 33.52 27.35 -16.37
C LEU G 84 34.22 27.60 -17.73
N SER G 85 34.44 28.88 -18.06
CA SER G 85 35.22 29.29 -19.23
C SER G 85 36.58 29.91 -18.85
N HIS G 86 37.45 30.00 -19.84
CA HIS G 86 38.73 30.68 -19.67
C HIS G 86 38.51 32.18 -19.61
N HIS G 87 38.97 32.78 -18.51
CA HIS G 87 38.87 34.22 -18.31
C HIS G 87 40.06 34.89 -19.01
N PRO G 88 39.81 35.95 -19.79
CA PRO G 88 40.94 36.59 -20.47
C PRO G 88 42.01 37.17 -19.52
N ALA G 89 41.65 37.44 -18.26
CA ALA G 89 42.63 38.00 -17.33
C ALA G 89 43.51 36.95 -16.64
N ARG G 90 43.30 35.65 -16.91
CA ARG G 90 44.06 34.58 -16.23
C ARG G 90 45.52 34.65 -16.61
N VAL G 91 46.39 34.26 -15.68
CA VAL G 91 47.82 34.28 -15.96
C VAL G 91 48.45 32.89 -16.24
N GLY G 92 48.16 31.93 -15.36
CA GLY G 92 49.03 30.73 -15.25
C GLY G 92 48.55 29.35 -15.70
N LYS G 93 47.34 28.96 -15.29
CA LYS G 93 46.76 27.64 -15.55
C LYS G 93 45.27 27.72 -15.22
N ASP G 94 44.41 26.97 -15.91
CA ASP G 94 42.98 27.17 -15.65
C ASP G 94 42.44 26.33 -14.48
N MET H 1 44.29 30.46 3.69
CA MET H 1 43.00 29.67 3.52
C MET H 1 42.12 30.11 2.32
N LEU H 2 41.17 29.25 1.95
CA LEU H 2 40.50 29.30 0.64
C LEU H 2 39.11 29.85 0.67
N TYR H 3 38.76 30.65 -0.33
CA TYR H 3 37.38 31.10 -0.47
C TYR H 3 36.98 31.00 -1.95
N LEU H 4 35.73 30.64 -2.18
CA LEU H 4 35.14 30.58 -3.49
C LEU H 4 34.36 31.84 -3.59
N VAL H 5 34.69 32.66 -4.57
CA VAL H 5 34.09 33.98 -4.63
C VAL H 5 33.47 34.13 -6.02
N ARG H 6 32.21 34.57 -6.08
CA ARG H 6 31.51 34.93 -7.34
C ARG H 6 31.39 36.44 -7.49
N MET H 7 31.86 36.96 -8.60
CA MET H 7 31.68 38.33 -8.95
C MET H 7 30.93 38.45 -10.27
N THR H 8 29.89 39.25 -10.22
CA THR H 8 29.14 39.59 -11.39
C THR H 8 29.36 41.06 -11.66
N VAL H 9 29.53 41.37 -12.94
CA VAL H 9 29.91 42.72 -13.35
C VAL H 9 28.74 43.51 -13.96
N ASN H 10 28.58 44.74 -13.48
CA ASN H 10 27.52 45.64 -13.93
C ASN H 10 28.03 47.08 -14.20
N LEU H 11 28.66 47.30 -15.35
CA LEU H 11 29.22 48.62 -15.63
C LEU H 11 28.10 49.58 -16.01
N PRO H 12 28.16 50.84 -15.52
CA PRO H 12 27.10 51.78 -15.90
C PRO H 12 27.13 51.96 -17.42
N ARG H 13 25.97 51.79 -18.06
CA ARG H 13 25.87 51.71 -19.54
C ARG H 13 26.32 52.98 -20.26
N ASN H 14 26.04 54.14 -19.66
CA ASN H 14 26.59 55.43 -20.11
C ASN H 14 26.51 56.51 -19.00
N LEU H 15 27.29 57.58 -19.11
CA LEU H 15 28.31 57.75 -20.16
C LEU H 15 29.71 57.57 -19.58
N ASP H 16 30.55 56.82 -20.31
CA ASP H 16 31.93 56.59 -19.87
C ASP H 16 32.91 56.99 -20.96
N SER H 17 32.85 56.29 -22.10
CA SER H 17 33.79 56.42 -23.22
C SER H 17 35.22 55.88 -22.94
N ARG H 18 36.24 56.75 -23.04
CA ARG H 18 37.64 56.32 -22.94
C ARG H 18 38.02 55.84 -21.55
N GLU H 19 37.39 56.44 -20.55
CA GLU H 19 37.68 56.15 -19.14
C GLU H 19 37.19 54.75 -18.71
N GLU H 20 36.31 54.14 -19.51
CA GLU H 20 35.97 52.71 -19.37
C GLU H 20 37.18 51.86 -19.74
N GLU H 21 37.80 52.17 -20.88
CA GLU H 21 38.97 51.40 -21.33
C GLU H 21 40.12 51.48 -20.32
N ARG H 22 40.25 52.63 -19.66
CA ARG H 22 41.23 52.83 -18.59
C ARG H 22 40.82 52.04 -17.35
N LEU H 23 39.52 51.99 -17.09
CA LEU H 23 39.03 51.25 -15.94
C LEU H 23 39.35 49.78 -16.10
N LYS H 24 39.08 49.23 -17.30
CA LYS H 24 39.26 47.81 -17.61
C LYS H 24 40.72 47.35 -17.56
N ALA H 25 41.61 48.28 -17.85
CA ALA H 25 43.04 48.03 -17.86
C ALA H 25 43.55 47.89 -16.45
N SER H 26 43.09 48.79 -15.56
CA SER H 26 43.55 48.80 -14.17
C SER H 26 43.13 47.51 -13.47
N GLU H 27 41.85 47.18 -13.58
CA GLU H 27 41.31 45.90 -13.17
C GLU H 27 42.17 44.73 -13.59
N LYS H 28 42.58 44.73 -14.85
CA LYS H 28 43.28 43.62 -15.48
C LYS H 28 44.73 43.52 -15.00
N ALA H 29 45.34 44.68 -14.78
CA ALA H 29 46.68 44.72 -14.20
C ALA H 29 46.65 44.36 -12.70
N ARG H 30 45.62 44.83 -12.00
CA ARG H 30 45.46 44.48 -10.58
C ARG H 30 45.18 42.98 -10.45
N SER H 31 44.46 42.40 -11.40
CA SER H 31 44.14 40.99 -11.24
C SER H 31 45.36 40.14 -11.49
N ARG H 32 46.19 40.56 -12.44
CA ARG H 32 47.47 39.89 -12.75
C ARG H 32 48.40 39.84 -11.55
N THR H 33 48.63 41.01 -10.93
CA THR H 33 49.45 41.09 -9.69
C THR H 33 48.96 40.12 -8.65
N LEU H 34 47.66 40.19 -8.37
CA LEU H 34 47.07 39.32 -7.37
C LEU H 34 47.28 37.85 -7.66
N GLN H 35 47.25 37.47 -8.94
CA GLN H 35 47.44 36.06 -9.30
C GLN H 35 48.93 35.66 -9.17
N GLU H 36 49.83 36.56 -9.60
CA GLU H 36 51.29 36.29 -9.49
C GLU H 36 51.70 36.13 -8.03
N GLN H 37 51.20 36.99 -7.14
CA GLN H 37 51.50 36.82 -5.72
C GLN H 37 50.89 35.52 -5.14
N GLY H 38 49.77 35.06 -5.70
CA GLY H 38 49.09 33.81 -5.22
C GLY H 38 47.73 34.01 -4.56
N GLN H 39 47.38 35.24 -4.23
CA GLN H 39 46.11 35.46 -3.52
C GLN H 39 44.90 35.05 -4.39
N TRP H 40 44.91 35.51 -5.63
CA TRP H 40 43.98 35.06 -6.63
C TRP H 40 44.47 33.73 -7.22
N ARG H 41 44.07 32.63 -6.60
CA ARG H 41 44.60 31.35 -6.94
C ARG H 41 43.95 30.83 -8.26
N TYR H 42 42.63 30.86 -8.35
CA TYR H 42 42.02 30.41 -9.58
C TYR H 42 41.09 31.52 -10.00
N LEU H 43 41.02 31.72 -11.32
CA LEU H 43 40.06 32.60 -11.97
C LEU H 43 39.45 31.94 -13.22
N TRP H 44 38.12 31.90 -13.27
CA TRP H 44 37.40 31.40 -14.44
C TRP H 44 36.27 32.33 -14.80
N ARG H 45 35.85 32.28 -16.06
CA ARG H 45 34.74 33.09 -16.48
C ARG H 45 33.48 32.25 -16.32
N THR H 46 32.43 32.85 -15.80
CA THR H 46 31.10 32.23 -15.85
C THR H 46 30.56 32.21 -17.27
N THR H 47 30.52 31.03 -17.87
CA THR H 47 30.19 30.91 -19.30
C THR H 47 28.90 31.65 -19.58
N GLY H 48 28.98 32.69 -20.41
CA GLY H 48 27.82 33.38 -20.91
C GLY H 48 27.47 34.65 -20.16
N LYS H 49 28.33 35.00 -19.23
CA LYS H 49 28.04 36.08 -18.33
C LYS H 49 29.24 36.96 -18.17
N TYR H 50 28.99 38.24 -17.92
CA TYR H 50 30.06 39.17 -17.60
C TYR H 50 30.30 38.95 -16.13
N GLY H 51 31.25 38.08 -15.83
CA GLY H 51 31.49 37.65 -14.47
C GLY H 51 32.73 36.76 -14.34
N ASN H 52 33.00 36.35 -13.11
CA ASN H 52 34.00 35.35 -12.84
C ASN H 52 33.59 34.56 -11.60
N ILE H 53 34.14 33.36 -11.52
CA ILE H 53 34.10 32.58 -10.35
C ILE H 53 35.57 32.30 -10.04
N SER H 54 35.91 32.43 -8.76
CA SER H 54 37.32 32.47 -8.39
C SER H 54 37.53 31.74 -7.12
N VAL H 55 38.78 31.34 -6.89
CA VAL H 55 39.18 30.85 -5.59
C VAL H 55 40.30 31.73 -5.11
N PHE H 56 40.10 32.33 -3.93
CA PHE H 56 41.15 33.10 -3.22
C PHE H 56 41.82 32.27 -2.14
N ASP H 57 43.15 32.50 -1.97
CA ASP H 57 43.98 31.92 -0.89
C ASP H 57 44.60 33.11 -0.18
N VAL H 58 44.10 33.43 1.00
CA VAL H 58 44.55 34.60 1.77
C VAL H 58 44.73 34.20 3.23
N ASN H 59 45.26 35.11 4.04
CA ASN H 59 45.51 34.76 5.45
C ASN H 59 44.34 34.94 6.38
N SER H 60 43.34 35.73 5.95
CA SER H 60 42.22 36.13 6.82
C SER H 60 41.07 36.73 5.99
N HIS H 61 39.88 36.80 6.59
CA HIS H 61 38.74 37.54 5.99
C HIS H 61 39.08 38.94 5.66
N ASP H 62 39.76 39.61 6.59
CA ASP H 62 40.14 41.00 6.39
C ASP H 62 41.04 41.13 5.18
N GLU H 63 41.91 40.16 4.94
CA GLU H 63 42.75 40.19 3.74
C GLU H 63 41.90 39.97 2.48
N LEU H 64 40.92 39.07 2.55
CA LEU H 64 40.02 38.89 1.42
C LEU H 64 39.26 40.17 1.13
N HIS H 65 38.76 40.77 2.20
CA HIS H 65 37.97 42.00 2.10
C HIS H 65 38.72 43.14 1.45
N GLU H 66 39.99 43.26 1.79
CA GLU H 66 40.77 44.38 1.32
C GLU H 66 41.11 44.24 -0.16
N ILE H 67 41.40 43.00 -0.57
CA ILE H 67 41.66 42.70 -1.96
C ILE H 67 40.42 42.93 -2.84
N LEU H 68 39.26 42.44 -2.42
CA LEU H 68 38.02 42.70 -3.18
C LEU H 68 37.69 44.19 -3.33
N TRP H 69 37.89 44.93 -2.23
CA TRP H 69 37.64 46.36 -2.15
C TRP H 69 38.56 47.20 -3.04
N SER H 70 39.78 46.74 -3.25
CA SER H 70 40.75 47.54 -3.97
C SER H 70 40.56 47.41 -5.49
N LEU H 71 39.85 46.36 -5.93
CA LEU H 71 39.46 46.21 -7.33
C LEU H 71 38.86 47.47 -7.92
N PRO H 72 39.37 47.91 -9.07
CA PRO H 72 38.82 49.00 -9.89
C PRO H 72 37.34 48.79 -10.22
N PHE H 73 36.96 47.53 -10.46
CA PHE H 73 35.59 47.13 -10.71
C PHE H 73 34.64 47.11 -9.50
N PHE H 74 35.18 47.23 -8.29
CA PHE H 74 34.39 46.96 -7.07
C PHE H 74 33.05 47.67 -7.00
N PRO H 75 33.01 48.95 -7.39
CA PRO H 75 31.76 49.70 -7.28
C PRO H 75 30.68 49.17 -8.22
N TYR H 76 31.06 48.27 -9.13
CA TYR H 76 30.11 47.75 -10.10
C TYR H 76 29.87 46.24 -9.92
N LEU H 77 30.37 45.70 -8.81
CA LEU H 77 30.38 44.26 -8.58
C LEU H 77 29.29 43.81 -7.65
N THR H 78 28.86 42.56 -7.89
CA THR H 78 28.03 41.81 -6.94
C THR H 78 28.82 40.60 -6.52
N ILE H 79 29.10 40.47 -5.23
CA ILE H 79 30.04 39.46 -4.78
C ILE H 79 29.39 38.52 -3.81
N ASP H 80 29.57 37.23 -4.05
CA ASP H 80 29.21 36.20 -3.11
C ASP H 80 30.51 35.55 -2.60
N VAL H 81 30.64 35.36 -1.28
CA VAL H 81 31.84 34.82 -0.65
C VAL H 81 31.46 33.57 0.13
N GLU H 82 32.27 32.53 -0.03
CA GLU H 82 32.07 31.28 0.58
C GLU H 82 33.41 30.74 1.12
N PRO H 83 33.50 30.51 2.42
CA PRO H 83 34.74 29.92 2.93
C PRO H 83 34.79 28.47 2.59
N LEU H 84 35.99 28.00 2.29
CA LEU H 84 36.20 26.65 1.82
C LEU H 84 37.13 25.88 2.76
N SER H 85 36.76 24.65 3.05
CA SER H 85 37.49 23.81 3.97
C SER H 85 38.06 22.61 3.25
N HIS H 86 38.99 21.95 3.91
CA HIS H 86 39.66 20.74 3.41
C HIS H 86 38.74 19.55 3.44
N HIS H 87 38.71 18.79 2.35
CA HIS H 87 37.81 17.64 2.26
C HIS H 87 38.61 16.38 2.62
N PRO H 88 38.08 15.53 3.54
CA PRO H 88 38.90 14.40 4.01
C PRO H 88 39.44 13.58 2.83
N ALA H 89 38.56 13.32 1.87
CA ALA H 89 38.82 12.49 0.68
C ALA H 89 39.77 13.05 -0.39
N ARG H 90 40.26 14.28 -0.22
CA ARG H 90 41.10 14.90 -1.24
C ARG H 90 42.43 14.19 -1.42
N VAL H 91 42.93 14.18 -2.64
CA VAL H 91 44.24 13.63 -2.87
C VAL H 91 45.33 14.68 -3.11
N GLY H 92 44.97 15.76 -3.80
CA GLY H 92 45.93 16.81 -4.18
C GLY H 92 46.47 17.68 -3.05
N LYS H 93 46.87 18.91 -3.42
CA LYS H 93 47.52 19.85 -2.49
C LYS H 93 46.50 20.79 -1.81
N ASP H 94 45.80 21.62 -2.61
CA ASP H 94 44.76 22.58 -2.18
C ASP H 94 44.11 22.29 -0.81
N MET I 1 1.58 22.07 -31.30
CA MET I 1 2.21 23.31 -30.79
C MET I 1 3.16 23.00 -29.62
N LEU I 2 4.05 23.93 -29.33
CA LEU I 2 5.26 23.55 -28.62
C LEU I 2 5.36 23.92 -27.13
N TYR I 3 5.94 23.00 -26.35
CA TYR I 3 6.08 23.15 -24.93
C TYR I 3 7.47 22.73 -24.45
N LEU I 4 8.12 23.60 -23.67
CA LEU I 4 9.30 23.19 -22.93
C LEU I 4 8.85 22.62 -21.62
N VAL I 5 9.27 21.40 -21.36
CA VAL I 5 8.86 20.66 -20.21
C VAL I 5 10.05 20.11 -19.46
N ARG I 6 10.18 20.48 -18.17
CA ARG I 6 11.30 20.03 -17.34
C ARG I 6 10.74 18.97 -16.42
N MET I 7 11.47 17.89 -16.24
CA MET I 7 11.00 16.86 -15.32
C MET I 7 12.07 16.44 -14.35
N THR I 8 11.73 16.55 -13.07
CA THR I 8 12.62 16.14 -11.98
C THR I 8 12.12 14.86 -11.30
N VAL I 9 12.96 13.83 -11.27
CA VAL I 9 12.55 12.51 -10.86
C VAL I 9 12.94 12.38 -9.42
N ASN I 10 12.05 11.80 -8.62
CA ASN I 10 12.30 11.59 -7.19
C ASN I 10 11.61 10.33 -6.64
N LEU I 11 12.30 9.19 -6.80
CA LEU I 11 11.85 7.87 -6.39
C LEU I 11 11.96 7.67 -4.87
N PRO I 12 10.99 6.93 -4.26
CA PRO I 12 11.00 6.74 -2.80
C PRO I 12 12.37 6.34 -2.25
N ARG I 13 12.87 7.08 -1.25
CA ARG I 13 14.26 6.92 -0.73
C ARG I 13 14.69 5.45 -0.56
N ASN I 14 14.38 4.87 0.61
CA ASN I 14 14.24 3.42 0.76
C ASN I 14 12.87 3.11 0.14
N LEU I 15 12.50 1.84 0.06
CA LEU I 15 11.23 1.39 -0.58
C LEU I 15 11.53 0.77 -1.95
N ASP I 16 10.50 0.72 -2.80
CA ASP I 16 10.59 0.29 -4.21
C ASP I 16 11.01 -1.17 -4.45
N SER I 17 12.16 -1.55 -3.89
CA SER I 17 12.62 -2.93 -3.92
C SER I 17 12.73 -3.53 -5.35
N ARG I 18 11.79 -4.41 -5.69
CA ARG I 18 11.87 -5.22 -6.92
C ARG I 18 11.12 -4.61 -8.10
N GLU I 19 10.10 -3.79 -7.82
CA GLU I 19 9.30 -3.18 -8.89
C GLU I 19 10.01 -2.00 -9.55
N GLU I 20 11.05 -1.47 -8.88
CA GLU I 20 11.84 -0.38 -9.43
C GLU I 20 12.25 -0.67 -10.89
N GLU I 21 12.41 -1.94 -11.22
CA GLU I 21 12.74 -2.35 -12.59
C GLU I 21 11.54 -2.18 -13.53
N ARG I 22 10.36 -2.60 -13.07
CA ARG I 22 9.15 -2.55 -13.90
C ARG I 22 8.72 -1.12 -14.18
N LEU I 23 8.90 -0.25 -13.19
CA LEU I 23 8.55 1.16 -13.30
C LEU I 23 9.37 1.83 -14.40
N LYS I 24 10.70 1.78 -14.24
CA LYS I 24 11.66 2.16 -15.27
C LYS I 24 11.41 1.51 -16.64
N ALA I 25 11.02 0.23 -16.63
CA ALA I 25 10.71 -0.48 -17.89
C ALA I 25 9.55 0.14 -18.63
N SER I 26 8.41 0.24 -17.95
CA SER I 26 7.21 0.83 -18.53
C SER I 26 7.48 2.26 -18.94
N GLU I 27 8.12 3.03 -18.04
CA GLU I 27 8.57 4.39 -18.34
C GLU I 27 9.31 4.47 -19.67
N LYS I 28 10.36 3.67 -19.82
CA LYS I 28 11.10 3.62 -21.09
C LYS I 28 10.18 3.30 -22.28
N ALA I 29 9.38 2.25 -22.15
CA ALA I 29 8.35 1.89 -23.16
C ALA I 29 7.42 3.03 -23.54
N ARG I 30 6.86 3.71 -22.55
CA ARG I 30 5.96 4.84 -22.80
C ARG I 30 6.64 6.02 -23.51
N SER I 31 7.86 6.35 -23.10
CA SER I 31 8.53 7.47 -23.73
C SER I 31 8.90 7.07 -25.14
N ARG I 32 9.36 5.84 -25.31
CA ARG I 32 9.62 5.30 -26.68
C ARG I 32 8.41 5.54 -27.58
N THR I 33 7.23 5.15 -27.10
CA THR I 33 5.99 5.32 -27.85
C THR I 33 5.74 6.79 -28.25
N LEU I 34 5.87 7.71 -27.30
CA LEU I 34 5.54 9.09 -27.57
C LEU I 34 6.54 9.75 -28.50
N GLN I 35 7.79 9.31 -28.45
CA GLN I 35 8.77 9.87 -29.36
C GLN I 35 8.51 9.46 -30.81
N GLU I 36 8.33 8.14 -31.03
CA GLU I 36 7.94 7.62 -32.36
C GLU I 36 6.81 8.47 -32.97
N GLN I 37 5.68 8.56 -32.27
CA GLN I 37 4.53 9.33 -32.80
C GLN I 37 4.76 10.85 -32.91
N GLY I 38 5.75 11.37 -32.20
CA GLY I 38 6.20 12.76 -32.39
C GLY I 38 5.63 13.84 -31.46
N GLN I 39 4.78 13.47 -30.51
CA GLN I 39 4.38 14.44 -29.50
C GLN I 39 5.55 14.76 -28.54
N TRP I 40 6.31 13.75 -28.14
CA TRP I 40 7.59 13.91 -27.43
C TRP I 40 8.72 14.16 -28.43
N ARG I 41 8.87 15.42 -28.85
CA ARG I 41 9.71 15.76 -29.95
C ARG I 41 11.18 15.65 -29.59
N TYR I 42 11.58 16.31 -28.49
CA TYR I 42 12.98 16.23 -28.02
C TYR I 42 13.04 15.77 -26.58
N LEU I 43 14.05 14.96 -26.34
CA LEU I 43 14.34 14.42 -25.02
C LEU I 43 15.85 14.56 -24.74
N TRP I 44 16.16 15.28 -23.66
CA TRP I 44 17.54 15.50 -23.26
C TRP I 44 17.69 15.39 -21.76
N ARG I 45 18.86 14.98 -21.35
CA ARG I 45 19.07 14.77 -19.97
C ARG I 45 19.86 15.97 -19.44
N THR I 46 19.37 16.57 -18.34
CA THR I 46 20.13 17.62 -17.66
C THR I 46 21.34 16.97 -17.03
N THR I 47 22.52 17.31 -17.52
CA THR I 47 23.77 16.74 -17.07
C THR I 47 23.90 16.77 -15.55
N GLY I 48 24.20 15.60 -14.96
CA GLY I 48 24.28 15.43 -13.51
C GLY I 48 22.97 15.24 -12.75
N LYS I 49 21.84 15.23 -13.45
CA LYS I 49 20.52 15.09 -12.79
C LYS I 49 19.77 13.85 -13.21
N TYR I 50 18.85 13.42 -12.35
CA TYR I 50 17.94 12.38 -12.72
C TYR I 50 16.72 13.18 -13.09
N GLY I 51 16.58 13.36 -14.39
CA GLY I 51 15.50 14.16 -14.90
C GLY I 51 15.87 14.75 -16.23
N ASN I 52 14.86 15.17 -16.96
CA ASN I 52 15.01 15.47 -18.35
C ASN I 52 14.47 16.85 -18.64
N ILE I 53 14.87 17.35 -19.80
CA ILE I 53 14.36 18.56 -20.33
C ILE I 53 13.88 18.14 -21.75
N SER I 54 12.64 18.48 -22.06
CA SER I 54 12.02 17.99 -23.26
C SER I 54 11.27 19.07 -23.99
N VAL I 55 11.01 18.82 -25.27
CA VAL I 55 10.06 19.59 -26.01
C VAL I 55 8.97 18.65 -26.47
N PHE I 56 7.73 19.07 -26.22
CA PHE I 56 6.55 18.36 -26.64
C PHE I 56 5.84 19.16 -27.71
N ASP I 57 5.26 18.42 -28.65
CA ASP I 57 4.58 18.89 -29.84
C ASP I 57 3.20 18.22 -29.82
N VAL I 58 2.19 18.95 -29.30
CA VAL I 58 0.85 18.43 -29.07
C VAL I 58 -0.18 19.46 -29.49
N ASN I 59 -1.42 19.01 -29.66
CA ASN I 59 -2.49 19.87 -30.12
C ASN I 59 -3.17 20.75 -29.10
N SER I 60 -2.98 20.49 -27.80
CA SER I 60 -3.67 21.28 -26.80
C SER I 60 -3.07 21.08 -25.41
N HIS I 61 -3.40 21.96 -24.45
CA HIS I 61 -2.95 21.78 -23.06
C HIS I 61 -3.46 20.47 -22.49
N ASP I 62 -4.76 20.19 -22.67
CA ASP I 62 -5.40 18.87 -22.31
C ASP I 62 -4.70 17.64 -22.80
N GLU I 63 -4.34 17.59 -24.08
CA GLU I 63 -3.54 16.48 -24.57
C GLU I 63 -2.14 16.50 -23.92
N LEU I 64 -1.44 17.64 -23.85
CA LEU I 64 -0.17 17.65 -23.05
C LEU I 64 -0.44 17.00 -21.71
N HIS I 65 -1.49 17.47 -21.05
CA HIS I 65 -1.80 16.99 -19.72
C HIS I 65 -2.08 15.51 -19.64
N GLU I 66 -2.89 14.99 -20.54
CA GLU I 66 -3.21 13.55 -20.53
C GLU I 66 -1.94 12.72 -20.71
N ILE I 67 -1.03 13.19 -21.52
CA ILE I 67 0.29 12.53 -21.67
C ILE I 67 1.19 12.55 -20.43
N LEU I 68 1.35 13.71 -19.78
CA LEU I 68 2.21 13.76 -18.58
C LEU I 68 1.62 12.88 -17.46
N TRP I 69 0.32 13.00 -17.25
CA TRP I 69 -0.40 12.17 -16.29
C TRP I 69 -0.21 10.62 -16.53
N SER I 70 -0.14 10.19 -17.78
CA SER I 70 0.00 8.76 -18.05
C SER I 70 1.45 8.18 -17.94
N LEU I 71 2.46 9.01 -17.70
CA LEU I 71 3.81 8.47 -17.43
C LEU I 71 3.90 7.63 -16.14
N PRO I 72 4.45 6.40 -16.24
CA PRO I 72 4.60 5.55 -15.06
C PRO I 72 5.32 6.28 -13.95
N PHE I 73 6.25 7.14 -14.32
CA PHE I 73 7.00 7.94 -13.37
C PHE I 73 6.24 9.16 -12.80
N PHE I 74 5.03 9.44 -13.28
CA PHE I 74 4.36 10.69 -12.89
C PHE I 74 4.35 10.96 -11.39
N PRO I 75 3.87 10.01 -10.57
CA PRO I 75 3.71 10.34 -9.15
C PRO I 75 4.98 10.83 -8.50
N TYR I 76 6.10 10.63 -9.19
CA TYR I 76 7.40 10.92 -8.62
C TYR I 76 8.11 12.10 -9.27
N LEU I 77 7.42 12.79 -10.19
CA LEU I 77 8.00 13.83 -11.00
C LEU I 77 7.60 15.20 -10.53
N THR I 78 8.56 16.12 -10.52
CA THR I 78 8.27 17.54 -10.39
C THR I 78 8.38 18.12 -11.81
N ILE I 79 7.33 18.77 -12.27
CA ILE I 79 7.20 19.18 -13.67
C ILE I 79 6.95 20.69 -13.85
N ASP I 80 7.75 21.32 -14.71
CA ASP I 80 7.50 22.66 -15.16
C ASP I 80 7.21 22.63 -16.65
N VAL I 81 6.18 23.37 -17.03
CA VAL I 81 5.69 23.39 -18.40
C VAL I 81 5.68 24.84 -18.85
N GLU I 82 6.22 25.07 -20.04
CA GLU I 82 6.36 26.42 -20.54
C GLU I 82 5.99 26.40 -22.00
N PRO I 83 5.01 27.21 -22.38
CA PRO I 83 4.65 27.39 -23.78
C PRO I 83 5.76 28.07 -24.56
N LEU I 84 5.88 27.66 -25.81
CA LEU I 84 6.95 27.97 -26.75
C LEU I 84 6.29 28.45 -28.05
N SER I 85 6.75 29.58 -28.53
CA SER I 85 6.30 30.22 -29.77
C SER I 85 7.42 30.19 -30.82
N HIS I 86 6.99 30.24 -32.10
CA HIS I 86 7.90 30.35 -33.22
C HIS I 86 8.58 31.69 -33.14
N HIS I 87 9.89 31.68 -33.33
CA HIS I 87 10.66 32.90 -33.18
C HIS I 87 10.81 33.50 -34.59
N PRO I 88 10.44 34.78 -34.80
CA PRO I 88 10.55 35.30 -36.17
C PRO I 88 11.95 35.18 -36.80
N ALA I 89 12.98 35.08 -35.95
CA ALA I 89 14.33 35.05 -36.41
C ALA I 89 14.79 33.63 -36.71
N ARG I 90 13.94 32.64 -36.46
CA ARG I 90 14.23 31.25 -36.85
C ARG I 90 14.53 31.16 -38.35
N VAL I 91 15.57 30.40 -38.73
CA VAL I 91 15.78 30.11 -40.16
C VAL I 91 15.11 28.79 -40.54
N GLY I 92 15.54 27.72 -39.87
CA GLY I 92 15.14 26.37 -40.24
C GLY I 92 13.74 25.93 -39.86
N LYS I 93 13.64 24.69 -39.35
CA LYS I 93 12.35 24.03 -39.10
C LYS I 93 11.56 24.59 -37.91
N ASP I 94 11.92 24.14 -36.69
CA ASP I 94 11.17 24.45 -35.45
C ASP I 94 11.15 25.94 -35.10
N MET J 1 28.56 19.67 -28.61
CA MET J 1 27.76 19.11 -27.51
C MET J 1 26.78 20.19 -27.11
N LEU J 2 25.78 19.82 -26.34
CA LEU J 2 24.55 20.61 -26.34
C LEU J 2 24.36 21.42 -25.06
N TYR J 3 23.83 22.63 -25.22
CA TYR J 3 23.47 23.53 -24.13
C TYR J 3 22.07 24.06 -24.27
N LEU J 4 21.34 24.12 -23.15
CA LEU J 4 20.07 24.87 -23.09
C LEU J 4 20.31 26.29 -22.61
N VAL J 5 19.95 27.26 -23.43
CA VAL J 5 20.26 28.63 -23.15
C VAL J 5 18.94 29.44 -23.05
N ARG J 6 18.67 30.06 -21.89
CA ARG J 6 17.59 31.04 -21.76
C ARG J 6 18.10 32.46 -21.92
N MET J 7 17.41 33.24 -22.73
CA MET J 7 17.80 34.63 -22.89
C MET J 7 16.59 35.56 -22.70
N THR J 8 16.75 36.57 -21.87
CA THR J 8 15.68 37.53 -21.67
C THR J 8 16.19 38.93 -21.98
N VAL J 9 15.40 39.70 -22.71
CA VAL J 9 15.91 40.94 -23.29
C VAL J 9 15.32 42.19 -22.65
N ASN J 10 16.19 43.07 -22.17
CA ASN J 10 15.75 44.29 -21.53
C ASN J 10 16.36 45.51 -22.21
N LEU J 11 15.80 45.88 -23.36
CA LEU J 11 16.37 47.01 -24.10
C LEU J 11 16.27 48.27 -23.28
N PRO J 12 17.30 49.15 -23.39
CA PRO J 12 17.29 50.44 -22.70
C PRO J 12 15.95 51.14 -22.88
N ARG J 13 15.35 51.47 -21.72
CA ARG J 13 13.96 51.95 -21.60
C ARG J 13 13.74 53.02 -22.64
N ASN J 14 14.79 53.82 -22.83
CA ASN J 14 15.04 54.51 -24.09
C ASN J 14 16.37 55.25 -24.11
N LEU J 15 17.26 54.71 -24.94
CA LEU J 15 18.44 55.42 -25.40
C LEU J 15 18.49 55.19 -26.93
N ASP J 16 17.58 54.33 -27.41
CA ASP J 16 17.53 53.91 -28.82
C ASP J 16 16.45 54.68 -29.60
N SER J 17 16.69 54.96 -30.89
CA SER J 17 15.73 55.73 -31.68
C SER J 17 15.20 55.00 -32.94
N ARG J 18 16.14 54.61 -33.81
CA ARG J 18 15.97 53.66 -34.90
C ARG J 18 17.38 53.08 -35.09
N GLU J 19 18.29 53.61 -34.26
CA GLU J 19 19.50 52.94 -33.81
C GLU J 19 19.10 51.55 -33.25
N GLU J 20 17.94 51.51 -32.59
CA GLU J 20 17.33 50.27 -32.10
C GLU J 20 17.00 49.34 -33.25
N GLU J 21 16.56 49.91 -34.37
CA GLU J 21 16.19 49.11 -35.53
C GLU J 21 17.45 48.51 -36.15
N ARG J 22 18.55 49.27 -36.11
CA ARG J 22 19.87 48.76 -36.51
C ARG J 22 20.24 47.54 -35.68
N LEU J 23 20.15 47.69 -34.35
CA LEU J 23 20.55 46.67 -33.37
C LEU J 23 19.72 45.39 -33.44
N LYS J 24 18.42 45.54 -33.70
CA LYS J 24 17.52 44.39 -33.88
C LYS J 24 17.88 43.64 -35.14
N ALA J 25 18.15 44.41 -36.19
CA ALA J 25 18.54 43.86 -37.48
C ALA J 25 19.87 43.17 -37.36
N SER J 26 20.79 43.78 -36.63
CA SER J 26 22.12 43.21 -36.44
C SER J 26 22.01 41.88 -35.66
N GLU J 27 21.31 41.91 -34.52
CA GLU J 27 20.97 40.69 -33.77
C GLU J 27 20.33 39.61 -34.66
N LYS J 28 19.34 39.98 -35.45
CA LYS J 28 18.74 39.03 -36.43
C LYS J 28 19.72 38.36 -37.41
N ALA J 29 20.58 39.15 -38.02
CA ALA J 29 21.58 38.65 -38.97
C ALA J 29 22.63 37.76 -38.26
N ARG J 30 23.13 38.20 -37.09
CA ARG J 30 24.05 37.37 -36.32
C ARG J 30 23.39 36.06 -35.94
N SER J 31 22.15 36.13 -35.44
CA SER J 31 21.40 34.90 -35.18
C SER J 31 21.23 34.01 -36.42
N ARG J 32 20.95 34.60 -37.59
CA ARG J 32 20.87 33.89 -38.90
C ARG J 32 22.16 33.15 -39.23
N THR J 33 23.28 33.83 -39.08
CA THR J 33 24.60 33.18 -39.27
C THR J 33 24.78 31.91 -38.43
N LEU J 34 24.71 32.05 -37.09
CA LEU J 34 24.93 30.92 -36.15
C LEU J 34 24.02 29.70 -36.40
N GLN J 35 22.81 29.97 -36.84
CA GLN J 35 21.82 28.94 -37.11
C GLN J 35 22.18 28.16 -38.41
N GLU J 36 22.44 28.92 -39.49
CA GLU J 36 23.02 28.38 -40.75
C GLU J 36 24.27 27.53 -40.50
N GLN J 37 25.24 28.06 -39.76
CA GLN J 37 26.46 27.30 -39.46
C GLN J 37 26.18 26.13 -38.51
N GLY J 38 25.00 26.16 -37.86
CA GLY J 38 24.54 25.02 -37.03
C GLY J 38 24.89 25.04 -35.55
N GLN J 39 25.52 26.12 -35.10
CA GLN J 39 25.81 26.31 -33.68
C GLN J 39 24.54 26.62 -32.89
N TRP J 40 23.72 27.54 -33.40
CA TRP J 40 22.44 27.81 -32.80
C TRP J 40 21.53 26.73 -33.39
N ARG J 41 21.48 25.57 -32.74
CA ARG J 41 20.68 24.47 -33.25
C ARG J 41 19.16 24.72 -33.20
N TYR J 42 18.63 25.12 -32.04
CA TYR J 42 17.21 25.45 -31.92
C TYR J 42 16.95 26.82 -31.32
N LEU J 43 15.84 27.40 -31.71
CA LEU J 43 15.48 28.73 -31.30
C LEU J 43 13.95 28.86 -31.23
N TRP J 44 13.45 29.12 -30.04
CA TRP J 44 12.02 29.29 -29.83
C TRP J 44 11.83 30.61 -29.11
N ARG J 45 10.67 31.22 -29.31
CA ARG J 45 10.25 32.37 -28.52
C ARG J 45 9.56 31.87 -27.27
N THR J 46 9.86 32.47 -26.12
CA THR J 46 9.10 32.17 -24.85
C THR J 46 7.81 33.00 -24.89
N THR J 47 6.67 32.32 -24.99
CA THR J 47 5.39 32.98 -25.27
C THR J 47 5.16 34.15 -24.36
N GLY J 48 4.89 35.31 -24.94
CA GLY J 48 4.62 36.53 -24.15
C GLY J 48 5.83 37.31 -23.61
N LYS J 49 7.03 36.77 -23.78
CA LYS J 49 8.24 37.45 -23.35
C LYS J 49 9.04 37.90 -24.55
N TYR J 50 9.83 38.94 -24.34
CA TYR J 50 10.86 39.28 -25.27
C TYR J 50 12.05 38.39 -24.86
N GLY J 51 12.13 37.23 -25.47
CA GLY J 51 13.17 36.31 -25.10
C GLY J 51 13.07 35.03 -25.92
N ASN J 52 13.99 34.12 -25.64
CA ASN J 52 14.08 32.86 -26.36
C ASN J 52 14.61 31.80 -25.44
N ILE J 53 14.25 30.59 -25.79
CA ILE J 53 14.83 29.37 -25.27
C ILE J 53 15.51 28.77 -26.50
N SER J 54 16.80 28.51 -26.40
CA SER J 54 17.55 28.03 -27.55
C SER J 54 18.34 26.82 -27.15
N VAL J 55 18.79 26.06 -28.16
CA VAL J 55 19.73 24.99 -27.93
C VAL J 55 20.95 25.29 -28.77
N PHE J 56 22.11 25.26 -28.10
CA PHE J 56 23.39 25.51 -28.76
C PHE J 56 24.18 24.22 -28.85
N ASP J 57 24.87 24.05 -29.96
CA ASP J 57 25.66 22.84 -30.22
C ASP J 57 27.08 23.27 -30.57
N VAL J 58 27.97 23.27 -29.60
CA VAL J 58 29.31 23.86 -29.80
C VAL J 58 30.35 22.91 -29.18
N ASN J 59 31.63 23.03 -29.55
CA ASN J 59 32.64 22.06 -29.09
C ASN J 59 33.12 22.31 -27.64
N SER J 60 32.95 23.54 -27.16
CA SER J 60 33.48 23.89 -25.84
C SER J 60 32.67 24.97 -25.13
N HIS J 61 32.87 25.11 -23.81
CA HIS J 61 32.34 26.25 -23.07
C HIS J 61 32.88 27.58 -23.67
N ASP J 62 34.17 27.58 -24.06
CA ASP J 62 34.78 28.75 -24.65
C ASP J 62 34.16 29.22 -25.94
N GLU J 63 33.79 28.29 -26.81
CA GLU J 63 33.14 28.60 -28.07
C GLU J 63 31.77 29.18 -27.72
N LEU J 64 31.03 28.57 -26.80
CA LEU J 64 29.68 29.10 -26.45
C LEU J 64 29.79 30.50 -25.84
N HIS J 65 30.74 30.67 -24.91
CA HIS J 65 30.93 31.98 -24.29
C HIS J 65 31.14 33.07 -25.35
N GLU J 66 32.06 32.82 -26.28
CA GLU J 66 32.42 33.80 -27.30
C GLU J 66 31.26 34.11 -28.18
N ILE J 67 30.52 33.05 -28.54
CA ILE J 67 29.28 33.20 -29.26
C ILE J 67 28.30 34.11 -28.49
N LEU J 68 27.92 33.78 -27.27
CA LEU J 68 26.96 34.63 -26.55
C LEU J 68 27.44 36.04 -26.34
N TRP J 69 28.72 36.18 -26.02
CA TRP J 69 29.39 37.47 -25.95
C TRP J 69 29.25 38.31 -27.21
N SER J 70 29.16 37.65 -28.37
CA SER J 70 29.22 38.33 -29.67
C SER J 70 27.87 38.78 -30.10
N LEU J 71 26.81 38.35 -29.41
CA LEU J 71 25.45 38.73 -29.85
C LEU J 71 25.31 40.23 -29.59
N PRO J 72 24.79 40.97 -30.58
CA PRO J 72 24.51 42.40 -30.42
C PRO J 72 23.64 42.72 -29.19
N PHE J 73 22.74 41.83 -28.82
CA PHE J 73 21.86 42.09 -27.69
C PHE J 73 22.54 41.88 -26.35
N PHE J 74 23.78 41.37 -26.33
CA PHE J 74 24.38 40.82 -25.10
C PHE J 74 24.34 41.76 -23.87
N PRO J 75 24.63 43.06 -24.06
CA PRO J 75 24.70 43.87 -22.84
C PRO J 75 23.32 44.15 -22.31
N TYR J 76 22.31 43.65 -22.99
CA TYR J 76 20.98 43.83 -22.49
C TYR J 76 20.32 42.51 -22.13
N LEU J 77 21.04 41.40 -22.32
CA LEU J 77 20.47 40.06 -22.12
C LEU J 77 20.72 39.56 -20.72
N THR J 78 19.81 38.71 -20.23
CA THR J 78 20.08 37.93 -19.04
C THR J 78 20.01 36.53 -19.58
N ILE J 79 21.04 35.75 -19.27
CA ILE J 79 21.33 34.47 -19.92
C ILE J 79 21.43 33.38 -18.85
N ASP J 80 20.72 32.25 -19.03
CA ASP J 80 20.97 31.03 -18.27
C ASP J 80 21.51 29.96 -19.23
N VAL J 81 22.60 29.32 -18.82
CA VAL J 81 23.25 28.31 -19.58
C VAL J 81 23.14 27.03 -18.77
N GLU J 82 22.77 25.96 -19.44
CA GLU J 82 22.58 24.71 -18.77
C GLU J 82 23.13 23.59 -19.69
N PRO J 83 24.07 22.78 -19.20
CA PRO J 83 24.54 21.65 -20.01
C PRO J 83 23.49 20.52 -20.25
N LEU J 84 23.45 20.02 -21.48
CA LEU J 84 22.52 18.93 -21.89
C LEU J 84 23.31 17.67 -22.25
N SER J 85 22.92 16.53 -21.68
CA SER J 85 23.60 15.23 -21.88
C SER J 85 22.71 14.26 -22.66
N HIS J 86 23.30 13.22 -23.26
CA HIS J 86 22.50 12.14 -23.86
C HIS J 86 21.47 11.49 -22.92
N HIS J 87 20.20 11.42 -23.32
CA HIS J 87 19.22 10.69 -22.52
C HIS J 87 19.08 9.22 -22.99
N PRO J 88 19.25 8.26 -22.07
CA PRO J 88 19.17 6.82 -22.38
C PRO J 88 17.89 6.39 -23.12
N ALA J 89 16.74 6.96 -22.77
CA ALA J 89 15.50 6.61 -23.45
C ALA J 89 15.27 7.33 -24.76
N ARG J 90 16.16 8.24 -25.15
CA ARG J 90 16.02 8.96 -26.42
C ARG J 90 16.05 7.98 -27.59
N VAL J 91 15.26 8.26 -28.63
CA VAL J 91 15.25 7.40 -29.82
C VAL J 91 15.90 8.04 -31.04
N GLY J 92 15.27 9.09 -31.59
CA GLY J 92 15.80 9.73 -32.77
C GLY J 92 16.90 10.72 -32.45
N LYS J 93 16.85 11.87 -33.13
CA LYS J 93 17.91 12.87 -33.04
C LYS J 93 18.04 13.55 -31.65
N ASP J 94 19.31 13.76 -31.27
CA ASP J 94 19.76 14.66 -30.18
C ASP J 94 20.36 13.99 -28.96
N MET K 1 17.70 -29.37 7.90
CA MET K 1 16.62 -30.35 8.21
C MET K 1 15.66 -30.59 7.04
N LEU K 2 14.87 -31.66 7.18
CA LEU K 2 14.03 -32.09 6.08
C LEU K 2 12.56 -31.64 6.19
N TYR K 3 12.00 -31.29 5.04
CA TYR K 3 10.63 -30.82 4.95
C TYR K 3 10.03 -31.53 3.74
N LEU K 4 8.82 -32.09 3.88
CA LEU K 4 8.10 -32.56 2.68
C LEU K 4 7.13 -31.49 2.17
N VAL K 5 7.35 -31.04 0.92
CA VAL K 5 6.68 -29.85 0.39
C VAL K 5 5.91 -30.16 -0.91
N ARG K 6 4.61 -29.87 -0.90
CA ARG K 6 3.73 -30.05 -2.03
C ARG K 6 3.53 -28.69 -2.73
N MET K 7 3.61 -28.71 -4.05
CA MET K 7 3.49 -27.47 -4.79
C MET K 7 2.56 -27.67 -5.95
N THR K 8 1.37 -27.09 -5.87
CA THR K 8 0.39 -27.24 -6.96
C THR K 8 0.29 -25.94 -7.73
N VAL K 9 0.17 -26.06 -9.05
CA VAL K 9 0.27 -24.88 -9.92
C VAL K 9 -1.08 -24.54 -10.54
N ASN K 10 -1.40 -23.25 -10.52
CA ASN K 10 -2.57 -22.73 -11.21
C ASN K 10 -2.16 -21.47 -11.97
N LEU K 11 -1.53 -21.69 -13.10
CA LEU K 11 -1.16 -20.62 -14.02
C LEU K 11 -2.39 -19.83 -14.45
N PRO K 12 -2.22 -18.50 -14.61
CA PRO K 12 -3.32 -17.72 -15.15
C PRO K 12 -3.57 -18.13 -16.61
N ARG K 13 -4.84 -18.36 -16.95
CA ARG K 13 -5.20 -18.77 -18.30
C ARG K 13 -4.90 -17.64 -19.27
N ASN K 14 -5.60 -16.51 -19.12
CA ASN K 14 -5.50 -15.38 -20.06
C ASN K 14 -4.16 -14.63 -20.01
N LEU K 15 -3.95 -13.83 -18.95
CA LEU K 15 -2.84 -12.84 -18.84
C LEU K 15 -1.54 -13.11 -19.60
N ASP K 16 -1.03 -14.34 -19.48
CA ASP K 16 0.29 -14.71 -19.99
C ASP K 16 0.38 -14.70 -21.51
N SER K 17 1.46 -14.11 -22.02
CA SER K 17 1.73 -14.07 -23.45
C SER K 17 2.94 -14.93 -23.78
N ARG K 18 4.00 -14.29 -24.26
CA ARG K 18 5.31 -14.93 -24.39
C ARG K 18 6.01 -14.71 -23.06
N GLU K 19 5.24 -14.14 -22.12
CA GLU K 19 5.62 -13.85 -20.75
C GLU K 19 5.69 -15.13 -19.92
N GLU K 20 4.89 -16.13 -20.34
CA GLU K 20 4.83 -17.45 -19.73
C GLU K 20 6.10 -18.26 -19.98
N GLU K 21 6.78 -17.95 -21.07
CA GLU K 21 7.99 -18.67 -21.46
C GLU K 21 9.18 -18.25 -20.61
N ARG K 22 9.20 -16.98 -20.18
CA ARG K 22 10.33 -16.50 -19.36
C ARG K 22 10.07 -16.80 -17.90
N LEU K 23 8.79 -16.93 -17.53
CA LEU K 23 8.48 -17.41 -16.21
C LEU K 23 8.88 -18.87 -16.06
N LYS K 24 8.28 -19.74 -16.87
CA LYS K 24 8.61 -21.17 -16.85
C LYS K 24 10.14 -21.36 -16.79
N ALA K 25 10.86 -20.51 -17.53
CA ALA K 25 12.33 -20.62 -17.64
C ALA K 25 13.13 -20.15 -16.42
N SER K 26 12.70 -19.06 -15.78
CA SER K 26 13.40 -18.52 -14.60
C SER K 26 13.20 -19.39 -13.34
N GLU K 27 12.03 -20.03 -13.26
CA GLU K 27 11.69 -21.01 -12.23
C GLU K 27 12.62 -22.20 -12.36
N LYS K 28 12.64 -22.82 -13.55
CA LYS K 28 13.58 -23.90 -13.88
C LYS K 28 15.02 -23.54 -13.54
N ALA K 29 15.44 -22.30 -13.87
CA ALA K 29 16.75 -21.76 -13.45
C ALA K 29 16.97 -21.71 -11.93
N ARG K 30 16.04 -21.08 -11.19
CA ARG K 30 16.09 -21.03 -9.69
C ARG K 30 16.08 -22.44 -9.09
N SER K 31 15.24 -23.30 -9.64
CA SER K 31 15.13 -24.67 -9.17
C SER K 31 16.42 -25.44 -9.48
N ARG K 32 16.99 -25.25 -10.67
CA ARG K 32 18.31 -25.82 -10.95
C ARG K 32 19.37 -25.39 -9.91
N THR K 33 19.44 -24.10 -9.59
CA THR K 33 20.40 -23.60 -8.60
C THR K 33 20.23 -24.23 -7.22
N LEU K 34 18.98 -24.26 -6.75
CA LEU K 34 18.70 -24.76 -5.41
C LEU K 34 19.09 -26.22 -5.26
N GLN K 35 18.75 -27.02 -6.26
CA GLN K 35 19.11 -28.45 -6.30
C GLN K 35 20.62 -28.62 -6.23
N GLU K 36 21.33 -27.90 -7.09
CA GLU K 36 22.77 -27.83 -7.08
C GLU K 36 23.36 -27.37 -5.75
N GLN K 37 22.72 -26.41 -5.10
CA GLN K 37 23.20 -25.97 -3.80
C GLN K 37 22.78 -26.96 -2.73
N GLY K 38 21.82 -27.81 -3.04
CA GLY K 38 21.41 -28.83 -2.12
C GLY K 38 20.48 -28.44 -1.00
N GLN K 39 19.82 -27.32 -1.11
CA GLN K 39 18.74 -27.04 -0.16
C GLN K 39 17.41 -27.64 -0.66
N TRP K 40 17.25 -27.72 -1.98
CA TRP K 40 16.19 -28.49 -2.59
C TRP K 40 16.79 -29.86 -2.93
N ARG K 41 16.47 -30.88 -2.14
CA ARG K 41 17.21 -32.14 -2.15
C ARG K 41 16.62 -33.17 -3.10
N TYR K 42 15.29 -33.31 -3.09
CA TYR K 42 14.62 -34.25 -3.98
C TYR K 42 13.49 -33.56 -4.71
N LEU K 43 13.29 -33.95 -5.96
CA LEU K 43 12.34 -33.31 -6.81
C LEU K 43 11.72 -34.36 -7.66
N TRP K 44 10.46 -34.63 -7.35
CA TRP K 44 9.65 -35.49 -8.18
C TRP K 44 8.41 -34.69 -8.58
N ARG K 45 7.63 -35.30 -9.44
CA ARG K 45 6.40 -34.74 -9.86
C ARG K 45 5.38 -35.79 -9.49
N THR K 46 4.11 -35.41 -9.41
CA THR K 46 3.06 -36.34 -9.14
C THR K 46 2.46 -36.89 -10.46
N THR K 47 2.33 -38.20 -10.55
CA THR K 47 1.85 -38.79 -11.82
C THR K 47 0.43 -38.34 -12.20
N GLY K 48 0.37 -37.63 -13.34
CA GLY K 48 -0.86 -37.10 -13.93
C GLY K 48 -1.03 -35.63 -13.63
N LYS K 49 -0.03 -35.05 -12.97
CA LYS K 49 -0.16 -33.76 -12.34
C LYS K 49 0.84 -32.73 -12.80
N TYR K 50 0.50 -31.46 -12.53
CA TYR K 50 1.32 -30.30 -12.82
C TYR K 50 1.65 -29.61 -11.53
N GLY K 51 2.90 -29.77 -11.13
CA GLY K 51 3.41 -29.13 -9.93
C GLY K 51 4.66 -29.91 -9.61
N ASN K 52 4.80 -30.25 -8.32
CA ASN K 52 5.91 -31.06 -7.86
C ASN K 52 5.70 -31.50 -6.40
N ILE K 53 6.46 -32.53 -6.01
CA ILE K 53 6.44 -32.98 -4.64
C ILE K 53 7.90 -33.22 -4.27
N SER K 54 8.42 -32.39 -3.39
CA SER K 54 9.84 -32.31 -3.16
C SER K 54 10.16 -32.45 -1.72
N VAL K 55 11.37 -32.93 -1.44
CA VAL K 55 11.97 -32.78 -0.12
C VAL K 55 12.90 -31.60 -0.17
N PHE K 56 12.74 -30.72 0.81
CA PHE K 56 13.70 -29.65 1.05
C PHE K 56 14.61 -29.97 2.21
N ASP K 57 15.85 -29.51 2.10
CA ASP K 57 16.85 -29.65 3.16
C ASP K 57 17.46 -28.29 3.45
N VAL K 58 17.05 -27.70 4.57
CA VAL K 58 17.52 -26.35 4.96
C VAL K 58 17.84 -26.28 6.44
N ASN K 59 18.26 -25.11 6.94
CA ASN K 59 18.62 -24.97 8.36
C ASN K 59 17.57 -24.28 9.24
N SER K 60 16.48 -23.83 8.65
CA SER K 60 15.43 -23.18 9.44
C SER K 60 14.13 -23.08 8.67
N HIS K 61 13.09 -22.59 9.35
CA HIS K 61 11.80 -22.34 8.73
C HIS K 61 11.91 -21.06 7.90
N ASP K 62 12.39 -19.99 8.55
CA ASP K 62 12.69 -18.67 7.97
C ASP K 62 13.31 -18.70 6.59
N GLU K 63 14.25 -19.61 6.44
CA GLU K 63 15.04 -19.78 5.26
C GLU K 63 14.29 -20.68 4.26
N LEU K 64 13.51 -21.66 4.74
CA LEU K 64 12.63 -22.37 3.79
C LEU K 64 11.58 -21.37 3.22
N HIS K 65 11.16 -20.42 4.05
CA HIS K 65 10.13 -19.46 3.64
C HIS K 65 10.68 -18.50 2.57
N GLU K 66 11.93 -18.08 2.74
CA GLU K 66 12.65 -17.32 1.72
C GLU K 66 12.82 -18.12 0.43
N ILE K 67 13.03 -19.43 0.54
CA ILE K 67 13.22 -20.19 -0.68
C ILE K 67 11.89 -20.29 -1.46
N LEU K 68 10.87 -20.88 -0.85
CA LEU K 68 9.59 -20.94 -1.56
C LEU K 68 9.13 -19.52 -2.04
N TRP K 69 9.34 -18.49 -1.21
CA TRP K 69 8.87 -17.14 -1.54
C TRP K 69 9.54 -16.60 -2.78
N SER K 70 10.81 -16.96 -2.97
CA SER K 70 11.60 -16.42 -4.06
C SER K 70 11.18 -17.05 -5.39
N LEU K 71 10.62 -18.24 -5.33
CA LEU K 71 10.25 -18.94 -6.55
C LEU K 71 9.41 -18.04 -7.47
N PRO K 72 9.86 -17.90 -8.73
CA PRO K 72 9.12 -17.23 -9.79
C PRO K 72 7.65 -17.61 -9.77
N PHE K 73 7.38 -18.91 -9.69
CA PHE K 73 6.05 -19.45 -9.62
C PHE K 73 5.23 -19.06 -8.39
N PHE K 74 5.85 -18.47 -7.39
CA PHE K 74 5.15 -18.32 -6.08
C PHE K 74 3.65 -17.91 -6.10
N PRO K 75 3.29 -16.80 -6.79
CA PRO K 75 1.89 -16.40 -6.71
C PRO K 75 0.93 -17.35 -7.43
N TYR K 76 1.44 -18.39 -8.09
CA TYR K 76 0.55 -19.40 -8.70
C TYR K 76 0.68 -20.72 -7.99
N LEU K 77 1.38 -20.68 -6.87
CA LEU K 77 1.55 -21.85 -5.98
C LEU K 77 0.66 -21.87 -4.73
N THR K 78 0.00 -23.02 -4.55
CA THR K 78 -0.54 -23.48 -3.28
C THR K 78 0.53 -24.40 -2.62
N ILE K 79 1.09 -24.00 -1.48
CA ILE K 79 2.10 -24.81 -0.86
C ILE K 79 1.75 -25.43 0.50
N ASP K 80 2.00 -26.74 0.61
CA ASP K 80 1.92 -27.48 1.87
C ASP K 80 3.31 -27.84 2.36
N VAL K 81 3.61 -27.39 3.57
CA VAL K 81 4.87 -27.75 4.16
C VAL K 81 4.60 -28.77 5.28
N GLU K 82 5.52 -29.73 5.44
CA GLU K 82 5.45 -30.73 6.50
C GLU K 82 6.87 -31.05 7.01
N PRO K 83 7.22 -30.62 8.24
CA PRO K 83 8.49 -30.97 8.84
C PRO K 83 8.64 -32.47 8.97
N LEU K 84 9.78 -32.96 8.48
CA LEU K 84 10.11 -34.35 8.50
C LEU K 84 11.09 -34.63 9.63
N SER K 85 11.18 -35.87 10.07
CA SER K 85 12.01 -36.21 11.24
C SER K 85 12.66 -37.58 11.12
N HIS K 86 13.75 -37.79 11.87
CA HIS K 86 14.50 -39.07 11.86
C HIS K 86 13.65 -40.28 12.22
N HIS K 87 13.73 -41.33 11.40
CA HIS K 87 13.03 -42.59 11.64
C HIS K 87 14.01 -43.62 12.20
N PRO K 88 13.69 -44.24 13.37
CA PRO K 88 14.68 -45.06 14.04
C PRO K 88 15.07 -46.31 13.25
N ALA K 89 14.36 -46.63 12.20
CA ALA K 89 14.75 -47.80 11.41
C ALA K 89 15.41 -47.35 10.11
N ARG K 90 15.95 -46.14 10.12
CA ARG K 90 16.63 -45.63 8.95
CA ARG K 90 16.64 -45.58 8.96
C ARG K 90 18.05 -46.16 8.90
N VAL K 91 18.34 -46.98 7.90
CA VAL K 91 19.68 -47.52 7.78
C VAL K 91 20.48 -46.84 6.67
N GLY K 92 19.80 -46.36 5.62
CA GLY K 92 20.48 -45.61 4.54
C GLY K 92 20.68 -44.12 4.83
N LYS K 93 20.90 -43.34 3.77
CA LYS K 93 20.84 -41.89 3.87
C LYS K 93 19.39 -41.39 3.82
N ASP K 94 19.13 -40.30 4.55
CA ASP K 94 17.86 -39.56 4.52
C ASP K 94 17.26 -39.54 3.11
N MET L 1 10.20 -48.17 -10.44
CA MET L 1 9.44 -46.89 -10.46
C MET L 1 8.99 -46.51 -9.03
N LEU L 2 8.95 -45.21 -8.74
CA LEU L 2 8.76 -44.65 -7.38
C LEU L 2 7.29 -44.41 -6.93
N TYR L 3 7.06 -44.50 -5.61
CA TYR L 3 5.80 -44.16 -4.94
C TYR L 3 6.08 -43.45 -3.63
N LEU L 4 5.41 -42.34 -3.37
CA LEU L 4 5.44 -41.75 -2.02
C LEU L 4 4.36 -42.45 -1.19
N VAL L 5 4.69 -42.74 0.05
CA VAL L 5 3.84 -43.66 0.81
C VAL L 5 3.85 -43.18 2.22
N ARG L 6 2.68 -42.73 2.69
CA ARG L 6 2.47 -42.38 4.09
C ARG L 6 1.72 -43.51 4.75
N MET L 7 2.18 -43.91 5.92
CA MET L 7 1.49 -44.92 6.69
C MET L 7 1.26 -44.33 8.06
N THR L 8 0.04 -44.45 8.54
CA THR L 8 -0.31 -43.92 9.86
C THR L 8 -0.63 -45.08 10.80
N VAL L 9 -0.09 -45.02 12.02
CA VAL L 9 -0.13 -46.11 13.00
C VAL L 9 -1.29 -45.95 13.99
N ASN L 10 -2.26 -46.85 13.92
CA ASN L 10 -3.39 -46.78 14.85
C ASN L 10 -3.51 -48.06 15.64
N LEU L 11 -2.54 -48.30 16.53
CA LEU L 11 -2.49 -49.51 17.35
C LEU L 11 -3.74 -49.67 18.21
N PRO L 12 -4.08 -50.92 18.58
CA PRO L 12 -5.29 -51.17 19.39
C PRO L 12 -5.15 -50.75 20.86
N ARG L 13 -6.27 -50.29 21.44
CA ARG L 13 -6.37 -50.04 22.88
C ARG L 13 -5.91 -51.25 23.70
N ASN L 14 -6.64 -52.37 23.57
CA ASN L 14 -6.33 -53.62 24.26
C ASN L 14 -5.08 -54.35 23.70
N LEU L 15 -3.94 -53.64 23.69
CA LEU L 15 -2.67 -54.25 23.31
C LEU L 15 -1.95 -54.81 24.54
N ASP L 16 -1.37 -56.00 24.40
CA ASP L 16 -0.66 -56.67 25.50
C ASP L 16 0.67 -55.99 25.83
N SER L 17 1.78 -56.74 25.77
CA SER L 17 3.08 -56.19 26.12
C SER L 17 4.23 -56.94 25.42
N ARG L 18 4.32 -58.26 25.66
CA ARG L 18 5.26 -59.13 24.94
C ARG L 18 4.84 -59.26 23.48
N GLU L 19 3.56 -58.96 23.21
CA GLU L 19 2.98 -59.00 21.87
C GLU L 19 3.30 -57.73 21.07
N GLU L 20 3.33 -56.58 21.75
CA GLU L 20 3.74 -55.30 21.18
C GLU L 20 5.23 -55.31 20.79
N GLU L 21 6.09 -55.50 21.78
CA GLU L 21 7.55 -55.54 21.59
C GLU L 21 7.95 -56.44 20.41
N ARG L 22 7.62 -57.73 20.47
CA ARG L 22 7.91 -58.67 19.38
C ARG L 22 7.39 -58.20 17.99
N LEU L 23 6.15 -57.72 17.95
CA LEU L 23 5.55 -57.13 16.74
C LEU L 23 6.37 -55.97 16.19
N LYS L 24 6.68 -54.99 17.05
CA LYS L 24 7.56 -53.87 16.71
C LYS L 24 8.89 -54.35 16.15
N ALA L 25 9.60 -55.16 16.95
CA ALA L 25 10.90 -55.66 16.56
C ALA L 25 10.83 -56.41 15.22
N SER L 26 9.70 -57.08 15.00
CA SER L 26 9.51 -57.90 13.80
C SER L 26 9.51 -57.00 12.56
N GLU L 27 9.09 -55.76 12.75
CA GLU L 27 8.97 -54.78 11.68
C GLU L 27 10.32 -54.11 11.43
N LYS L 28 10.95 -53.58 12.48
CA LYS L 28 12.27 -52.96 12.33
C LYS L 28 13.21 -53.87 11.53
N ALA L 29 12.94 -55.18 11.54
CA ALA L 29 13.77 -56.14 10.80
C ALA L 29 13.33 -56.37 9.35
N ARG L 30 12.02 -56.30 9.12
CA ARG L 30 11.48 -56.36 7.76
C ARG L 30 11.89 -55.10 7.01
N SER L 31 11.82 -53.94 7.68
CA SER L 31 12.24 -52.70 7.03
C SER L 31 13.69 -52.86 6.59
N ARG L 32 14.56 -53.15 7.55
CA ARG L 32 16.01 -53.29 7.35
C ARG L 32 16.29 -53.99 6.02
N THR L 33 15.73 -55.18 5.87
CA THR L 33 15.91 -56.00 4.67
C THR L 33 15.52 -55.25 3.38
N LEU L 34 14.32 -54.66 3.38
CA LEU L 34 13.75 -53.97 2.20
C LEU L 34 14.50 -52.72 1.80
N GLN L 35 14.94 -51.96 2.82
CA GLN L 35 15.88 -50.87 2.66
C GLN L 35 17.25 -51.31 2.10
N GLU L 36 17.82 -52.38 2.69
CA GLU L 36 19.10 -52.96 2.27
C GLU L 36 19.01 -53.49 0.81
N GLN L 37 17.91 -54.14 0.47
CA GLN L 37 17.73 -54.60 -0.91
C GLN L 37 17.36 -53.42 -1.85
N GLY L 38 17.12 -52.25 -1.27
CA GLY L 38 16.79 -51.06 -2.04
C GLY L 38 15.33 -50.72 -2.35
N GLN L 39 14.41 -51.66 -2.10
CA GLN L 39 13.00 -51.42 -2.48
C GLN L 39 12.26 -50.45 -1.57
N TRP L 40 12.82 -50.23 -0.39
CA TRP L 40 12.33 -49.20 0.49
C TRP L 40 13.39 -48.12 0.41
N ARG L 41 13.20 -47.19 -0.50
CA ARG L 41 14.24 -46.24 -0.81
C ARG L 41 14.52 -45.22 0.29
N TYR L 42 13.54 -44.41 0.66
CA TYR L 42 13.68 -43.41 1.72
C TYR L 42 12.66 -43.63 2.85
N LEU L 43 13.00 -43.20 4.05
CA LEU L 43 12.20 -43.55 5.22
C LEU L 43 12.30 -42.43 6.23
N TRP L 44 11.24 -41.61 6.32
CA TRP L 44 11.23 -40.47 7.19
C TRP L 44 10.16 -40.66 8.27
N ARG L 45 10.28 -39.88 9.34
CA ARG L 45 9.22 -39.85 10.31
C ARG L 45 8.56 -38.51 10.25
N THR L 46 7.25 -38.51 10.06
CA THR L 46 6.46 -37.30 10.25
C THR L 46 6.59 -36.83 11.67
N THR L 47 7.07 -35.60 11.83
CA THR L 47 7.34 -34.98 13.12
C THR L 47 6.14 -35.05 14.03
N GLY L 48 6.30 -35.67 15.19
CA GLY L 48 5.30 -35.62 16.25
C GLY L 48 4.20 -36.63 16.02
N LYS L 49 4.54 -37.63 15.23
CA LYS L 49 3.60 -38.63 14.79
C LYS L 49 4.24 -40.02 14.76
N TYR L 50 3.38 -41.01 14.86
CA TYR L 50 3.80 -42.37 14.78
C TYR L 50 3.45 -42.84 13.39
N GLY L 51 4.50 -43.15 12.64
CA GLY L 51 4.36 -43.75 11.34
C GLY L 51 5.44 -43.16 10.49
N ASN L 52 5.55 -43.63 9.26
CA ASN L 52 6.52 -43.05 8.36
C ASN L 52 5.90 -42.21 7.26
N ILE L 53 6.75 -41.45 6.56
CA ILE L 53 6.54 -40.98 5.21
C ILE L 53 7.68 -41.54 4.36
N SER L 54 7.37 -42.35 3.36
CA SER L 54 8.36 -43.17 2.68
C SER L 54 8.43 -43.01 1.16
N VAL L 55 9.59 -43.34 0.58
CA VAL L 55 9.68 -43.52 -0.87
C VAL L 55 10.02 -44.98 -1.22
N PHE L 56 9.25 -45.55 -2.14
CA PHE L 56 9.40 -46.93 -2.54
C PHE L 56 9.77 -47.13 -4.01
N ASP L 57 10.74 -48.00 -4.19
CA ASP L 57 11.33 -48.21 -5.48
C ASP L 57 11.14 -49.67 -5.82
N VAL L 58 10.21 -49.97 -6.72
CA VAL L 58 9.87 -51.34 -7.06
C VAL L 58 9.51 -51.39 -8.55
N ASN L 59 9.08 -52.54 -9.05
CA ASN L 59 8.90 -52.65 -10.48
C ASN L 59 7.49 -53.02 -10.93
N SER L 60 6.58 -53.14 -9.98
CA SER L 60 5.18 -53.30 -10.28
C SER L 60 4.41 -52.78 -9.07
N HIS L 61 3.11 -52.51 -9.24
CA HIS L 61 2.28 -52.21 -8.07
C HIS L 61 2.11 -53.53 -7.30
N ASP L 62 1.94 -54.62 -8.07
CA ASP L 62 1.81 -55.98 -7.53
C ASP L 62 2.96 -56.31 -6.58
N GLU L 63 4.14 -55.79 -6.88
CA GLU L 63 5.33 -56.00 -6.06
C GLU L 63 5.31 -55.17 -4.77
N LEU L 64 4.97 -53.89 -4.86
CA LEU L 64 4.85 -53.04 -3.67
C LEU L 64 3.68 -53.48 -2.78
N HIS L 65 2.56 -53.81 -3.39
CA HIS L 65 1.42 -54.28 -2.61
C HIS L 65 1.85 -55.52 -1.81
N GLU L 66 2.42 -56.50 -2.52
CA GLU L 66 2.96 -57.69 -1.86
C GLU L 66 3.88 -57.29 -0.72
N ILE L 67 4.70 -56.24 -0.91
CA ILE L 67 5.55 -55.89 0.21
C ILE L 67 4.69 -55.37 1.35
N LEU L 68 4.05 -54.21 1.18
CA LEU L 68 3.20 -53.56 2.18
C LEU L 68 2.24 -54.50 2.92
N TRP L 69 1.59 -55.37 2.14
CA TRP L 69 0.66 -56.39 2.62
C TRP L 69 1.27 -57.16 3.77
N SER L 70 2.44 -57.73 3.50
CA SER L 70 3.20 -58.52 4.46
C SER L 70 4.16 -57.69 5.33
N LEU L 71 3.83 -56.43 5.61
CA LEU L 71 4.46 -55.76 6.76
C LEU L 71 3.82 -56.33 8.00
N PRO L 72 4.63 -56.72 8.99
CA PRO L 72 4.11 -57.07 10.32
C PRO L 72 3.01 -56.12 10.83
N PHE L 73 3.22 -54.83 10.60
CA PHE L 73 2.32 -53.76 11.09
C PHE L 73 1.07 -53.55 10.23
N PHE L 74 0.99 -54.26 9.10
CA PHE L 74 0.01 -53.95 8.04
C PHE L 74 -1.44 -53.94 8.49
N PRO L 75 -1.87 -54.93 9.33
CA PRO L 75 -3.24 -54.83 9.87
C PRO L 75 -3.55 -53.59 10.74
N TYR L 76 -2.55 -52.81 11.15
CA TYR L 76 -2.87 -51.65 12.03
C TYR L 76 -2.60 -50.28 11.34
N LEU L 77 -2.34 -50.34 10.03
CA LEU L 77 -1.92 -49.16 9.24
C LEU L 77 -2.99 -48.50 8.36
N THR L 78 -2.97 -47.16 8.34
CA THR L 78 -3.62 -46.39 7.29
C THR L 78 -2.58 -45.96 6.24
N ILE L 79 -2.62 -46.58 5.06
CA ILE L 79 -1.61 -46.32 4.02
C ILE L 79 -2.19 -45.54 2.81
N ASP L 80 -1.61 -44.38 2.49
CA ASP L 80 -1.86 -43.67 1.22
C ASP L 80 -0.69 -43.92 0.24
N VAL L 81 -0.98 -44.49 -0.92
CA VAL L 81 0.03 -44.70 -1.95
C VAL L 81 -0.07 -43.63 -3.06
N GLU L 82 1.06 -42.99 -3.38
CA GLU L 82 1.11 -41.94 -4.41
C GLU L 82 2.27 -42.13 -5.42
N PRO L 83 1.97 -42.73 -6.58
CA PRO L 83 2.84 -42.86 -7.75
C PRO L 83 3.58 -41.57 -8.13
N LEU L 84 4.88 -41.71 -8.32
CA LEU L 84 5.81 -40.65 -8.61
C LEU L 84 6.31 -40.70 -10.06
N SER L 85 6.60 -39.51 -10.58
CA SER L 85 7.04 -39.38 -11.95
C SER L 85 8.29 -38.52 -12.05
N HIS L 86 9.03 -38.70 -13.13
CA HIS L 86 10.22 -37.88 -13.35
C HIS L 86 9.77 -36.44 -13.47
N HIS L 87 10.47 -35.53 -12.80
CA HIS L 87 10.16 -34.14 -12.95
C HIS L 87 11.10 -33.57 -14.00
N PRO L 88 10.59 -32.83 -15.00
CA PRO L 88 11.51 -32.35 -16.05
C PRO L 88 12.69 -31.51 -15.55
N ALA L 89 12.59 -30.91 -14.36
CA ALA L 89 13.63 -30.00 -13.87
C ALA L 89 14.65 -30.67 -12.97
N ARG L 90 14.52 -31.98 -12.78
CA ARG L 90 15.49 -32.70 -11.94
C ARG L 90 16.85 -32.77 -12.61
N VAL L 91 17.89 -32.42 -11.86
CA VAL L 91 19.24 -32.34 -12.40
C VAL L 91 20.17 -33.33 -11.70
N GLY L 92 19.67 -33.89 -10.58
CA GLY L 92 20.43 -34.84 -9.77
C GLY L 92 19.72 -36.16 -9.58
N LYS L 93 20.12 -36.87 -8.53
CA LYS L 93 19.56 -38.19 -8.25
C LYS L 93 18.06 -38.21 -7.90
N ASP L 94 17.31 -39.07 -8.62
CA ASP L 94 15.94 -39.53 -8.26
C ASP L 94 14.78 -39.14 -9.20
N MET M 1 -8.61 -10.34 26.80
CA MET M 1 -8.60 -11.79 26.47
C MET M 1 -7.99 -12.09 25.10
N LEU M 2 -7.68 -13.36 24.88
CA LEU M 2 -6.80 -13.82 23.81
C LEU M 2 -7.52 -14.60 22.71
N TYR M 3 -7.10 -14.39 21.47
CA TYR M 3 -7.60 -15.18 20.32
C TYR M 3 -6.49 -15.66 19.39
N LEU M 4 -6.58 -16.89 18.93
CA LEU M 4 -5.65 -17.35 17.91
C LEU M 4 -6.29 -16.98 16.56
N VAL M 5 -5.53 -16.26 15.74
CA VAL M 5 -6.11 -15.72 14.50
C VAL M 5 -5.21 -16.04 13.32
N ARG M 6 -5.79 -16.74 12.34
CA ARG M 6 -5.11 -17.04 11.09
C ARG M 6 -5.65 -16.22 9.93
N MET M 7 -4.74 -15.76 9.08
CA MET M 7 -5.08 -14.91 7.96
C MET M 7 -4.29 -15.32 6.74
N THR M 8 -4.99 -15.85 5.74
CA THR M 8 -4.44 -16.16 4.42
C THR M 8 -4.80 -15.07 3.38
N VAL M 9 -3.81 -14.59 2.65
CA VAL M 9 -4.02 -13.61 1.59
C VAL M 9 -4.22 -14.21 0.18
N ASN M 10 -5.18 -13.64 -0.55
CA ASN M 10 -5.47 -14.01 -1.90
C ASN M 10 -5.67 -12.71 -2.67
N LEU M 11 -4.59 -12.25 -3.28
CA LEU M 11 -4.61 -11.00 -4.03
C LEU M 11 -5.16 -11.31 -5.43
N PRO M 12 -5.93 -10.39 -6.02
CA PRO M 12 -6.35 -10.62 -7.39
C PRO M 12 -5.16 -10.43 -8.32
N ARG M 13 -4.98 -11.33 -9.28
CA ARG M 13 -3.79 -11.32 -10.11
C ARG M 13 -3.90 -10.20 -11.14
N ASN M 14 -5.02 -10.20 -11.86
CA ASN M 14 -5.35 -9.15 -12.81
C ASN M 14 -6.20 -8.05 -12.17
N LEU M 15 -5.58 -7.47 -11.16
CA LEU M 15 -5.94 -6.20 -10.55
C LEU M 15 -4.75 -5.87 -9.66
N ASP M 16 -4.06 -4.77 -9.99
CA ASP M 16 -3.25 -4.02 -9.02
C ASP M 16 -2.48 -2.87 -9.62
N SER M 17 -1.32 -3.17 -10.20
CA SER M 17 -0.34 -2.15 -10.62
C SER M 17 0.34 -1.56 -9.38
N ARG M 18 0.03 -0.30 -9.08
CA ARG M 18 0.69 0.44 -8.02
C ARG M 18 -0.09 0.28 -6.72
N GLU M 19 -1.39 0.04 -6.85
CA GLU M 19 -2.30 -0.16 -5.71
C GLU M 19 -1.77 -1.19 -4.69
N GLU M 20 -0.92 -2.11 -5.13
CA GLU M 20 -0.44 -3.20 -4.29
C GLU M 20 0.57 -2.73 -3.26
N GLU M 21 1.46 -1.82 -3.65
CA GLU M 21 2.52 -1.36 -2.75
C GLU M 21 1.91 -0.59 -1.60
N ARG M 22 0.90 0.20 -1.92
CA ARG M 22 0.23 1.05 -0.93
C ARG M 22 -0.58 0.22 0.07
N LEU M 23 -0.88 -1.00 -0.32
CA LEU M 23 -1.65 -1.93 0.47
C LEU M 23 -0.67 -2.63 1.40
N LYS M 24 0.47 -3.03 0.84
CA LYS M 24 1.53 -3.70 1.58
C LYS M 24 2.09 -2.77 2.63
N ALA M 25 2.25 -1.50 2.26
CA ALA M 25 2.79 -0.50 3.16
C ALA M 25 1.78 -0.07 4.21
N SER M 26 0.53 0.17 3.82
CA SER M 26 -0.47 0.64 4.78
C SER M 26 -0.82 -0.44 5.80
N GLU M 27 -0.81 -1.70 5.34
CA GLU M 27 -0.95 -2.89 6.20
C GLU M 27 0.23 -2.99 7.16
N LYS M 28 1.44 -2.79 6.63
CA LYS M 28 2.65 -2.78 7.48
C LYS M 28 2.51 -1.73 8.57
N ALA M 29 2.11 -0.51 8.18
CA ALA M 29 1.84 0.55 9.14
C ALA M 29 0.79 0.14 10.18
N ARG M 30 -0.42 -0.20 9.74
CA ARG M 30 -1.50 -0.62 10.65
C ARG M 30 -1.07 -1.69 11.64
N SER M 31 -0.22 -2.60 11.20
CA SER M 31 0.18 -3.68 12.09
C SER M 31 1.22 -3.26 13.14
N ARG M 32 2.07 -2.28 12.78
CA ARG M 32 3.03 -1.69 13.72
C ARG M 32 2.28 -1.10 14.89
N THR M 33 1.48 -0.08 14.61
CA THR M 33 0.63 0.55 15.61
C THR M 33 0.06 -0.49 16.56
N LEU M 34 -0.71 -1.42 16.00
CA LEU M 34 -1.45 -2.42 16.77
C LEU M 34 -0.57 -3.39 17.59
N GLN M 35 0.62 -3.71 17.08
CA GLN M 35 1.61 -4.52 17.82
C GLN M 35 2.23 -3.76 19.00
N GLU M 36 2.47 -2.47 18.78
CA GLU M 36 2.99 -1.57 19.77
C GLU M 36 2.01 -1.48 20.90
N GLN M 37 0.76 -1.27 20.54
CA GLN M 37 -0.34 -1.07 21.49
C GLN M 37 -0.72 -2.35 22.18
N GLY M 38 -0.16 -3.47 21.73
CA GLY M 38 -0.32 -4.78 22.37
C GLY M 38 -1.62 -5.54 22.16
N GLN M 39 -2.52 -5.01 21.33
CA GLN M 39 -3.71 -5.78 20.93
C GLN M 39 -3.30 -6.85 19.95
N TRP M 40 -2.23 -6.57 19.20
CA TRP M 40 -1.69 -7.54 18.28
C TRP M 40 -0.41 -8.09 18.90
N ARG M 41 -0.60 -9.05 19.81
CA ARG M 41 0.41 -9.52 20.74
C ARG M 41 1.58 -10.23 20.07
N TYR M 42 1.29 -11.33 19.38
CA TYR M 42 2.29 -12.11 18.65
C TYR M 42 1.94 -12.19 17.17
N LEU M 43 2.98 -12.11 16.33
CA LEU M 43 2.88 -12.16 14.87
C LEU M 43 3.96 -13.09 14.29
N TRP M 44 3.52 -14.02 13.44
CA TRP M 44 4.40 -15.00 12.85
C TRP M 44 3.96 -15.22 11.44
N ARG M 45 4.90 -15.64 10.61
CA ARG M 45 4.64 -15.95 9.22
C ARG M 45 4.31 -17.43 9.09
N THR M 46 3.23 -17.71 8.39
CA THR M 46 2.87 -19.09 8.05
C THR M 46 3.83 -19.61 6.98
N THR M 47 4.88 -20.32 7.41
CA THR M 47 6.01 -20.71 6.56
C THR M 47 5.59 -21.19 5.17
N GLY M 48 6.08 -20.51 4.14
CA GLY M 48 5.78 -20.87 2.76
C GLY M 48 4.44 -20.40 2.21
N LYS M 49 3.71 -19.60 2.99
CA LYS M 49 2.38 -19.11 2.56
C LYS M 49 2.28 -17.59 2.71
N TYR M 50 1.31 -16.99 2.03
CA TYR M 50 1.14 -15.56 2.17
C TYR M 50 0.16 -15.31 3.29
N GLY M 51 0.69 -15.14 4.50
CA GLY M 51 -0.15 -14.72 5.61
C GLY M 51 0.53 -14.73 6.94
N ASN M 52 -0.26 -14.72 8.01
CA ASN M 52 0.25 -14.74 9.38
C ASN M 52 -0.56 -15.64 10.30
N ILE M 53 0.10 -16.20 11.31
CA ILE M 53 -0.56 -16.75 12.48
C ILE M 53 -0.30 -15.79 13.61
N SER M 54 -1.37 -15.31 14.23
CA SER M 54 -1.25 -14.25 15.23
C SER M 54 -1.99 -14.64 16.48
N VAL M 55 -1.68 -13.98 17.58
CA VAL M 55 -2.50 -14.03 18.77
C VAL M 55 -2.91 -12.60 19.10
N PHE M 56 -4.21 -12.38 19.32
CA PHE M 56 -4.74 -11.06 19.63
C PHE M 56 -5.24 -10.92 21.06
N ASP M 57 -5.00 -9.75 21.63
CA ASP M 57 -5.36 -9.47 23.00
C ASP M 57 -6.34 -8.32 23.01
N VAL M 58 -7.64 -8.62 23.01
CA VAL M 58 -8.63 -7.54 23.04
C VAL M 58 -9.71 -7.75 24.13
N ASN M 59 -10.55 -6.73 24.32
CA ASN M 59 -11.51 -6.67 25.43
C ASN M 59 -12.89 -7.18 25.08
N SER M 60 -13.07 -7.64 23.84
CA SER M 60 -14.37 -8.10 23.36
C SER M 60 -14.28 -8.60 21.92
N HIS M 61 -15.34 -9.26 21.47
CA HIS M 61 -15.41 -9.75 20.10
C HIS M 61 -15.56 -8.59 19.12
N ASP M 62 -16.31 -7.58 19.52
CA ASP M 62 -16.57 -6.41 18.69
C ASP M 62 -15.28 -5.66 18.42
N GLU M 63 -14.44 -5.56 19.43
CA GLU M 63 -13.15 -4.98 19.32
C GLU M 63 -12.30 -5.76 18.31
N LEU M 64 -12.30 -7.09 18.41
CA LEU M 64 -11.49 -7.87 17.50
C LEU M 64 -11.97 -7.66 16.09
N HIS M 65 -13.29 -7.61 15.93
CA HIS M 65 -13.90 -7.46 14.61
C HIS M 65 -13.46 -6.21 13.88
N GLU M 66 -13.61 -5.05 14.52
CA GLU M 66 -13.31 -3.77 13.85
C GLU M 66 -11.83 -3.64 13.51
N ILE M 67 -10.99 -4.15 14.41
CA ILE M 67 -9.55 -4.20 14.16
C ILE M 67 -9.26 -4.94 12.86
N LEU M 68 -9.67 -6.22 12.80
CA LEU M 68 -9.49 -7.04 11.59
C LEU M 68 -10.06 -6.34 10.34
N TRP M 69 -11.26 -5.76 10.50
CA TRP M 69 -11.90 -5.06 9.40
C TRP M 69 -11.03 -3.92 8.91
N SER M 70 -10.37 -3.28 9.86
CA SER M 70 -9.58 -2.11 9.57
C SER M 70 -8.20 -2.46 9.01
N LEU M 71 -7.84 -3.74 8.99
CA LEU M 71 -6.60 -4.15 8.32
C LEU M 71 -6.73 -3.87 6.82
N PRO M 72 -5.77 -3.15 6.24
CA PRO M 72 -5.78 -2.88 4.79
C PRO M 72 -5.98 -4.14 3.90
N PHE M 73 -5.37 -5.27 4.25
CA PHE M 73 -5.49 -6.51 3.49
C PHE M 73 -6.84 -7.17 3.75
N PHE M 74 -7.75 -6.58 4.51
CA PHE M 74 -8.97 -7.33 4.90
C PHE M 74 -9.81 -7.85 3.73
N PRO M 75 -10.00 -7.03 2.66
CA PRO M 75 -10.81 -7.55 1.54
C PRO M 75 -10.22 -8.78 0.83
N TYR M 76 -8.97 -9.12 1.12
CA TYR M 76 -8.31 -10.29 0.48
C TYR M 76 -7.92 -11.42 1.46
N LEU M 77 -8.44 -11.36 2.69
CA LEU M 77 -8.04 -12.31 3.71
C LEU M 77 -9.04 -13.41 3.91
N THR M 78 -8.52 -14.57 4.27
CA THR M 78 -9.34 -15.60 4.86
C THR M 78 -8.95 -15.71 6.31
N ILE M 79 -9.92 -15.51 7.18
CA ILE M 79 -9.66 -15.33 8.60
C ILE M 79 -10.33 -16.40 9.41
N ASP M 80 -9.54 -17.18 10.14
CA ASP M 80 -10.05 -18.12 11.14
C ASP M 80 -9.79 -17.52 12.52
N VAL M 81 -10.83 -17.51 13.36
CA VAL M 81 -10.75 -16.95 14.70
C VAL M 81 -11.02 -18.05 15.72
N GLU M 82 -10.18 -18.13 16.75
CA GLU M 82 -10.26 -19.14 17.78
C GLU M 82 -10.07 -18.47 19.15
N PRO M 83 -11.05 -18.64 20.08
CA PRO M 83 -10.86 -18.14 21.43
C PRO M 83 -9.84 -19.01 22.15
N LEU M 84 -8.98 -18.35 22.92
CA LEU M 84 -7.99 -19.02 23.73
C LEU M 84 -8.28 -18.75 25.20
N SER M 85 -8.16 -19.79 26.01
CA SER M 85 -8.34 -19.66 27.45
C SER M 85 -7.08 -20.09 28.17
N HIS M 86 -6.91 -19.58 29.40
CA HIS M 86 -5.85 -20.06 30.26
C HIS M 86 -5.87 -21.57 30.49
N HIS M 87 -4.68 -22.18 30.44
CA HIS M 87 -4.49 -23.59 30.71
C HIS M 87 -3.99 -23.72 32.15
N PRO M 88 -4.56 -24.65 32.96
CA PRO M 88 -4.12 -24.72 34.36
C PRO M 88 -2.67 -25.17 34.51
N ALA M 89 -2.15 -25.92 33.54
CA ALA M 89 -0.77 -26.42 33.59
C ALA M 89 0.23 -25.42 33.04
N ARG M 90 -0.23 -24.18 32.84
CA ARG M 90 0.61 -23.08 32.39
C ARG M 90 1.41 -22.61 33.56
N VAL M 91 2.74 -22.58 33.42
CA VAL M 91 3.60 -22.11 34.50
C VAL M 91 4.15 -20.70 34.27
N GLY M 92 4.58 -20.40 33.06
CA GLY M 92 4.96 -19.03 32.73
C GLY M 92 3.79 -18.12 33.00
N LYS M 93 3.84 -16.88 32.51
CA LYS M 93 2.66 -16.01 32.55
C LYS M 93 1.67 -16.37 31.42
N ASP M 94 0.40 -15.98 31.60
CA ASP M 94 -0.75 -16.25 30.68
C ASP M 94 -1.97 -16.86 31.41
N MET N 1 13.95 -22.07 17.28
CA MET N 1 12.94 -21.69 16.25
C MET N 1 11.55 -22.28 16.53
N LEU N 2 10.54 -21.57 16.03
CA LEU N 2 9.18 -21.66 16.55
C LEU N 2 8.30 -22.63 15.80
N TYR N 3 7.52 -23.39 16.58
CA TYR N 3 6.53 -24.29 16.05
C TYR N 3 5.19 -23.98 16.78
N LEU N 4 4.09 -24.06 16.04
CA LEU N 4 2.78 -23.94 16.65
C LEU N 4 2.24 -25.36 16.65
N VAL N 5 1.87 -25.83 17.83
CA VAL N 5 1.51 -27.22 17.98
C VAL N 5 0.12 -27.25 18.55
N ARG N 6 -0.68 -28.18 18.03
CA ARG N 6 -2.04 -28.38 18.50
C ARG N 6 -2.15 -29.79 19.02
N MET N 7 -2.70 -29.89 20.22
CA MET N 7 -2.87 -31.19 20.84
C MET N 7 -4.31 -31.42 21.27
N THR N 8 -4.82 -32.57 20.88
CA THR N 8 -6.10 -33.07 21.32
C THR N 8 -5.84 -34.26 22.23
N VAL N 9 -6.50 -34.28 23.38
CA VAL N 9 -6.35 -35.38 24.32
C VAL N 9 -7.57 -36.28 24.31
N ASN N 10 -7.33 -37.58 24.30
CA ASN N 10 -8.38 -38.56 24.36
C ASN N 10 -7.95 -39.76 25.19
N LEU N 11 -7.99 -39.57 26.52
CA LEU N 11 -7.69 -40.66 27.44
C LEU N 11 -8.79 -41.69 27.33
N PRO N 12 -8.45 -42.97 27.57
CA PRO N 12 -9.44 -44.06 27.60
C PRO N 12 -10.68 -43.63 28.39
N ARG N 13 -11.87 -43.79 27.79
CA ARG N 13 -13.13 -43.39 28.44
C ARG N 13 -13.09 -43.82 29.91
N ASN N 14 -12.66 -45.05 30.13
CA ASN N 14 -12.32 -45.57 31.45
C ASN N 14 -11.64 -46.88 31.17
N LEU N 15 -10.38 -46.99 31.53
CA LEU N 15 -9.64 -48.22 31.33
C LEU N 15 -8.53 -48.37 32.38
N ASP N 16 -8.18 -47.25 33.02
CA ASP N 16 -7.16 -47.23 34.09
C ASP N 16 -7.69 -46.85 35.50
N SER N 17 -6.90 -47.18 36.55
CA SER N 17 -7.19 -46.73 37.92
C SER N 17 -6.01 -46.10 38.67
N ARG N 18 -4.92 -46.87 38.84
CA ARG N 18 -3.73 -46.43 39.59
C ARG N 18 -2.59 -46.02 38.64
N GLU N 19 -2.68 -46.50 37.40
CA GLU N 19 -1.88 -46.00 36.29
C GLU N 19 -2.32 -44.57 35.95
N GLU N 20 -3.61 -44.28 36.19
CA GLU N 20 -4.19 -42.96 35.95
C GLU N 20 -3.57 -41.86 36.82
N GLU N 21 -3.25 -42.19 38.07
CA GLU N 21 -2.55 -41.25 38.97
C GLU N 21 -1.10 -40.98 38.51
N ARG N 22 -0.35 -42.04 38.22
CA ARG N 22 1.02 -41.95 37.70
C ARG N 22 1.17 -41.34 36.30
N LEU N 23 0.12 -41.49 35.48
CA LEU N 23 0.12 -40.94 34.12
C LEU N 23 -0.11 -39.44 34.16
N LYS N 24 -1.09 -39.00 34.95
CA LYS N 24 -1.42 -37.59 35.08
C LYS N 24 -0.30 -36.84 35.77
N ALA N 25 0.26 -37.45 36.81
CA ALA N 25 1.37 -36.81 37.55
C ALA N 25 2.59 -36.59 36.66
N SER N 26 3.10 -37.67 36.07
CA SER N 26 4.21 -37.67 35.09
C SER N 26 4.06 -36.61 33.97
N GLU N 27 2.86 -36.54 33.38
CA GLU N 27 2.54 -35.57 32.35
C GLU N 27 2.70 -34.12 32.79
N LYS N 28 2.36 -33.81 34.04
CA LYS N 28 2.53 -32.45 34.54
C LYS N 28 3.98 -32.17 34.97
N ALA N 29 4.66 -33.19 35.49
CA ALA N 29 6.08 -33.09 35.82
C ALA N 29 6.90 -32.68 34.58
N ARG N 30 6.54 -33.29 33.45
CA ARG N 30 7.22 -33.15 32.16
C ARG N 30 6.83 -31.84 31.51
N SER N 31 5.57 -31.43 31.68
CA SER N 31 5.06 -30.15 31.21
C SER N 31 5.63 -28.95 31.95
N ARG N 32 5.91 -29.11 33.24
CA ARG N 32 6.47 -28.04 34.06
CA ARG N 32 6.44 -28.00 34.00
C ARG N 32 7.88 -27.71 33.58
N THR N 33 8.74 -28.72 33.58
CA THR N 33 10.16 -28.55 33.27
C THR N 33 10.43 -28.12 31.84
N LEU N 34 9.63 -28.64 30.91
CA LEU N 34 9.74 -28.24 29.51
C LEU N 34 9.37 -26.77 29.34
N GLN N 35 8.43 -26.32 30.17
CA GLN N 35 8.06 -24.92 30.18
C GLN N 35 9.10 -24.08 30.89
N GLU N 36 9.65 -24.65 31.95
CA GLU N 36 10.69 -24.01 32.77
C GLU N 36 11.98 -23.73 31.97
N GLN N 37 12.44 -24.74 31.24
CA GLN N 37 13.65 -24.61 30.45
C GLN N 37 13.37 -23.72 29.22
N GLY N 38 12.12 -23.28 29.02
CA GLY N 38 11.69 -22.45 27.89
C GLY N 38 11.41 -23.15 26.56
N GLN N 39 11.77 -24.43 26.44
CA GLN N 39 11.46 -25.18 25.22
C GLN N 39 9.96 -25.24 24.88
N TRP N 40 9.14 -25.21 25.91
CA TRP N 40 7.70 -25.15 25.76
C TRP N 40 7.37 -23.76 26.20
N ARG N 41 7.24 -22.89 25.20
CA ARG N 41 7.20 -21.45 25.41
C ARG N 41 5.81 -20.93 25.70
N TYR N 42 4.82 -21.47 24.99
CA TYR N 42 3.44 -21.03 25.19
C TYR N 42 2.48 -22.18 25.34
N LEU N 43 1.50 -21.96 26.22
CA LEU N 43 0.52 -22.97 26.55
C LEU N 43 -0.83 -22.28 26.77
N TRP N 44 -1.83 -22.70 25.99
CA TRP N 44 -3.21 -22.19 26.10
C TRP N 44 -4.23 -23.30 25.93
N ARG N 45 -5.36 -23.17 26.59
CA ARG N 45 -6.45 -24.13 26.41
C ARG N 45 -7.25 -23.68 25.21
N THR N 46 -7.55 -24.62 24.33
CA THR N 46 -8.56 -24.41 23.29
C THR N 46 -9.93 -24.36 23.99
N THR N 47 -10.54 -23.18 24.07
CA THR N 47 -11.80 -22.98 24.83
C THR N 47 -12.89 -24.02 24.50
N GLY N 48 -13.33 -24.81 25.49
CA GLY N 48 -14.41 -25.79 25.31
C GLY N 48 -13.95 -27.19 25.01
N LYS N 49 -12.64 -27.36 24.89
CA LYS N 49 -12.07 -28.66 24.59
C LYS N 49 -11.03 -29.03 25.61
N TYR N 50 -10.65 -30.30 25.59
CA TYR N 50 -9.53 -30.83 26.34
C TYR N 50 -8.25 -30.74 25.52
N GLY N 51 -8.01 -29.63 24.86
CA GLY N 51 -6.83 -29.54 23.99
C GLY N 51 -6.02 -28.30 24.29
N ASN N 52 -4.82 -28.23 23.73
CA ASN N 52 -4.05 -27.01 23.86
C ASN N 52 -3.58 -26.52 22.52
N ILE N 53 -3.37 -25.22 22.47
CA ILE N 53 -2.63 -24.55 21.44
C ILE N 53 -1.27 -24.23 22.06
N SER N 54 -0.19 -24.80 21.49
CA SER N 54 1.18 -24.60 21.96
C SER N 54 2.18 -24.02 20.94
N VAL N 55 3.10 -23.19 21.47
CA VAL N 55 4.30 -22.72 20.76
C VAL N 55 5.56 -23.39 21.36
N PHE N 56 6.21 -24.24 20.56
CA PHE N 56 7.48 -24.86 20.94
C PHE N 56 8.69 -24.16 20.29
N ASP N 57 9.78 -24.10 21.07
CA ASP N 57 10.95 -23.32 20.76
C ASP N 57 12.16 -24.24 20.90
N VAL N 58 12.56 -24.81 19.78
CA VAL N 58 13.57 -25.82 19.74
C VAL N 58 14.35 -25.64 18.44
N ASN N 59 15.46 -26.39 18.27
CA ASN N 59 16.41 -26.14 17.19
C ASN N 59 16.31 -27.14 16.01
N SER N 60 15.66 -28.28 16.18
CA SER N 60 15.27 -29.10 15.03
C SER N 60 13.88 -29.73 15.18
N HIS N 61 13.43 -30.40 14.10
CA HIS N 61 12.20 -31.22 14.09
C HIS N 61 12.40 -32.57 14.77
N ASP N 62 13.65 -33.07 14.73
CA ASP N 62 14.02 -34.24 15.50
C ASP N 62 13.94 -33.89 16.97
N GLU N 63 14.42 -32.71 17.34
CA GLU N 63 14.38 -32.30 18.73
C GLU N 63 12.96 -32.24 19.21
N LEU N 64 12.10 -31.49 18.53
CA LEU N 64 10.71 -31.43 18.95
C LEU N 64 10.01 -32.81 18.89
N HIS N 65 10.39 -33.68 17.95
CA HIS N 65 9.80 -35.03 17.83
C HIS N 65 10.06 -35.85 19.09
N GLU N 66 11.33 -35.99 19.46
CA GLU N 66 11.73 -36.64 20.71
C GLU N 66 11.12 -35.97 21.97
N ILE N 67 10.91 -34.67 21.94
CA ILE N 67 10.16 -34.05 23.05
C ILE N 67 8.69 -34.51 22.98
N LEU N 68 8.11 -34.52 21.79
CA LEU N 68 6.71 -34.84 21.76
C LEU N 68 6.49 -36.30 22.14
N TRP N 69 7.31 -37.18 21.58
CA TRP N 69 7.26 -38.60 21.80
C TRP N 69 7.49 -38.95 23.26
N SER N 70 8.03 -37.98 24.02
CA SER N 70 8.47 -38.16 25.42
C SER N 70 7.39 -37.91 26.46
N LEU N 71 6.29 -37.33 26.02
CA LEU N 71 5.18 -37.07 26.93
C LEU N 71 4.48 -38.35 27.37
N PRO N 72 4.24 -38.46 28.69
CA PRO N 72 3.45 -39.57 29.24
C PRO N 72 2.07 -39.67 28.57
N PHE N 73 1.57 -38.54 28.04
CA PHE N 73 0.29 -38.48 27.32
C PHE N 73 0.35 -38.88 25.84
N PHE N 74 1.54 -39.04 25.31
CA PHE N 74 1.67 -39.10 23.84
C PHE N 74 0.81 -40.19 23.15
N PRO N 75 0.73 -41.40 23.73
CA PRO N 75 -0.17 -42.38 23.13
C PRO N 75 -1.62 -41.95 23.02
N TYR N 76 -2.00 -40.86 23.71
CA TYR N 76 -3.40 -40.40 23.75
C TYR N 76 -3.56 -39.03 23.13
N LEU N 77 -2.58 -38.65 22.32
CA LEU N 77 -2.58 -37.36 21.67
C LEU N 77 -2.82 -37.47 20.18
N THR N 78 -3.40 -36.40 19.66
CA THR N 78 -3.62 -36.16 18.26
C THR N 78 -2.81 -34.88 18.01
N ILE N 79 -1.64 -35.00 17.40
CA ILE N 79 -0.78 -33.82 17.28
C ILE N 79 -0.79 -33.18 15.89
N ASP N 80 -0.85 -31.85 15.86
CA ASP N 80 -0.65 -31.10 14.59
C ASP N 80 0.53 -30.12 14.76
N VAL N 81 1.54 -30.26 13.90
CA VAL N 81 2.76 -29.45 13.98
C VAL N 81 2.83 -28.46 12.84
N GLU N 82 3.07 -27.20 13.16
CA GLU N 82 3.18 -26.17 12.14
C GLU N 82 4.35 -25.24 12.41
N PRO N 83 5.26 -25.12 11.43
CA PRO N 83 6.39 -24.20 11.43
C PRO N 83 5.99 -22.75 11.48
N LEU N 84 6.50 -22.00 12.45
CA LEU N 84 6.38 -20.55 12.38
C LEU N 84 7.64 -20.02 11.74
N SER N 85 7.48 -18.94 10.98
CA SER N 85 8.59 -18.16 10.45
C SER N 85 8.50 -16.76 10.97
N HIS N 86 9.61 -16.04 10.83
CA HIS N 86 9.59 -14.61 11.09
C HIS N 86 8.68 -13.93 10.09
N HIS N 87 7.88 -12.99 10.59
CA HIS N 87 7.12 -12.08 9.75
C HIS N 87 7.88 -10.75 9.73
N PRO N 88 8.11 -10.19 8.52
CA PRO N 88 8.88 -8.96 8.36
C PRO N 88 8.26 -7.72 9.05
N ALA N 89 6.97 -7.78 9.36
CA ALA N 89 6.29 -6.69 10.05
C ALA N 89 6.25 -6.86 11.59
N ARG N 90 6.98 -7.86 12.09
CA ARG N 90 7.11 -8.16 13.53
C ARG N 90 7.71 -6.96 14.25
N VAL N 91 7.12 -6.56 15.38
CA VAL N 91 7.55 -5.35 16.08
C VAL N 91 8.33 -5.60 17.40
N GLY N 92 8.77 -6.84 17.58
CA GLY N 92 9.86 -7.20 18.51
C GLY N 92 10.56 -8.52 18.17
N LYS N 93 10.68 -9.38 19.16
CA LYS N 93 11.22 -10.72 18.96
C LYS N 93 10.08 -11.66 18.56
N ASP N 94 10.45 -12.86 18.11
CA ASP N 94 9.54 -13.97 17.78
C ASP N 94 9.66 -14.31 16.30
N MET O 1 -41.65 -21.01 13.13
CA MET O 1 -40.61 -22.01 13.46
C MET O 1 -39.21 -21.52 13.02
N LEU O 2 -38.15 -22.16 13.52
CA LEU O 2 -36.84 -21.53 13.57
C LEU O 2 -35.79 -22.16 12.68
N TYR O 3 -35.04 -21.36 11.95
CA TYR O 3 -33.87 -21.90 11.27
C TYR O 3 -32.63 -21.12 11.61
N LEU O 4 -31.51 -21.83 11.73
CA LEU O 4 -30.20 -21.21 11.80
C LEU O 4 -29.64 -21.08 10.37
N VAL O 5 -29.30 -19.85 9.97
CA VAL O 5 -28.87 -19.55 8.63
C VAL O 5 -27.52 -18.80 8.66
N ARG O 6 -26.55 -19.34 7.91
CA ARG O 6 -25.24 -18.69 7.72
C ARG O 6 -25.15 -18.18 6.30
N MET O 7 -24.75 -16.93 6.21
CA MET O 7 -24.57 -16.25 4.93
C MET O 7 -23.16 -15.66 4.82
N THR O 8 -22.48 -16.00 3.74
CA THR O 8 -21.18 -15.42 3.41
C THR O 8 -21.36 -14.61 2.13
N VAL O 9 -20.89 -13.37 2.21
CA VAL O 9 -20.97 -12.37 1.16
C VAL O 9 -19.75 -12.39 0.25
N ASN O 10 -19.94 -12.50 -1.06
CA ASN O 10 -18.86 -12.35 -2.03
C ASN O 10 -19.21 -11.34 -3.15
N LEU O 11 -19.05 -10.06 -2.86
CA LEU O 11 -19.34 -8.96 -3.78
C LEU O 11 -18.40 -8.96 -4.99
N PRO O 12 -18.94 -8.71 -6.22
CA PRO O 12 -18.05 -8.74 -7.38
C PRO O 12 -16.93 -7.71 -7.21
N ARG O 13 -15.70 -8.13 -7.53
CA ARG O 13 -14.47 -7.46 -7.10
C ARG O 13 -14.20 -6.12 -7.76
N ASN O 14 -14.16 -6.10 -9.09
CA ASN O 14 -13.79 -4.90 -9.83
C ASN O 14 -14.96 -3.93 -9.96
N LEU O 15 -15.42 -3.72 -11.19
CA LEU O 15 -16.48 -2.76 -11.46
C LEU O 15 -17.66 -2.93 -10.50
N ASP O 16 -18.09 -1.79 -9.98
CA ASP O 16 -19.39 -1.64 -9.35
C ASP O 16 -19.64 -0.13 -9.32
N SER O 17 -19.20 0.52 -8.24
CA SER O 17 -19.19 1.98 -8.09
C SER O 17 -20.44 2.58 -7.44
N ARG O 18 -21.34 3.09 -8.27
CA ARG O 18 -22.59 3.69 -7.79
C ARG O 18 -23.65 2.60 -7.62
N GLU O 19 -23.52 1.52 -8.37
CA GLU O 19 -24.40 0.35 -8.24
C GLU O 19 -24.04 -0.50 -7.01
N GLU O 20 -22.78 -0.43 -6.58
CA GLU O 20 -22.41 -0.99 -5.29
C GLU O 20 -23.13 -0.23 -4.19
N GLU O 21 -23.20 1.10 -4.33
CA GLU O 21 -23.82 1.97 -3.33
C GLU O 21 -25.29 1.67 -3.22
N ARG O 22 -25.99 1.60 -4.35
CA ARG O 22 -27.41 1.27 -4.35
C ARG O 22 -27.71 -0.13 -3.75
N LEU O 23 -26.89 -1.11 -4.11
CA LEU O 23 -27.03 -2.49 -3.63
C LEU O 23 -26.96 -2.60 -2.11
N LYS O 24 -25.90 -2.07 -1.52
CA LYS O 24 -25.71 -2.08 -0.06
C LYS O 24 -26.80 -1.26 0.64
N ALA O 25 -27.30 -0.24 -0.05
CA ALA O 25 -28.41 0.56 0.44
C ALA O 25 -29.65 -0.30 0.56
N SER O 26 -30.00 -0.99 -0.52
CA SER O 26 -31.22 -1.78 -0.52
C SER O 26 -31.09 -3.11 0.23
N GLU O 27 -29.89 -3.70 0.27
CA GLU O 27 -29.61 -4.87 1.12
C GLU O 27 -29.96 -4.53 2.56
N LYS O 28 -29.50 -3.37 3.00
CA LYS O 28 -29.72 -2.90 4.37
C LYS O 28 -31.20 -2.61 4.68
N ALA O 29 -31.88 -1.86 3.82
CA ALA O 29 -33.33 -1.60 3.95
C ALA O 29 -34.17 -2.91 3.91
N ARG O 30 -33.73 -3.88 3.11
CA ARG O 30 -34.41 -5.17 3.08
C ARG O 30 -34.27 -5.84 4.45
N SER O 31 -33.03 -5.94 4.93
CA SER O 31 -32.80 -6.50 6.27
C SER O 31 -33.55 -5.77 7.36
N ARG O 32 -33.63 -4.43 7.28
CA ARG O 32 -34.32 -3.66 8.32
C ARG O 32 -35.79 -3.99 8.44
N THR O 33 -36.46 -4.18 7.29
CA THR O 33 -37.88 -4.53 7.26
C THR O 33 -38.09 -5.95 7.80
N LEU O 34 -37.21 -6.88 7.42
CA LEU O 34 -37.34 -8.29 7.78
C LEU O 34 -37.17 -8.50 9.28
N GLN O 35 -36.34 -7.66 9.90
CA GLN O 35 -36.18 -7.71 11.36
C GLN O 35 -37.34 -7.04 12.06
N GLU O 36 -37.80 -5.94 11.49
CA GLU O 36 -38.89 -5.20 12.12
C GLU O 36 -40.13 -6.07 12.18
N GLN O 37 -40.36 -6.81 11.10
CA GLN O 37 -41.55 -7.62 11.02
CA GLN O 37 -41.55 -7.64 10.98
C GLN O 37 -41.41 -8.95 11.79
N GLY O 38 -40.18 -9.33 12.12
CA GLY O 38 -39.93 -10.47 13.01
C GLY O 38 -39.50 -11.81 12.42
N GLN O 39 -39.26 -11.86 11.12
CA GLN O 39 -38.84 -13.10 10.55
C GLN O 39 -37.34 -13.21 10.65
N TRP O 40 -36.65 -12.11 10.34
CA TRP O 40 -35.23 -12.05 10.60
C TRP O 40 -35.12 -11.79 12.11
N ARG O 41 -35.21 -12.85 12.89
CA ARG O 41 -35.25 -12.70 14.33
C ARG O 41 -33.91 -12.30 14.95
N TYR O 42 -32.87 -13.08 14.67
CA TYR O 42 -31.54 -12.75 15.17
C TYR O 42 -30.55 -12.56 14.07
N LEU O 43 -29.74 -11.53 14.22
CA LEU O 43 -28.72 -11.21 13.22
C LEU O 43 -27.43 -10.82 13.92
N TRP O 44 -26.41 -11.65 13.75
CA TRP O 44 -25.12 -11.42 14.32
C TRP O 44 -24.06 -11.52 13.27
N ARG O 45 -22.92 -10.91 13.59
CA ARG O 45 -21.77 -10.97 12.74
C ARG O 45 -20.84 -12.03 13.24
N THR O 46 -20.29 -12.76 12.30
CA THR O 46 -19.22 -13.69 12.50
C THR O 46 -17.96 -12.85 12.71
N THR O 47 -17.42 -12.85 13.93
CA THR O 47 -16.23 -12.07 14.24
C THR O 47 -15.16 -12.38 13.19
N GLY O 48 -14.81 -11.35 12.43
CA GLY O 48 -13.72 -11.41 11.49
C GLY O 48 -14.09 -11.70 10.06
N LYS O 49 -15.39 -11.78 9.75
CA LYS O 49 -15.85 -12.20 8.42
C LYS O 49 -16.82 -11.22 7.78
N TYR O 50 -16.89 -11.19 6.46
CA TYR O 50 -18.03 -10.55 5.81
C TYR O 50 -19.15 -11.57 5.75
N GLY O 51 -19.97 -11.57 6.78
CA GLY O 51 -21.10 -12.47 6.80
C GLY O 51 -22.01 -12.26 7.99
N ASN O 52 -22.87 -13.24 8.20
CA ASN O 52 -23.76 -13.19 9.32
C ASN O 52 -24.20 -14.58 9.71
N ILE O 53 -24.43 -14.74 11.02
CA ILE O 53 -25.10 -15.90 11.54
C ILE O 53 -26.43 -15.40 12.03
N SER O 54 -27.51 -16.00 11.53
CA SER O 54 -28.86 -15.51 11.75
C SER O 54 -29.85 -16.61 12.17
N VAL O 55 -30.88 -16.15 12.85
CA VAL O 55 -32.00 -17.03 13.13
C VAL O 55 -33.19 -16.47 12.44
N PHE O 56 -33.83 -17.31 11.61
CA PHE O 56 -35.09 -16.92 11.02
C PHE O 56 -36.26 -17.63 11.64
N ASP O 57 -37.33 -16.87 11.82
CA ASP O 57 -38.57 -17.37 12.39
C ASP O 57 -39.63 -17.25 11.29
N VAL O 58 -39.85 -18.32 10.53
CA VAL O 58 -40.87 -18.28 9.49
C VAL O 58 -41.80 -19.48 9.59
N ASN O 59 -42.89 -19.48 8.83
CA ASN O 59 -43.82 -20.61 9.00
C ASN O 59 -43.67 -21.75 7.99
N SER O 60 -42.82 -21.57 6.97
CA SER O 60 -42.47 -22.66 6.05
C SER O 60 -41.07 -22.53 5.42
N HIS O 61 -40.59 -23.62 4.79
CA HIS O 61 -39.34 -23.62 4.04
C HIS O 61 -39.46 -22.63 2.88
N ASP O 62 -40.59 -22.70 2.15
CA ASP O 62 -40.88 -21.73 1.09
C ASP O 62 -40.91 -20.27 1.56
N GLU O 63 -41.48 -20.02 2.72
CA GLU O 63 -41.46 -18.66 3.25
C GLU O 63 -40.01 -18.25 3.31
N LEU O 64 -39.19 -19.10 3.92
CA LEU O 64 -37.76 -18.77 4.06
C LEU O 64 -37.03 -18.69 2.71
N HIS O 65 -37.28 -19.64 1.82
CA HIS O 65 -36.64 -19.59 0.54
C HIS O 65 -36.92 -18.25 -0.22
N GLU O 66 -38.19 -17.80 -0.21
CA GLU O 66 -38.61 -16.53 -0.85
C GLU O 66 -37.88 -15.34 -0.27
N ILE O 67 -37.74 -15.32 1.05
CA ILE O 67 -37.08 -14.23 1.76
C ILE O 67 -35.62 -14.12 1.39
N LEU O 68 -34.91 -15.24 1.39
CA LEU O 68 -33.51 -15.24 1.02
C LEU O 68 -33.31 -14.81 -0.44
N TRP O 69 -34.12 -15.38 -1.33
CA TRP O 69 -34.07 -15.10 -2.76
C TRP O 69 -34.39 -13.62 -2.99
N SER O 70 -35.15 -13.03 -2.09
CA SER O 70 -35.56 -11.63 -2.20
C SER O 70 -34.53 -10.62 -1.69
N LEU O 71 -33.41 -11.09 -1.15
CA LEU O 71 -32.33 -10.24 -0.69
C LEU O 71 -31.48 -9.77 -1.84
N PRO O 72 -31.25 -8.46 -1.92
CA PRO O 72 -30.46 -7.85 -3.00
C PRO O 72 -29.09 -8.51 -3.16
N PHE O 73 -28.54 -9.02 -2.06
CA PHE O 73 -27.22 -9.67 -2.05
C PHE O 73 -27.25 -11.11 -2.48
N PHE O 74 -28.44 -11.67 -2.66
CA PHE O 74 -28.59 -13.12 -2.87
C PHE O 74 -27.64 -13.69 -3.91
N PRO O 75 -27.50 -13.07 -5.10
CA PRO O 75 -26.57 -13.60 -6.10
C PRO O 75 -25.13 -13.74 -5.58
N TYR O 76 -24.75 -12.94 -4.59
CA TYR O 76 -23.39 -12.94 -4.01
C TYR O 76 -23.27 -13.72 -2.68
N LEU O 77 -24.32 -14.45 -2.33
CA LEU O 77 -24.38 -15.17 -1.04
C LEU O 77 -24.10 -16.65 -1.13
N THR O 78 -23.28 -17.13 -0.20
CA THR O 78 -23.23 -18.55 0.08
C THR O 78 -24.03 -18.68 1.37
N ILE O 79 -25.00 -19.59 1.34
CA ILE O 79 -26.02 -19.70 2.34
C ILE O 79 -26.18 -21.14 2.78
N ASP O 80 -26.06 -21.35 4.08
CA ASP O 80 -26.31 -22.63 4.74
C ASP O 80 -27.54 -22.47 5.61
N VAL O 81 -28.46 -23.43 5.51
CA VAL O 81 -29.69 -23.41 6.30
C VAL O 81 -29.84 -24.68 7.12
N GLU O 82 -30.12 -24.49 8.42
CA GLU O 82 -30.20 -25.56 9.37
C GLU O 82 -31.47 -25.34 10.19
N PRO O 83 -32.44 -26.27 10.07
CA PRO O 83 -33.69 -26.19 10.84
C PRO O 83 -33.41 -26.48 12.30
N LEU O 84 -34.10 -25.76 13.19
CA LEU O 84 -33.93 -25.84 14.63
C LEU O 84 -35.21 -26.38 15.29
N SER O 85 -34.99 -27.27 16.22
CA SER O 85 -36.06 -27.86 16.96
C SER O 85 -36.02 -27.38 18.40
N HIS O 86 -37.19 -27.34 19.03
CA HIS O 86 -37.33 -27.20 20.48
C HIS O 86 -36.38 -28.12 21.27
N HIS O 87 -35.71 -27.57 22.30
CA HIS O 87 -34.94 -28.39 23.23
C HIS O 87 -35.74 -28.59 24.56
N PRO O 88 -35.93 -29.85 25.00
CA PRO O 88 -36.66 -30.16 26.25
C PRO O 88 -36.11 -29.47 27.48
N ALA O 89 -34.80 -29.21 27.50
CA ALA O 89 -34.17 -28.55 28.63
C ALA O 89 -34.28 -27.05 28.52
N ARG O 90 -34.93 -26.54 27.49
CA ARG O 90 -35.06 -25.07 27.33
C ARG O 90 -35.96 -24.40 28.34
N VAL O 91 -35.49 -23.33 29.00
CA VAL O 91 -36.37 -22.53 29.86
C VAL O 91 -36.96 -21.33 29.15
N GLY O 92 -38.28 -21.25 29.22
CA GLY O 92 -39.04 -20.28 28.45
C GLY O 92 -39.12 -20.57 26.96
N LYS O 93 -39.07 -19.49 26.18
CA LYS O 93 -39.43 -19.51 24.76
C LYS O 93 -38.29 -20.03 23.87
N ASP O 94 -38.63 -20.83 22.85
CA ASP O 94 -37.65 -21.27 21.84
C ASP O 94 -37.13 -20.05 21.12
N MET P 1 -20.61 -11.28 26.55
CA MET P 1 -20.54 -11.43 25.05
C MET P 1 -20.91 -12.81 24.47
N LEU P 2 -21.03 -12.83 23.15
CA LEU P 2 -21.82 -13.85 22.45
C LEU P 2 -20.94 -14.85 21.78
N TYR P 3 -21.12 -16.11 22.13
CA TYR P 3 -20.46 -17.13 21.40
C TYR P 3 -21.56 -18.00 20.85
N LEU P 4 -21.37 -18.52 19.64
CA LEU P 4 -22.30 -19.56 19.20
C LEU P 4 -21.62 -20.84 19.55
N VAL P 5 -22.37 -21.76 20.14
CA VAL P 5 -21.82 -23.03 20.66
C VAL P 5 -22.59 -24.28 20.20
N ARG P 6 -21.94 -25.19 19.47
CA ARG P 6 -22.56 -26.49 19.10
C ARG P 6 -22.02 -27.63 19.94
N MET P 7 -22.93 -28.53 20.29
CA MET P 7 -22.57 -29.65 21.12
C MET P 7 -23.12 -30.93 20.57
N THR P 8 -22.23 -31.89 20.42
CA THR P 8 -22.60 -33.18 19.95
C THR P 8 -22.35 -34.19 21.07
N VAL P 9 -23.41 -34.90 21.45
CA VAL P 9 -23.35 -35.90 22.53
C VAL P 9 -23.11 -37.29 22.00
N ASN P 10 -22.04 -37.93 22.44
CA ASN P 10 -21.85 -39.36 22.19
C ASN P 10 -21.79 -40.19 23.49
N LEU P 11 -22.96 -40.56 23.98
CA LEU P 11 -23.04 -41.45 25.12
C LEU P 11 -22.44 -42.82 24.80
N PRO P 12 -21.49 -43.28 25.65
CA PRO P 12 -20.91 -44.63 25.48
C PRO P 12 -22.01 -45.69 25.49
N ARG P 13 -22.17 -46.38 24.35
CA ARG P 13 -23.20 -47.42 24.17
C ARG P 13 -22.93 -48.58 25.12
N ASN P 14 -24.02 -49.05 25.77
CA ASN P 14 -23.95 -49.97 26.92
C ASN P 14 -22.80 -49.67 27.90
N LEU P 15 -22.84 -48.46 28.42
CA LEU P 15 -22.07 -48.11 29.60
C LEU P 15 -22.98 -48.29 30.81
N ASP P 16 -24.23 -47.85 30.68
CA ASP P 16 -25.10 -47.64 31.85
C ASP P 16 -26.62 -47.84 31.63
N SER P 17 -27.41 -47.67 32.70
CA SER P 17 -28.89 -47.62 32.60
C SER P 17 -29.54 -46.78 33.72
N ARG P 18 -29.13 -47.04 34.96
CA ARG P 18 -29.55 -46.20 36.08
C ARG P 18 -28.62 -44.98 36.24
N GLU P 19 -27.35 -45.17 35.87
CA GLU P 19 -26.33 -44.13 35.83
C GLU P 19 -26.63 -43.14 34.71
N GLU P 20 -27.16 -43.69 33.62
CA GLU P 20 -27.75 -42.95 32.51
C GLU P 20 -28.73 -41.88 33.00
N GLU P 21 -29.71 -42.31 33.79
CA GLU P 21 -30.80 -41.47 34.24
C GLU P 21 -30.31 -40.25 35.02
N ARG P 22 -29.33 -40.45 35.90
CA ARG P 22 -28.83 -39.39 36.77
C ARG P 22 -28.06 -38.34 35.98
N LEU P 23 -27.31 -38.83 35.00
CA LEU P 23 -26.42 -37.98 34.22
C LEU P 23 -27.25 -37.00 33.43
N LYS P 24 -28.22 -37.53 32.67
CA LYS P 24 -29.19 -36.72 31.93
C LYS P 24 -29.87 -35.76 32.88
N ALA P 25 -30.27 -36.32 34.02
CA ALA P 25 -30.95 -35.58 35.07
C ALA P 25 -30.15 -34.37 35.48
N SER P 26 -28.86 -34.57 35.79
CA SER P 26 -28.00 -33.46 36.25
C SER P 26 -27.61 -32.49 35.15
N GLU P 27 -27.39 -33.00 33.93
CA GLU P 27 -27.24 -32.13 32.76
C GLU P 27 -28.42 -31.16 32.67
N LYS P 28 -29.63 -31.70 32.55
CA LYS P 28 -30.86 -30.89 32.59
C LYS P 28 -30.86 -29.85 33.72
N ALA P 29 -30.46 -30.27 34.92
CA ALA P 29 -30.43 -29.33 36.05
C ALA P 29 -29.41 -28.20 35.86
N ARG P 30 -28.17 -28.56 35.53
CA ARG P 30 -27.12 -27.59 35.22
C ARG P 30 -27.53 -26.59 34.10
N SER P 31 -28.08 -27.11 33.00
CA SER P 31 -28.55 -26.22 31.91
C SER P 31 -29.69 -25.29 32.33
N ARG P 32 -30.59 -25.76 33.20
CA ARG P 32 -31.64 -24.86 33.79
C ARG P 32 -31.09 -23.63 34.52
N THR P 33 -30.21 -23.87 35.47
CA THR P 33 -29.53 -22.77 36.19
C THR P 33 -28.94 -21.82 35.19
N LEU P 34 -28.06 -22.38 34.35
CA LEU P 34 -27.26 -21.60 33.41
C LEU P 34 -28.13 -20.70 32.56
N GLN P 35 -29.31 -21.20 32.22
CA GLN P 35 -30.32 -20.43 31.49
C GLN P 35 -31.01 -19.37 32.34
N GLU P 36 -31.45 -19.78 33.53
CA GLU P 36 -32.07 -18.88 34.52
C GLU P 36 -31.13 -17.72 34.86
N GLN P 37 -29.83 -17.98 35.01
CA GLN P 37 -28.88 -16.87 35.23
C GLN P 37 -28.51 -16.06 33.97
N GLY P 38 -28.89 -16.55 32.79
CA GLY P 38 -28.75 -15.82 31.53
C GLY P 38 -27.45 -16.05 30.76
N GLN P 39 -26.67 -17.06 31.16
CA GLN P 39 -25.41 -17.30 30.48
C GLN P 39 -25.54 -18.31 29.36
N TRP P 40 -26.42 -19.28 29.58
CA TRP P 40 -26.91 -20.10 28.52
C TRP P 40 -28.11 -19.36 28.01
N ARG P 41 -27.88 -18.45 27.05
CA ARG P 41 -28.93 -17.55 26.64
C ARG P 41 -30.00 -18.15 25.67
N TYR P 42 -29.56 -18.78 24.57
CA TYR P 42 -30.49 -19.55 23.70
C TYR P 42 -30.07 -20.97 23.63
N LEU P 43 -31.03 -21.86 23.62
CA LEU P 43 -30.78 -23.27 23.46
C LEU P 43 -31.78 -23.84 22.46
N TRP P 44 -31.26 -24.59 21.51
CA TRP P 44 -32.07 -25.34 20.59
C TRP P 44 -31.45 -26.68 20.39
N ARG P 45 -32.28 -27.59 19.90
CA ARG P 45 -31.86 -28.91 19.53
C ARG P 45 -31.68 -28.86 18.04
N THR P 46 -30.60 -29.49 17.57
CA THR P 46 -30.36 -29.71 16.18
C THR P 46 -31.37 -30.74 15.71
N THR P 47 -32.18 -30.39 14.72
CA THR P 47 -33.26 -31.25 14.24
C THR P 47 -32.77 -32.62 13.74
N GLY P 48 -33.09 -33.67 14.50
CA GLY P 48 -32.74 -35.05 14.15
C GLY P 48 -31.46 -35.57 14.77
N LYS P 49 -30.87 -34.76 15.64
CA LYS P 49 -29.59 -35.10 16.25
C LYS P 49 -29.69 -35.05 17.77
N TYR P 50 -28.85 -35.80 18.45
CA TYR P 50 -28.70 -35.75 19.90
C TYR P 50 -27.65 -34.67 20.12
N GLY P 51 -28.12 -33.44 20.13
CA GLY P 51 -27.23 -32.31 20.20
C GLY P 51 -27.98 -31.03 20.44
N ASN P 52 -27.24 -30.00 20.87
CA ASN P 52 -27.76 -28.68 20.90
C ASN P 52 -26.93 -27.68 20.13
N ILE P 53 -27.63 -26.62 19.75
CA ILE P 53 -27.06 -25.45 19.18
C ILE P 53 -27.45 -24.29 20.13
N SER P 54 -26.44 -23.58 20.62
CA SER P 54 -26.69 -22.63 21.70
C SER P 54 -25.97 -21.31 21.53
N VAL P 55 -26.44 -20.32 22.28
CA VAL P 55 -25.82 -19.05 22.33
C VAL P 55 -25.59 -18.73 23.80
N PHE P 56 -24.31 -18.58 24.15
CA PHE P 56 -23.88 -18.29 25.50
C PHE P 56 -23.50 -16.81 25.58
N ASP P 57 -23.89 -16.18 26.68
CA ASP P 57 -23.55 -14.79 27.03
C ASP P 57 -22.71 -14.81 28.31
N VAL P 58 -21.40 -14.58 28.18
CA VAL P 58 -20.45 -14.61 29.30
C VAL P 58 -19.42 -13.49 29.08
N ASN P 59 -18.62 -13.18 30.10
CA ASN P 59 -17.69 -12.06 29.95
C ASN P 59 -16.32 -12.37 29.40
N SER P 60 -15.87 -13.62 29.50
CA SER P 60 -14.53 -13.95 29.01
C SER P 60 -14.56 -15.31 28.37
N HIS P 61 -13.49 -15.73 27.70
CA HIS P 61 -13.39 -17.13 27.24
C HIS P 61 -13.26 -18.07 28.44
N ASP P 62 -12.45 -17.68 29.42
CA ASP P 62 -12.31 -18.42 30.67
C ASP P 62 -13.66 -18.69 31.32
N GLU P 63 -14.49 -17.67 31.42
CA GLU P 63 -15.83 -17.89 31.96
C GLU P 63 -16.51 -18.98 31.12
N LEU P 64 -16.44 -18.88 29.78
CA LEU P 64 -17.16 -19.81 28.91
C LEU P 64 -16.64 -21.23 29.11
N HIS P 65 -15.32 -21.36 29.10
CA HIS P 65 -14.66 -22.65 29.22
C HIS P 65 -14.95 -23.43 30.52
N GLU P 66 -14.93 -22.72 31.65
CA GLU P 66 -15.26 -23.32 32.95
C GLU P 66 -16.70 -23.81 32.94
N ILE P 67 -17.60 -23.00 32.38
CA ILE P 67 -19.03 -23.35 32.30
C ILE P 67 -19.23 -24.61 31.50
N LEU P 68 -18.62 -24.66 30.32
CA LEU P 68 -18.68 -25.84 29.48
C LEU P 68 -18.06 -27.08 30.11
N TRP P 69 -16.91 -26.89 30.75
CA TRP P 69 -16.20 -28.00 31.45
C TRP P 69 -17.04 -28.57 32.60
N SER P 70 -17.79 -27.71 33.28
CA SER P 70 -18.62 -28.15 34.38
C SER P 70 -19.85 -28.99 33.95
N LEU P 71 -20.13 -29.09 32.65
CA LEU P 71 -21.31 -29.82 32.21
C LEU P 71 -21.14 -31.31 32.44
N PRO P 72 -22.10 -31.92 33.13
CA PRO P 72 -22.06 -33.36 33.36
C PRO P 72 -21.69 -34.13 32.09
N PHE P 73 -22.18 -33.64 30.94
CA PHE P 73 -22.00 -34.30 29.65
C PHE P 73 -20.63 -34.05 29.03
N PHE P 74 -19.84 -33.14 29.62
CA PHE P 74 -18.58 -32.73 29.00
C PHE P 74 -17.73 -33.87 28.42
N PRO P 75 -17.51 -34.97 29.18
CA PRO P 75 -16.55 -35.92 28.60
C PRO P 75 -17.11 -36.68 27.39
N TYR P 76 -18.37 -36.44 27.06
CA TYR P 76 -19.01 -37.14 25.96
C TYR P 76 -19.43 -36.15 24.89
N LEU P 77 -19.01 -34.89 25.05
CA LEU P 77 -19.35 -33.81 24.13
C LEU P 77 -18.26 -33.47 23.12
N THR P 78 -18.70 -33.18 21.89
CA THR P 78 -17.83 -32.55 20.88
C THR P 78 -18.35 -31.14 20.75
N ILE P 79 -17.51 -30.17 21.11
CA ILE P 79 -17.93 -28.77 21.21
C ILE P 79 -17.30 -27.93 20.10
N ASP P 80 -18.05 -26.99 19.55
CA ASP P 80 -17.51 -25.94 18.66
C ASP P 80 -17.97 -24.62 19.19
N VAL P 81 -17.02 -23.73 19.34
CA VAL P 81 -17.26 -22.41 19.91
C VAL P 81 -16.95 -21.41 18.82
N GLU P 82 -17.89 -20.51 18.56
CA GLU P 82 -17.71 -19.53 17.53
C GLU P 82 -18.04 -18.17 18.14
N PRO P 83 -17.17 -17.15 17.96
CA PRO P 83 -17.45 -15.81 18.52
C PRO P 83 -18.35 -14.96 17.65
N LEU P 84 -19.40 -14.41 18.23
CA LEU P 84 -20.34 -13.57 17.51
C LEU P 84 -20.16 -12.12 17.93
N SER P 85 -20.13 -11.24 16.93
CA SER P 85 -20.03 -9.81 17.08
C SER P 85 -21.33 -9.15 16.65
N HIS P 86 -21.38 -7.84 16.90
CA HIS P 86 -22.55 -7.04 16.65
C HIS P 86 -22.60 -6.71 15.18
N HIS P 87 -23.80 -6.67 14.63
CA HIS P 87 -23.95 -6.54 13.18
C HIS P 87 -24.43 -5.14 12.91
N PRO P 88 -23.72 -4.37 12.07
CA PRO P 88 -24.10 -2.98 11.76
C PRO P 88 -25.56 -2.81 11.33
N ALA P 89 -26.10 -3.83 10.66
CA ALA P 89 -27.47 -3.79 10.16
C ALA P 89 -28.54 -4.31 11.14
N ARG P 90 -28.12 -4.73 12.34
CA ARG P 90 -29.06 -5.19 13.38
C ARG P 90 -29.95 -4.05 13.78
N VAL P 91 -31.25 -4.32 13.92
CA VAL P 91 -32.15 -3.38 14.59
C VAL P 91 -32.83 -4.03 15.78
N GLY P 92 -32.88 -3.27 16.89
CA GLY P 92 -33.44 -3.77 18.15
C GLY P 92 -32.38 -3.82 19.24
N LYS P 93 -32.35 -4.94 19.98
CA LYS P 93 -31.47 -5.09 21.15
C LYS P 93 -30.21 -5.96 20.91
N ASP P 94 -30.37 -7.11 20.25
CA ASP P 94 -29.26 -8.04 20.03
C ASP P 94 -28.17 -7.46 19.11
N MET Q 1 -35.10 -47.02 -13.85
CA MET Q 1 -34.64 -47.06 -12.42
C MET Q 1 -34.38 -45.67 -11.91
N LEU Q 2 -34.10 -45.57 -10.61
CA LEU Q 2 -34.10 -44.28 -9.95
C LEU Q 2 -32.70 -43.79 -9.63
N TYR Q 3 -32.52 -42.48 -9.77
CA TYR Q 3 -31.28 -41.84 -9.36
C TYR Q 3 -31.68 -40.62 -8.60
N LEU Q 4 -31.02 -40.37 -7.47
CA LEU Q 4 -31.07 -39.06 -6.87
C LEU Q 4 -30.08 -38.18 -7.59
N VAL Q 5 -30.51 -36.99 -8.01
CA VAL Q 5 -29.63 -36.09 -8.74
C VAL Q 5 -29.63 -34.68 -8.11
N ARG Q 6 -28.44 -34.18 -7.76
CA ARG Q 6 -28.30 -32.83 -7.18
C ARG Q 6 -27.69 -31.95 -8.25
N MET Q 7 -28.27 -30.77 -8.49
CA MET Q 7 -27.70 -29.81 -9.43
C MET Q 7 -27.44 -28.42 -8.79
N THR Q 8 -26.21 -27.94 -8.86
CA THR Q 8 -25.84 -26.57 -8.49
C THR Q 8 -25.76 -25.68 -9.74
N VAL Q 9 -26.50 -24.57 -9.74
CA VAL Q 9 -26.49 -23.66 -10.88
C VAL Q 9 -25.58 -22.43 -10.67
N ASN Q 10 -24.57 -22.29 -11.53
CA ASN Q 10 -23.64 -21.16 -11.52
C ASN Q 10 -23.59 -20.48 -12.89
N LEU Q 11 -24.62 -19.70 -13.20
CA LEU Q 11 -24.68 -18.94 -14.43
C LEU Q 11 -23.61 -17.85 -14.42
N PRO Q 12 -22.98 -17.57 -15.58
CA PRO Q 12 -22.05 -16.44 -15.66
C PRO Q 12 -22.71 -15.15 -15.18
N ARG Q 13 -21.93 -14.34 -14.45
N ARG Q 13 -21.93 -14.32 -14.48
CA ARG Q 13 -22.41 -13.07 -13.87
CA ARG Q 13 -22.43 -13.08 -13.87
C ARG Q 13 -22.93 -12.13 -14.96
C ARG Q 13 -22.93 -12.13 -14.96
N ASN Q 14 -22.11 -11.90 -15.97
CA ASN Q 14 -22.51 -11.16 -17.14
C ASN Q 14 -21.53 -11.46 -18.26
N LEU Q 15 -21.61 -12.69 -18.75
CA LEU Q 15 -21.10 -12.99 -20.09
C LEU Q 15 -22.29 -12.83 -21.05
N ASP Q 16 -23.50 -12.85 -20.49
CA ASP Q 16 -24.67 -13.16 -21.28
C ASP Q 16 -25.34 -11.95 -21.85
N SER Q 17 -25.77 -12.07 -23.11
CA SER Q 17 -26.58 -11.07 -23.80
C SER Q 17 -28.09 -11.32 -23.55
N ARG Q 18 -28.87 -11.49 -24.63
CA ARG Q 18 -30.24 -12.04 -24.59
C ARG Q 18 -30.18 -13.52 -25.02
N GLU Q 19 -28.95 -14.03 -25.13
CA GLU Q 19 -28.68 -15.45 -25.05
C GLU Q 19 -29.30 -15.97 -23.74
N GLU Q 20 -29.27 -15.14 -22.70
CA GLU Q 20 -29.76 -15.48 -21.36
C GLU Q 20 -31.22 -15.92 -21.33
N GLU Q 21 -32.10 -15.06 -21.81
CA GLU Q 21 -33.52 -15.39 -21.90
C GLU Q 21 -33.80 -16.58 -22.83
N ARG Q 22 -33.11 -16.63 -23.95
CA ARG Q 22 -33.16 -17.79 -24.84
C ARG Q 22 -32.80 -19.09 -24.07
N LEU Q 23 -31.72 -19.04 -23.30
CA LEU Q 23 -31.21 -20.19 -22.51
C LEU Q 23 -32.23 -20.69 -21.43
N LYS Q 24 -32.66 -19.79 -20.55
CA LYS Q 24 -33.76 -20.07 -19.60
C LYS Q 24 -35.07 -20.55 -20.28
N ALA Q 25 -35.33 -20.11 -21.49
CA ALA Q 25 -36.55 -20.50 -22.17
C ALA Q 25 -36.43 -21.94 -22.61
N SER Q 26 -35.27 -22.30 -23.17
CA SER Q 26 -34.95 -23.67 -23.54
C SER Q 26 -34.83 -24.58 -22.32
N GLU Q 27 -34.23 -24.08 -21.26
CA GLU Q 27 -34.11 -24.86 -20.05
C GLU Q 27 -35.50 -25.24 -19.55
N LYS Q 28 -36.33 -24.22 -19.33
CA LYS Q 28 -37.71 -24.36 -18.87
C LYS Q 28 -38.49 -25.37 -19.70
N ALA Q 29 -38.34 -25.32 -21.02
CA ALA Q 29 -39.11 -26.21 -21.92
C ALA Q 29 -38.64 -27.65 -21.86
N ARG Q 30 -37.34 -27.83 -21.69
CA ARG Q 30 -36.76 -29.16 -21.63
C ARG Q 30 -37.13 -29.83 -20.30
N SER Q 31 -36.99 -29.11 -19.19
CA SER Q 31 -37.34 -29.73 -17.94
C SER Q 31 -38.84 -29.98 -17.91
N ARG Q 32 -39.58 -29.18 -18.67
CA ARG Q 32 -41.00 -29.35 -18.73
C ARG Q 32 -41.38 -30.64 -19.44
N THR Q 33 -40.90 -30.81 -20.68
CA THR Q 33 -41.00 -32.09 -21.42
C THR Q 33 -40.53 -33.33 -20.62
N LEU Q 34 -39.34 -33.30 -20.07
CA LEU Q 34 -38.81 -34.46 -19.31
C LEU Q 34 -39.69 -34.83 -18.11
N GLN Q 35 -40.30 -33.84 -17.45
CA GLN Q 35 -41.25 -34.13 -16.38
C GLN Q 35 -42.57 -34.71 -16.88
N GLU Q 36 -43.08 -34.16 -17.97
CA GLU Q 36 -44.33 -34.66 -18.56
C GLU Q 36 -44.16 -36.09 -19.03
N GLN Q 37 -43.00 -36.41 -19.59
CA GLN Q 37 -42.78 -37.77 -20.05
C GLN Q 37 -42.41 -38.75 -18.94
N GLY Q 38 -41.93 -38.26 -17.79
CA GLY Q 38 -41.71 -39.14 -16.62
C GLY Q 38 -40.26 -39.47 -16.24
N GLN Q 39 -39.31 -39.15 -17.11
CA GLN Q 39 -37.87 -39.31 -16.88
C GLN Q 39 -37.37 -38.43 -15.71
N TRP Q 40 -37.95 -37.26 -15.57
CA TRP Q 40 -37.60 -36.35 -14.49
C TRP Q 40 -38.77 -36.47 -13.55
N ARG Q 41 -38.65 -37.36 -12.55
CA ARG Q 41 -39.82 -37.73 -11.75
C ARG Q 41 -40.18 -36.72 -10.66
N TYR Q 42 -39.21 -36.36 -9.85
CA TYR Q 42 -39.46 -35.38 -8.80
C TYR Q 42 -38.46 -34.26 -8.95
N LEU Q 43 -38.93 -33.05 -8.67
CA LEU Q 43 -38.10 -31.85 -8.74
C LEU Q 43 -38.36 -30.93 -7.54
N TRP Q 44 -37.33 -30.74 -6.74
CA TRP Q 44 -37.38 -29.88 -5.58
C TRP Q 44 -36.29 -28.82 -5.59
N ARG Q 45 -36.52 -27.70 -4.93
CA ARG Q 45 -35.47 -26.72 -4.75
C ARG Q 45 -34.90 -26.84 -3.35
N THR Q 46 -33.59 -26.76 -3.25
CA THR Q 46 -32.94 -26.72 -1.96
C THR Q 46 -33.19 -25.36 -1.28
N THR Q 47 -33.87 -25.32 -0.14
CA THR Q 47 -34.27 -24.05 0.49
C THR Q 47 -33.04 -23.11 0.64
N GLY Q 48 -33.10 -21.90 0.11
CA GLY Q 48 -31.96 -20.98 0.23
C GLY Q 48 -30.92 -21.01 -0.87
N LYS Q 49 -31.09 -21.86 -1.89
CA LYS Q 49 -30.05 -22.05 -2.91
C LYS Q 49 -30.60 -22.01 -4.33
N TYR Q 50 -29.78 -21.58 -5.28
CA TYR Q 50 -30.07 -21.72 -6.72
C TYR Q 50 -29.64 -23.10 -7.17
N GLY Q 51 -30.58 -24.03 -7.10
CA GLY Q 51 -30.33 -25.35 -7.65
C GLY Q 51 -31.54 -26.25 -7.70
N ASN Q 52 -31.27 -27.55 -7.61
CA ASN Q 52 -32.32 -28.50 -7.35
C ASN Q 52 -31.82 -29.78 -6.76
N ILE Q 53 -32.74 -30.51 -6.16
CA ILE Q 53 -32.60 -31.90 -5.90
C ILE Q 53 -33.74 -32.59 -6.60
N SER Q 54 -33.41 -33.68 -7.28
CA SER Q 54 -34.33 -34.32 -8.17
C SER Q 54 -34.22 -35.82 -8.10
N VAL Q 55 -35.29 -36.48 -8.54
CA VAL Q 55 -35.24 -37.92 -8.75
C VAL Q 55 -35.55 -38.21 -10.19
N PHE Q 56 -34.61 -38.85 -10.85
CA PHE Q 56 -34.80 -39.25 -12.23
C PHE Q 56 -35.12 -40.74 -12.29
N ASP Q 57 -35.93 -41.09 -13.30
CA ASP Q 57 -36.41 -42.42 -13.53
C ASP Q 57 -36.23 -42.79 -15.02
N VAL Q 58 -35.09 -43.42 -15.34
CA VAL Q 58 -34.72 -43.82 -16.69
C VAL Q 58 -34.33 -45.29 -16.79
N ASN Q 59 -34.22 -45.80 -18.02
CA ASN Q 59 -34.00 -47.23 -18.25
C ASN Q 59 -32.55 -47.70 -18.08
N SER Q 60 -31.60 -46.80 -18.25
CA SER Q 60 -30.17 -47.11 -18.13
C SER Q 60 -29.45 -45.84 -17.69
N HIS Q 61 -28.15 -45.94 -17.41
CA HIS Q 61 -27.32 -44.78 -17.08
C HIS Q 61 -27.11 -43.91 -18.29
N ASP Q 62 -26.71 -44.55 -19.39
CA ASP Q 62 -26.53 -43.90 -20.70
C ASP Q 62 -27.62 -42.86 -20.91
N GLU Q 63 -28.86 -43.31 -20.75
CA GLU Q 63 -30.07 -42.51 -20.95
C GLU Q 63 -30.09 -41.34 -19.98
N LEU Q 64 -29.70 -41.58 -18.73
CA LEU Q 64 -29.56 -40.48 -17.75
C LEU Q 64 -28.50 -39.50 -18.20
N HIS Q 65 -27.38 -40.03 -18.67
CA HIS Q 65 -26.31 -39.16 -19.04
C HIS Q 65 -26.68 -38.33 -20.29
N GLU Q 66 -27.41 -38.91 -21.25
CA GLU Q 66 -27.87 -38.14 -22.43
C GLU Q 66 -28.84 -37.04 -22.04
N ILE Q 67 -29.77 -37.39 -21.17
CA ILE Q 67 -30.75 -36.45 -20.69
C ILE Q 67 -30.07 -35.27 -19.97
N LEU Q 68 -29.15 -35.55 -19.04
CA LEU Q 68 -28.44 -34.45 -18.37
C LEU Q 68 -27.56 -33.64 -19.33
N TRP Q 69 -26.91 -34.33 -20.29
CA TRP Q 69 -25.98 -33.67 -21.24
C TRP Q 69 -26.76 -32.65 -22.07
N SER Q 70 -27.98 -33.04 -22.43
CA SER Q 70 -28.92 -32.26 -23.24
C SER Q 70 -29.50 -31.05 -22.51
N LEU Q 71 -29.38 -30.97 -21.19
CA LEU Q 71 -29.94 -29.79 -20.47
C LEU Q 71 -29.28 -28.51 -20.97
N PRO Q 72 -30.06 -27.49 -21.39
CA PRO Q 72 -29.48 -26.19 -21.73
C PRO Q 72 -28.53 -25.65 -20.67
N PHE Q 73 -28.83 -25.88 -19.40
CA PHE Q 73 -27.98 -25.40 -18.31
C PHE Q 73 -26.70 -26.21 -18.19
N PHE Q 74 -26.58 -27.32 -18.92
CA PHE Q 74 -25.48 -28.24 -18.61
C PHE Q 74 -24.12 -27.57 -18.33
N PRO Q 75 -23.59 -26.73 -19.25
CA PRO Q 75 -22.21 -26.25 -19.04
C PRO Q 75 -22.02 -25.45 -17.75
N TYR Q 76 -23.14 -25.11 -17.10
CA TYR Q 76 -23.16 -24.25 -15.90
C TYR Q 76 -23.50 -24.99 -14.61
N LEU Q 77 -23.59 -26.31 -14.71
CA LEU Q 77 -24.09 -27.17 -13.65
C LEU Q 77 -23.01 -28.02 -13.01
N THR Q 78 -23.01 -28.03 -11.67
CA THR Q 78 -22.36 -29.10 -10.91
C THR Q 78 -23.38 -30.16 -10.56
N ILE Q 79 -23.06 -31.40 -10.88
CA ILE Q 79 -24.03 -32.52 -10.84
C ILE Q 79 -23.51 -33.71 -10.03
N ASP Q 80 -24.34 -34.15 -9.08
CA ASP Q 80 -24.07 -35.35 -8.31
C ASP Q 80 -25.15 -36.34 -8.66
N VAL Q 81 -24.76 -37.58 -8.89
CA VAL Q 81 -25.72 -38.62 -9.26
C VAL Q 81 -25.61 -39.76 -8.26
N GLU Q 82 -26.74 -40.17 -7.67
CA GLU Q 82 -26.78 -41.26 -6.70
C GLU Q 82 -27.79 -42.33 -7.10
N PRO Q 83 -27.34 -43.58 -7.34
CA PRO Q 83 -28.23 -44.71 -7.66
C PRO Q 83 -29.14 -44.97 -6.46
N LEU Q 84 -30.42 -45.16 -6.73
CA LEU Q 84 -31.43 -45.42 -5.72
C LEU Q 84 -31.99 -46.79 -5.99
N SER Q 85 -32.10 -47.61 -4.94
CA SER Q 85 -32.62 -48.97 -4.99
C SER Q 85 -33.96 -49.04 -4.26
N HIS Q 86 -34.69 -50.14 -4.49
CA HIS Q 86 -35.92 -50.47 -3.79
C HIS Q 86 -35.64 -50.89 -2.35
N HIS Q 87 -36.37 -50.32 -1.41
CA HIS Q 87 -36.12 -50.55 0.02
C HIS Q 87 -37.11 -51.62 0.49
N PRO Q 88 -36.62 -52.71 1.16
CA PRO Q 88 -37.52 -53.77 1.65
C PRO Q 88 -38.65 -53.30 2.57
N ALA Q 89 -38.51 -52.13 3.18
CA ALA Q 89 -39.54 -51.63 4.11
C ALA Q 89 -40.49 -50.63 3.45
N ARG Q 90 -40.28 -50.41 2.15
CA ARG Q 90 -41.19 -49.62 1.35
C ARG Q 90 -42.62 -50.24 1.32
N VAL Q 91 -43.64 -49.39 1.36
CA VAL Q 91 -45.03 -49.86 1.35
C VAL Q 91 -45.67 -49.98 -0.03
N GLY Q 92 -45.80 -48.85 -0.73
CA GLY Q 92 -46.49 -48.86 -2.01
C GLY Q 92 -45.92 -47.80 -2.92
N LYS Q 93 -45.74 -48.18 -4.19
CA LYS Q 93 -45.14 -47.32 -5.22
C LYS Q 93 -43.60 -47.28 -5.10
N ASP Q 94 -42.96 -46.58 -6.04
CA ASP Q 94 -41.49 -46.44 -6.15
C ASP Q 94 -40.64 -47.30 -5.20
N MET R 1 -44.71 -30.04 5.29
CA MET R 1 -43.63 -29.57 4.37
C MET R 1 -42.47 -30.57 4.30
N LEU R 2 -41.66 -30.44 3.25
CA LEU R 2 -40.76 -31.50 2.78
C LEU R 2 -39.31 -31.38 3.27
N TYR R 3 -38.75 -32.50 3.73
CA TYR R 3 -37.36 -32.59 4.17
C TYR R 3 -36.71 -33.74 3.45
N LEU R 4 -35.48 -33.55 2.96
CA LEU R 4 -34.72 -34.71 2.46
C LEU R 4 -33.83 -35.18 3.60
N VAL R 5 -34.00 -36.44 3.98
CA VAL R 5 -33.35 -37.07 5.11
C VAL R 5 -32.55 -38.29 4.66
N ARG R 6 -31.27 -38.31 5.02
CA ARG R 6 -30.39 -39.44 4.77
C ARG R 6 -30.08 -40.16 6.08
N MET R 7 -30.15 -41.48 6.07
CA MET R 7 -29.85 -42.25 7.28
C MET R 7 -28.83 -43.33 6.97
N THR R 8 -27.82 -43.45 7.83
CA THR R 8 -26.87 -44.53 7.73
C THR R 8 -26.97 -45.31 9.01
N VAL R 9 -27.10 -46.63 8.88
CA VAL R 9 -27.37 -47.54 10.00
C VAL R 9 -26.11 -48.25 10.42
N ASN R 10 -25.81 -48.23 11.71
CA ASN R 10 -24.62 -48.85 12.24
C ASN R 10 -24.96 -49.68 13.48
N LEU R 11 -25.67 -50.78 13.23
CA LEU R 11 -25.98 -51.81 14.23
C LEU R 11 -24.69 -52.34 14.89
N PRO R 12 -24.62 -52.26 16.24
CA PRO R 12 -23.49 -52.70 17.08
C PRO R 12 -22.93 -54.07 16.69
N ARG R 13 -21.59 -54.19 16.69
CA ARG R 13 -20.88 -55.36 16.16
C ARG R 13 -21.46 -56.70 16.62
N ASN R 14 -21.77 -56.81 17.91
CA ASN R 14 -22.33 -58.05 18.46
C ASN R 14 -23.06 -57.88 19.79
N LEU R 15 -23.89 -56.85 19.91
CA LEU R 15 -24.74 -56.69 21.10
C LEU R 15 -26.02 -57.48 20.87
N ASP R 16 -25.96 -58.28 19.81
CA ASP R 16 -27.13 -58.78 19.16
C ASP R 16 -27.33 -60.24 19.50
N SER R 17 -28.58 -60.70 19.42
CA SER R 17 -28.87 -62.12 19.43
C SER R 17 -30.19 -62.29 18.69
N ARG R 18 -31.24 -62.67 19.42
CA ARG R 18 -32.61 -62.59 18.93
C ARG R 18 -33.10 -61.14 19.04
N GLU R 19 -32.29 -60.31 19.70
CA GLU R 19 -32.59 -58.90 19.93
C GLU R 19 -32.41 -58.08 18.64
N GLU R 20 -31.33 -58.36 17.90
CA GLU R 20 -31.13 -57.76 16.58
C GLU R 20 -32.32 -58.05 15.67
N GLU R 21 -32.72 -59.32 15.60
CA GLU R 21 -33.84 -59.74 14.75
C GLU R 21 -35.14 -59.06 15.17
N ARG R 22 -35.27 -58.81 16.47
CA ARG R 22 -36.42 -58.10 17.06
C ARG R 22 -36.46 -56.64 16.64
N LEU R 23 -35.42 -55.90 17.02
CA LEU R 23 -35.17 -54.52 16.57
C LEU R 23 -35.56 -54.26 15.12
N LYS R 24 -35.11 -55.16 14.24
CA LYS R 24 -35.37 -54.98 12.83
C LYS R 24 -36.87 -54.89 12.56
N ALA R 25 -37.64 -55.69 13.30
CA ALA R 25 -39.10 -55.76 13.19
C ALA R 25 -39.80 -54.55 13.82
N SER R 26 -39.29 -54.07 14.95
CA SER R 26 -39.83 -52.85 15.56
C SER R 26 -39.54 -51.66 14.63
N GLU R 27 -38.34 -51.64 14.06
CA GLU R 27 -37.97 -50.60 13.12
C GLU R 27 -38.94 -50.65 11.95
N LYS R 28 -39.10 -51.86 11.42
CA LYS R 28 -39.96 -52.10 10.25
C LYS R 28 -41.43 -51.77 10.54
N ALA R 29 -41.83 -51.92 11.80
CA ALA R 29 -43.18 -51.62 12.19
C ALA R 29 -43.42 -50.13 12.17
N ARG R 30 -42.53 -49.34 12.81
CA ARG R 30 -42.76 -47.91 12.95
C ARG R 30 -42.68 -47.24 11.59
N SER R 31 -41.79 -47.74 10.74
CA SER R 31 -41.59 -47.17 9.42
C SER R 31 -42.81 -47.43 8.52
N ARG R 32 -43.41 -48.60 8.69
CA ARG R 32 -44.68 -48.93 8.02
C ARG R 32 -45.84 -48.00 8.45
N THR R 33 -46.03 -47.80 9.77
CA THR R 33 -47.02 -46.85 10.27
C THR R 33 -46.79 -45.45 9.68
N LEU R 34 -45.53 -45.02 9.66
CA LEU R 34 -45.18 -43.65 9.28
C LEU R 34 -45.52 -43.36 7.84
N GLN R 35 -45.30 -44.33 6.96
CA GLN R 35 -45.68 -44.26 5.55
C GLN R 35 -47.18 -44.40 5.26
N GLU R 36 -47.85 -45.29 5.99
CA GLU R 36 -49.27 -45.52 5.77
C GLU R 36 -49.98 -44.20 6.10
N GLN R 37 -49.52 -43.56 7.19
CA GLN R 37 -50.10 -42.27 7.58
C GLN R 37 -49.56 -41.07 6.79
N GLY R 38 -48.49 -41.28 6.03
CA GLY R 38 -48.07 -40.27 5.06
C GLY R 38 -46.90 -39.38 5.46
N GLN R 39 -46.50 -39.38 6.73
CA GLN R 39 -45.38 -38.54 7.16
C GLN R 39 -44.07 -39.00 6.52
N TRP R 40 -43.93 -40.31 6.35
CA TRP R 40 -42.77 -40.87 5.66
C TRP R 40 -43.16 -41.07 4.21
N ARG R 41 -42.99 -40.03 3.40
CA ARG R 41 -43.56 -40.02 2.05
C ARG R 41 -42.84 -40.96 1.08
N TYR R 42 -41.52 -40.90 1.03
CA TYR R 42 -40.75 -41.69 0.10
C TYR R 42 -39.62 -42.31 0.86
N LEU R 43 -39.29 -43.53 0.47
CA LEU R 43 -38.25 -44.29 1.14
C LEU R 43 -37.45 -45.06 0.07
N TRP R 44 -36.13 -44.90 0.07
CA TRP R 44 -35.28 -45.57 -0.89
C TRP R 44 -34.06 -46.08 -0.17
N ARG R 45 -33.46 -47.14 -0.72
CA ARG R 45 -32.23 -47.71 -0.25
C ARG R 45 -31.10 -47.10 -1.05
N THR R 46 -30.14 -46.50 -0.35
CA THR R 46 -28.88 -46.09 -0.94
C THR R 46 -28.14 -47.36 -1.39
N THR R 47 -28.18 -47.63 -2.71
CA THR R 47 -27.61 -48.85 -3.29
C THR R 47 -26.27 -49.23 -2.67
N GLY R 48 -26.14 -50.46 -2.17
CA GLY R 48 -24.89 -50.95 -1.61
C GLY R 48 -24.62 -50.61 -0.14
N LYS R 49 -25.52 -49.87 0.49
CA LYS R 49 -25.28 -49.46 1.88
C LYS R 49 -26.42 -49.85 2.78
N TYR R 50 -26.15 -49.94 4.09
CA TYR R 50 -27.18 -50.19 5.04
C TYR R 50 -27.68 -48.84 5.44
N GLY R 51 -28.63 -48.37 4.64
CA GLY R 51 -29.17 -47.04 4.83
C GLY R 51 -30.35 -46.72 3.95
N ASN R 52 -30.83 -45.48 4.06
CA ASN R 52 -31.88 -44.96 3.20
C ASN R 52 -31.78 -43.47 2.92
N ILE R 53 -32.44 -43.08 1.85
CA ILE R 53 -32.64 -41.70 1.47
C ILE R 53 -34.14 -41.52 1.49
N SER R 54 -34.62 -40.59 2.27
CA SER R 54 -36.03 -40.44 2.50
C SER R 54 -36.59 -39.01 2.34
N VAL R 55 -37.87 -38.91 1.98
CA VAL R 55 -38.58 -37.64 1.94
C VAL R 55 -39.69 -37.68 2.94
N PHE R 56 -39.59 -36.81 3.96
CA PHE R 56 -40.60 -36.64 4.98
C PHE R 56 -41.49 -35.44 4.66
N ASP R 57 -42.78 -35.61 4.91
CA ASP R 57 -43.79 -34.55 4.75
C ASP R 57 -44.39 -34.33 6.15
N VAL R 58 -43.95 -33.27 6.81
CA VAL R 58 -44.40 -32.99 8.17
C VAL R 58 -44.74 -31.51 8.31
N ASN R 59 -45.35 -31.13 9.42
CA ASN R 59 -45.74 -29.75 9.50
C ASN R 59 -44.84 -28.90 10.34
N SER R 60 -43.75 -29.46 10.87
CA SER R 60 -42.79 -28.67 11.65
C SER R 60 -41.52 -29.44 11.88
N HIS R 61 -40.44 -28.73 12.23
CA HIS R 61 -39.15 -29.33 12.52
C HIS R 61 -39.26 -30.25 13.73
N ASP R 62 -40.00 -29.79 14.74
CA ASP R 62 -40.30 -30.60 15.93
C ASP R 62 -41.02 -31.89 15.63
N GLU R 63 -42.02 -31.86 14.74
CA GLU R 63 -42.66 -33.10 14.33
C GLU R 63 -41.60 -34.00 13.71
N LEU R 64 -40.75 -33.44 12.88
CA LEU R 64 -39.73 -34.28 12.29
C LEU R 64 -38.72 -34.80 13.31
N HIS R 65 -38.28 -33.93 14.21
CA HIS R 65 -37.40 -34.36 15.27
C HIS R 65 -37.98 -35.49 16.11
N GLU R 66 -39.26 -35.39 16.47
CA GLU R 66 -39.92 -36.42 17.27
C GLU R 66 -40.03 -37.76 16.58
N ILE R 67 -40.38 -37.78 15.31
CA ILE R 67 -40.41 -39.04 14.55
C ILE R 67 -39.03 -39.71 14.48
N LEU R 68 -37.99 -38.95 14.17
CA LEU R 68 -36.67 -39.57 13.93
C LEU R 68 -36.19 -40.17 15.24
N TRP R 69 -36.31 -39.38 16.29
CA TRP R 69 -35.98 -39.77 17.63
C TRP R 69 -36.81 -41.02 18.05
N SER R 70 -38.08 -41.06 17.65
CA SER R 70 -38.97 -42.16 18.01
C SER R 70 -38.57 -43.48 17.33
N LEU R 71 -37.65 -43.43 16.38
CA LEU R 71 -37.25 -44.62 15.59
C LEU R 71 -36.38 -45.61 16.34
N PRO R 72 -36.64 -46.92 16.16
CA PRO R 72 -35.91 -47.87 16.96
C PRO R 72 -34.39 -47.85 16.69
N PHE R 73 -33.99 -47.74 15.41
CA PHE R 73 -32.59 -47.59 15.02
C PHE R 73 -31.95 -46.26 15.48
N PHE R 74 -32.74 -45.33 15.99
CA PHE R 74 -32.18 -44.01 16.22
C PHE R 74 -30.80 -44.02 16.89
N PRO R 75 -30.60 -44.82 17.95
CA PRO R 75 -29.29 -44.67 18.59
C PRO R 75 -28.15 -45.18 17.74
N TYR R 76 -28.44 -45.78 16.59
CA TYR R 76 -27.41 -46.29 15.68
C TYR R 76 -27.42 -45.62 14.31
N LEU R 77 -28.26 -44.60 14.18
CA LEU R 77 -28.38 -43.85 12.94
C LEU R 77 -27.43 -42.68 12.91
N THR R 78 -26.92 -42.39 11.72
CA THR R 78 -26.30 -41.10 11.42
C THR R 78 -27.28 -40.33 10.54
N ILE R 79 -27.69 -39.13 10.92
CA ILE R 79 -28.78 -38.47 10.19
C ILE R 79 -28.42 -37.10 9.65
N ASP R 80 -28.69 -36.91 8.35
CA ASP R 80 -28.63 -35.60 7.65
C ASP R 80 -30.01 -35.20 7.21
N VAL R 81 -30.37 -33.94 7.46
CA VAL R 81 -31.72 -33.41 7.27
C VAL R 81 -31.62 -32.11 6.47
N GLU R 82 -32.37 -32.03 5.38
CA GLU R 82 -32.33 -30.89 4.47
C GLU R 82 -33.75 -30.43 4.08
N PRO R 83 -34.05 -29.16 4.32
CA PRO R 83 -35.36 -28.68 3.93
C PRO R 83 -35.44 -28.55 2.43
N LEU R 84 -36.58 -28.97 1.90
CA LEU R 84 -36.84 -28.92 0.48
C LEU R 84 -37.92 -27.86 0.19
N SER R 85 -37.78 -27.15 -0.90
CA SER R 85 -38.70 -26.09 -1.20
C SER R 85 -39.23 -26.32 -2.60
N HIS R 86 -40.37 -25.71 -2.88
CA HIS R 86 -40.97 -25.70 -4.23
C HIS R 86 -40.06 -25.17 -5.33
N HIS R 87 -39.98 -25.90 -6.42
CA HIS R 87 -39.19 -25.45 -7.54
C HIS R 87 -40.11 -24.81 -8.55
N PRO R 88 -39.81 -23.56 -8.97
CA PRO R 88 -40.70 -22.91 -9.94
C PRO R 88 -40.88 -23.65 -11.28
N ALA R 89 -39.98 -24.59 -11.59
CA ALA R 89 -40.01 -25.28 -12.89
C ALA R 89 -40.75 -26.60 -12.80
N ARG R 90 -41.23 -26.92 -11.60
CA ARG R 90 -41.94 -28.19 -11.33
C ARG R 90 -43.23 -28.24 -12.12
N VAL R 91 -43.52 -29.35 -12.77
CA VAL R 91 -44.87 -29.53 -13.25
C VAL R 91 -45.68 -30.46 -12.34
N GLY R 92 -45.06 -31.53 -11.89
CA GLY R 92 -45.81 -32.51 -11.09
C GLY R 92 -46.44 -31.95 -9.82
N LYS R 93 -46.91 -32.88 -8.98
CA LYS R 93 -47.47 -32.48 -7.71
C LYS R 93 -46.42 -31.75 -6.87
N ASP R 94 -45.36 -32.44 -6.45
CA ASP R 94 -44.54 -31.90 -5.35
C ASP R 94 -43.68 -30.67 -5.74
N MET S 1 0.97 -52.98 -17.08
CA MET S 1 0.26 -52.93 -15.77
C MET S 1 -0.78 -51.78 -15.71
N LEU S 2 -1.65 -51.86 -14.70
CA LEU S 2 -2.96 -51.20 -14.69
C LEU S 2 -3.07 -49.98 -13.76
N TYR S 3 -3.58 -48.85 -14.27
CA TYR S 3 -3.95 -47.70 -13.41
C TYR S 3 -5.44 -47.37 -13.60
N LEU S 4 -6.10 -47.03 -12.50
CA LEU S 4 -7.44 -46.46 -12.57
C LEU S 4 -7.30 -44.95 -12.60
N VAL S 5 -7.86 -44.36 -13.64
CA VAL S 5 -7.65 -42.93 -13.97
C VAL S 5 -8.99 -42.20 -14.17
N ARG S 6 -9.20 -41.17 -13.35
CA ARG S 6 -10.41 -40.31 -13.38
C ARG S 6 -10.14 -38.90 -13.90
N MET S 7 -10.91 -38.52 -14.91
CA MET S 7 -10.73 -37.22 -15.53
C MET S 7 -12.00 -36.38 -15.34
N THR S 8 -11.82 -35.13 -14.94
CA THR S 8 -12.93 -34.22 -14.76
C THR S 8 -12.58 -32.94 -15.52
N VAL S 9 -13.31 -32.72 -16.60
CA VAL S 9 -13.09 -31.57 -17.45
C VAL S 9 -13.76 -30.35 -16.81
N ASN S 10 -13.01 -29.28 -16.74
CA ASN S 10 -13.58 -27.98 -16.49
C ASN S 10 -13.21 -27.00 -17.62
N LEU S 11 -13.99 -27.03 -18.70
CA LEU S 11 -13.75 -26.12 -19.82
C LEU S 11 -14.03 -24.69 -19.36
N PRO S 12 -13.11 -23.74 -19.65
CA PRO S 12 -13.19 -22.33 -19.19
C PRO S 12 -14.43 -21.55 -19.65
N ARG S 13 -15.36 -22.27 -20.30
CA ARG S 13 -16.73 -21.83 -20.62
C ARG S 13 -16.85 -20.46 -21.33
N ASN S 14 -15.89 -20.18 -22.21
CA ASN S 14 -15.58 -18.85 -22.77
C ASN S 14 -14.29 -18.30 -22.15
N LEU S 15 -13.22 -18.22 -22.94
CA LEU S 15 -13.26 -18.41 -24.39
C LEU S 15 -13.25 -19.88 -24.88
N ASP S 16 -14.40 -20.35 -25.37
CA ASP S 16 -14.54 -21.62 -26.09
C ASP S 16 -15.76 -21.57 -27.01
N SER S 17 -15.56 -21.87 -28.30
CA SER S 17 -16.62 -21.74 -29.32
C SER S 17 -16.71 -22.94 -30.28
N ARG S 18 -16.12 -22.77 -31.46
CA ARG S 18 -15.83 -23.87 -32.39
C ARG S 18 -14.42 -24.37 -32.11
N GLU S 19 -13.70 -23.70 -31.21
CA GLU S 19 -12.36 -24.12 -30.76
C GLU S 19 -12.46 -25.28 -29.77
N GLU S 20 -13.60 -25.36 -29.09
CA GLU S 20 -13.96 -26.49 -28.24
C GLU S 20 -14.51 -27.68 -29.06
N GLU S 21 -15.01 -27.42 -30.27
CA GLU S 21 -15.31 -28.47 -31.24
C GLU S 21 -14.01 -29.15 -31.74
N ARG S 22 -13.00 -28.33 -32.04
CA ARG S 22 -11.67 -28.80 -32.45
C ARG S 22 -11.01 -29.67 -31.38
N LEU S 23 -11.24 -29.35 -30.10
CA LEU S 23 -10.66 -30.07 -28.97
C LEU S 23 -11.31 -31.47 -28.76
N LYS S 24 -12.64 -31.55 -28.80
CA LYS S 24 -13.40 -32.84 -28.84
C LYS S 24 -12.91 -33.77 -29.94
N ALA S 25 -12.68 -33.19 -31.12
CA ALA S 25 -12.15 -33.89 -32.28
C ALA S 25 -10.72 -34.44 -32.04
N SER S 26 -9.84 -33.59 -31.51
CA SER S 26 -8.45 -33.94 -31.25
C SER S 26 -8.36 -35.14 -30.26
N GLU S 27 -8.97 -34.97 -29.09
CA GLU S 27 -9.08 -36.01 -28.07
C GLU S 27 -9.64 -37.33 -28.60
N LYS S 28 -10.70 -37.25 -29.41
CA LYS S 28 -11.35 -38.43 -29.97
C LYS S 28 -10.42 -39.29 -30.84
N ALA S 29 -9.59 -38.61 -31.63
CA ALA S 29 -8.59 -39.25 -32.48
C ALA S 29 -7.47 -39.86 -31.63
N ARG S 30 -6.81 -39.00 -30.83
CA ARG S 30 -5.71 -39.40 -29.96
C ARG S 30 -6.04 -40.61 -29.06
N SER S 31 -7.27 -40.65 -28.56
CA SER S 31 -7.68 -41.74 -27.68
C SER S 31 -8.01 -43.02 -28.45
N ARG S 32 -8.51 -42.88 -29.68
CA ARG S 32 -8.74 -44.04 -30.56
C ARG S 32 -7.41 -44.69 -30.83
N THR S 33 -6.37 -43.86 -30.87
CA THR S 33 -5.02 -44.34 -31.11
C THR S 33 -4.62 -45.27 -29.96
N LEU S 34 -4.81 -44.79 -28.73
CA LEU S 34 -4.36 -45.50 -27.53
C LEU S 34 -5.20 -46.73 -27.24
N GLN S 35 -6.48 -46.66 -27.59
CA GLN S 35 -7.35 -47.79 -27.39
C GLN S 35 -7.03 -48.95 -28.32
N GLU S 36 -6.65 -48.61 -29.55
CA GLU S 36 -6.33 -49.59 -30.60
C GLU S 36 -4.95 -50.19 -30.35
N GLN S 37 -4.10 -49.38 -29.71
CA GLN S 37 -2.76 -49.76 -29.30
C GLN S 37 -2.73 -50.55 -27.98
N GLY S 38 -3.86 -50.58 -27.25
CA GLY S 38 -4.03 -51.44 -26.08
C GLY S 38 -3.72 -50.82 -24.73
N GLN S 39 -3.06 -49.67 -24.73
CA GLN S 39 -2.71 -48.97 -23.50
C GLN S 39 -3.73 -47.96 -22.94
N TRP S 40 -4.72 -47.55 -23.75
CA TRP S 40 -5.93 -46.97 -23.20
C TRP S 40 -6.86 -48.11 -23.21
N ARG S 41 -6.96 -48.79 -22.09
CA ARG S 41 -7.54 -50.11 -22.10
C ARG S 41 -9.05 -50.02 -21.89
N TYR S 42 -9.46 -49.30 -20.87
CA TYR S 42 -10.90 -49.10 -20.67
C TYR S 42 -11.28 -47.63 -20.59
N LEU S 43 -12.46 -47.32 -21.09
CA LEU S 43 -12.91 -45.95 -21.06
C LEU S 43 -14.41 -45.96 -20.93
N TRP S 44 -14.88 -45.12 -20.03
CA TRP S 44 -16.28 -45.08 -19.66
C TRP S 44 -16.62 -43.66 -19.25
N ARG S 45 -17.86 -43.25 -19.57
CA ARG S 45 -18.35 -41.97 -19.13
C ARG S 45 -18.72 -41.98 -17.63
N THR S 46 -18.22 -41.00 -16.89
CA THR S 46 -18.76 -40.67 -15.56
C THR S 46 -20.20 -40.14 -15.79
N THR S 47 -21.22 -40.87 -15.38
CA THR S 47 -22.58 -40.49 -15.73
C THR S 47 -22.93 -39.09 -15.24
N GLY S 48 -23.36 -38.23 -16.15
CA GLY S 48 -23.78 -36.87 -15.82
C GLY S 48 -22.63 -35.89 -15.66
N LYS S 49 -21.42 -36.35 -15.95
CA LYS S 49 -20.26 -35.47 -15.89
C LYS S 49 -19.50 -35.36 -17.20
N TYR S 50 -18.82 -34.23 -17.36
CA TYR S 50 -17.89 -34.03 -18.43
C TYR S 50 -16.55 -34.58 -17.92
N GLY S 51 -16.12 -35.68 -18.51
CA GLY S 51 -14.98 -36.42 -17.95
C GLY S 51 -15.28 -37.89 -18.08
N ASN S 52 -14.45 -38.73 -17.47
CA ASN S 52 -14.45 -40.18 -17.71
C ASN S 52 -13.70 -40.94 -16.63
N ILE S 53 -14.02 -42.23 -16.54
CA ILE S 53 -13.32 -43.17 -15.71
C ILE S 53 -12.61 -44.12 -16.65
N SER S 54 -11.29 -44.21 -16.51
CA SER S 54 -10.56 -45.13 -17.36
CA SER S 54 -10.46 -45.02 -17.41
C SER S 54 -9.50 -45.98 -16.68
N VAL S 55 -9.23 -47.12 -17.32
CA VAL S 55 -8.17 -48.04 -16.94
C VAL S 55 -7.08 -47.93 -18.01
N PHE S 56 -5.93 -47.43 -17.59
CA PHE S 56 -4.75 -47.46 -18.41
C PHE S 56 -3.89 -48.70 -18.12
N ASP S 57 -3.29 -49.24 -19.18
CA ASP S 57 -2.32 -50.34 -19.09
C ASP S 57 -1.00 -49.90 -19.68
N VAL S 58 -0.05 -49.61 -18.79
CA VAL S 58 1.23 -49.12 -19.22
C VAL S 58 2.35 -49.94 -18.55
N ASN S 59 3.59 -49.54 -18.82
CA ASN S 59 4.78 -50.20 -18.26
C ASN S 59 5.50 -49.36 -17.22
N SER S 60 5.07 -48.12 -17.02
CA SER S 60 5.62 -47.28 -15.94
C SER S 60 4.76 -46.03 -15.68
N HIS S 61 5.18 -45.24 -14.69
CA HIS S 61 4.46 -44.06 -14.26
C HIS S 61 4.59 -42.99 -15.33
N ASP S 62 5.83 -42.76 -15.73
CA ASP S 62 6.18 -41.75 -16.72
C ASP S 62 5.49 -41.99 -18.05
N GLU S 63 5.54 -43.21 -18.54
CA GLU S 63 4.69 -43.58 -19.67
C GLU S 63 3.21 -43.09 -19.53
N LEU S 64 2.47 -43.56 -18.52
CA LEU S 64 1.10 -43.05 -18.31
C LEU S 64 1.03 -41.51 -18.18
N HIS S 65 1.97 -40.91 -17.44
CA HIS S 65 2.02 -39.48 -17.24
C HIS S 65 2.03 -38.79 -18.64
N GLU S 66 3.00 -39.16 -19.49
CA GLU S 66 3.10 -38.68 -20.86
C GLU S 66 1.83 -38.83 -21.64
N ILE S 67 1.14 -39.96 -21.47
CA ILE S 67 -0.16 -40.15 -22.11
C ILE S 67 -1.13 -39.08 -21.59
N LEU S 68 -1.34 -39.04 -20.28
CA LEU S 68 -2.13 -37.95 -19.71
C LEU S 68 -1.72 -36.53 -20.22
N TRP S 69 -0.43 -36.30 -20.47
CA TRP S 69 0.03 -34.95 -20.82
C TRP S 69 -0.29 -34.43 -22.25
N SER S 70 -0.04 -35.28 -23.24
CA SER S 70 -0.39 -34.99 -24.63
C SER S 70 -1.91 -34.96 -24.85
N LEU S 71 -2.69 -35.07 -23.77
CA LEU S 71 -4.16 -35.05 -23.89
C LEU S 71 -4.70 -33.67 -24.20
N PRO S 72 -5.44 -33.54 -25.33
CA PRO S 72 -5.98 -32.24 -25.70
C PRO S 72 -6.64 -31.52 -24.52
N PHE S 73 -7.52 -32.23 -23.81
CA PHE S 73 -8.26 -31.66 -22.71
C PHE S 73 -7.42 -31.41 -21.45
N PHE S 74 -6.12 -31.72 -21.48
CA PHE S 74 -5.28 -31.71 -20.26
C PHE S 74 -5.21 -30.41 -19.43
N PRO S 75 -4.94 -29.25 -20.07
CA PRO S 75 -4.95 -28.10 -19.18
C PRO S 75 -6.30 -27.90 -18.47
N TYR S 76 -7.32 -28.63 -18.94
CA TYR S 76 -8.69 -28.48 -18.43
C TYR S 76 -9.21 -29.65 -17.57
N LEU S 77 -8.33 -30.62 -17.27
CA LEU S 77 -8.68 -31.81 -16.50
C LEU S 77 -8.25 -31.66 -15.03
N THR S 78 -9.08 -32.15 -14.12
CA THR S 78 -8.63 -32.49 -12.78
C THR S 78 -8.51 -33.99 -12.81
N ILE S 79 -7.34 -34.50 -12.48
CA ILE S 79 -7.00 -35.91 -12.70
C ILE S 79 -6.68 -36.61 -11.37
N ASP S 80 -7.24 -37.81 -11.20
CA ASP S 80 -6.79 -38.75 -10.16
C ASP S 80 -6.24 -40.02 -10.76
N VAL S 81 -5.04 -40.37 -10.31
CA VAL S 81 -4.38 -41.62 -10.70
C VAL S 81 -4.30 -42.58 -9.52
N GLU S 82 -4.75 -43.82 -9.76
CA GLU S 82 -4.72 -44.84 -8.73
C GLU S 82 -4.14 -46.15 -9.25
N PRO S 83 -3.08 -46.66 -8.60
CA PRO S 83 -2.50 -47.97 -8.91
C PRO S 83 -3.43 -49.18 -8.72
N LEU S 84 -3.54 -50.08 -9.71
CA LEU S 84 -4.31 -51.33 -9.58
C LEU S 84 -3.44 -52.62 -9.53
N SER S 85 -3.51 -53.36 -8.43
CA SER S 85 -2.70 -54.59 -8.25
C SER S 85 -3.52 -55.81 -8.54
N HIS S 86 -2.85 -56.95 -8.70
CA HIS S 86 -3.56 -58.18 -8.84
C HIS S 86 -4.29 -58.48 -7.54
N HIS S 87 -5.49 -59.04 -7.70
CA HIS S 87 -6.33 -59.42 -6.58
C HIS S 87 -6.43 -60.94 -6.59
N PRO S 88 -6.05 -61.58 -5.47
CA PRO S 88 -6.11 -63.01 -5.25
C PRO S 88 -7.34 -63.67 -5.84
N ALA S 89 -8.48 -63.00 -5.68
CA ALA S 89 -9.81 -63.58 -5.98
C ALA S 89 -10.30 -63.50 -7.43
N ARG S 90 -9.49 -62.91 -8.32
CA ARG S 90 -9.82 -62.80 -9.75
C ARG S 90 -9.75 -64.13 -10.50
N VAL S 91 -10.72 -64.40 -11.38
CA VAL S 91 -10.69 -65.63 -12.22
C VAL S 91 -9.76 -65.53 -13.44
N GLY S 92 -10.18 -64.80 -14.47
CA GLY S 92 -9.28 -64.44 -15.56
C GLY S 92 -8.58 -63.20 -15.07
N LYS S 93 -7.25 -63.26 -14.96
CA LYS S 93 -6.46 -62.16 -14.38
C LYS S 93 -6.60 -60.84 -15.15
N ASP S 94 -6.40 -59.72 -14.45
CA ASP S 94 -6.40 -58.40 -15.05
C ASP S 94 -5.23 -57.58 -14.51
N MET T 1 -25.91 -53.16 -16.72
CA MET T 1 -25.01 -51.97 -16.94
C MET T 1 -23.96 -51.85 -15.86
N LEU T 2 -23.07 -50.89 -16.08
CA LEU T 2 -21.82 -50.87 -15.41
C LEU T 2 -21.81 -49.94 -14.22
N TYR T 3 -21.20 -50.42 -13.14
CA TYR T 3 -20.85 -49.57 -12.05
C TYR T 3 -19.42 -49.79 -11.72
N LEU T 4 -18.80 -48.71 -11.26
CA LEU T 4 -17.55 -48.75 -10.56
C LEU T 4 -17.92 -48.79 -9.09
N VAL T 5 -17.23 -49.65 -8.34
CA VAL T 5 -17.59 -50.00 -6.98
C VAL T 5 -16.30 -50.19 -6.21
N ARG T 6 -16.05 -49.28 -5.26
CA ARG T 6 -14.91 -49.41 -4.36
C ARG T 6 -15.37 -50.06 -3.05
N MET T 7 -14.56 -50.96 -2.51
CA MET T 7 -14.87 -51.58 -1.21
C MET T 7 -13.70 -51.48 -0.23
N THR T 8 -13.86 -50.73 0.86
CA THR T 8 -12.82 -50.69 1.91
C THR T 8 -13.18 -51.62 3.07
N VAL T 9 -12.38 -52.67 3.29
CA VAL T 9 -12.58 -53.54 4.46
C VAL T 9 -12.11 -52.86 5.75
N ASN T 10 -12.90 -52.99 6.81
CA ASN T 10 -12.49 -52.52 8.12
C ASN T 10 -12.93 -53.53 9.20
N LEU T 11 -11.98 -54.31 9.67
CA LEU T 11 -12.25 -55.41 10.58
C LEU T 11 -12.20 -54.95 12.03
N PRO T 12 -13.16 -55.43 12.86
CA PRO T 12 -13.05 -55.29 14.31
C PRO T 12 -11.78 -55.98 14.77
N ARG T 13 -10.97 -55.25 15.55
CA ARG T 13 -9.63 -55.72 15.95
C ARG T 13 -9.63 -56.43 17.32
N ASN T 14 -10.63 -56.15 18.14
CA ASN T 14 -10.75 -56.80 19.46
C ASN T 14 -11.75 -57.98 19.42
N LEU T 15 -11.86 -58.57 18.23
CA LEU T 15 -12.74 -59.71 18.00
C LEU T 15 -12.49 -60.24 16.60
N ASP T 16 -12.19 -61.53 16.49
CA ASP T 16 -12.24 -62.26 15.21
C ASP T 16 -11.58 -63.64 15.21
N SER T 17 -10.26 -63.65 15.00
CA SER T 17 -9.46 -64.88 14.80
C SER T 17 -10.08 -65.94 13.86
N ARG T 18 -10.85 -66.86 14.42
CA ARG T 18 -11.50 -67.94 13.65
C ARG T 18 -12.68 -67.44 12.82
N GLU T 19 -13.33 -66.38 13.29
CA GLU T 19 -14.36 -65.70 12.50
C GLU T 19 -13.78 -64.84 11.35
N GLU T 20 -12.50 -64.44 11.48
CA GLU T 20 -11.81 -63.67 10.45
C GLU T 20 -11.41 -64.56 9.28
N GLU T 21 -10.94 -65.76 9.58
CA GLU T 21 -10.40 -66.66 8.56
C GLU T 21 -11.49 -67.41 7.79
N ARG T 22 -12.63 -67.66 8.42
CA ARG T 22 -13.73 -68.29 7.70
C ARG T 22 -14.40 -67.28 6.79
N LEU T 23 -14.47 -66.06 7.30
CA LEU T 23 -15.06 -64.93 6.57
C LEU T 23 -14.21 -64.59 5.35
N LYS T 24 -12.89 -64.73 5.46
CA LYS T 24 -11.96 -64.60 4.32
C LYS T 24 -12.19 -65.64 3.19
N ALA T 25 -12.70 -66.81 3.57
CA ALA T 25 -12.83 -67.94 2.65
C ALA T 25 -14.15 -67.94 1.91
N SER T 26 -15.21 -67.48 2.56
CA SER T 26 -16.53 -67.35 1.94
C SER T 26 -16.58 -66.18 0.94
N GLU T 27 -15.94 -65.07 1.30
CA GLU T 27 -15.82 -63.92 0.40
C GLU T 27 -15.28 -64.40 -0.94
N LYS T 28 -14.09 -65.02 -0.91
CA LYS T 28 -13.43 -65.60 -2.10
C LYS T 28 -14.33 -66.53 -2.94
N ALA T 29 -15.27 -67.24 -2.31
CA ALA T 29 -16.05 -68.27 -2.97
C ALA T 29 -17.27 -67.77 -3.73
N ARG T 30 -17.88 -66.71 -3.21
CA ARG T 30 -19.06 -66.05 -3.80
C ARG T 30 -18.66 -65.26 -5.03
N SER T 31 -17.48 -64.63 -4.96
CA SER T 31 -16.95 -63.87 -6.06
C SER T 31 -16.51 -64.76 -7.21
N ARG T 32 -16.48 -66.07 -6.97
CA ARG T 32 -16.20 -67.01 -8.06
C ARG T 32 -17.42 -67.09 -8.94
N THR T 33 -18.54 -67.53 -8.36
CA THR T 33 -19.83 -67.63 -9.02
C THR T 33 -20.18 -66.32 -9.73
N LEU T 34 -19.80 -65.20 -9.11
CA LEU T 34 -20.18 -63.86 -9.58
C LEU T 34 -19.35 -63.48 -10.79
N GLN T 35 -18.10 -63.94 -10.82
CA GLN T 35 -17.25 -63.73 -11.99
C GLN T 35 -17.57 -64.75 -13.10
N GLU T 36 -17.86 -65.98 -12.72
CA GLU T 36 -18.24 -67.00 -13.69
C GLU T 36 -19.54 -66.63 -14.41
N GLN T 37 -20.55 -66.22 -13.64
CA GLN T 37 -21.79 -65.75 -14.24
C GLN T 37 -21.59 -64.47 -15.07
N GLY T 38 -20.79 -63.53 -14.56
CA GLY T 38 -20.39 -62.35 -15.35
C GLY T 38 -20.77 -60.97 -14.84
N GLN T 39 -21.37 -60.91 -13.65
CA GLN T 39 -21.79 -59.65 -13.06
C GLN T 39 -20.66 -59.00 -12.34
N TRP T 40 -19.76 -59.79 -11.76
CA TRP T 40 -18.54 -59.22 -11.24
C TRP T 40 -17.59 -59.20 -12.41
N ARG T 41 -17.74 -58.18 -13.24
CA ARG T 41 -16.99 -58.07 -14.48
C ARG T 41 -15.49 -57.86 -14.27
N TYR T 42 -15.11 -56.83 -13.55
CA TYR T 42 -13.68 -56.63 -13.27
C TYR T 42 -13.40 -56.53 -11.78
N LEU T 43 -12.19 -56.91 -11.38
CA LEU T 43 -11.84 -56.98 -9.97
C LEU T 43 -10.37 -56.78 -9.79
N TRP T 44 -10.03 -55.68 -9.13
CA TRP T 44 -8.66 -55.28 -8.96
C TRP T 44 -8.43 -54.96 -7.52
N ARG T 45 -7.18 -54.99 -7.10
CA ARG T 45 -6.87 -54.75 -5.70
C ARG T 45 -6.46 -53.31 -5.55
N THR T 46 -6.89 -52.68 -4.46
CA THR T 46 -6.42 -51.34 -4.12
C THR T 46 -5.01 -51.41 -3.57
N THR T 47 -4.03 -51.39 -4.47
CA THR T 47 -2.59 -51.32 -4.12
C THR T 47 -2.27 -50.72 -2.72
N GLY T 48 -1.87 -51.57 -1.77
CA GLY T 48 -1.49 -51.13 -0.40
C GLY T 48 -2.64 -50.99 0.59
N LYS T 49 -3.84 -51.42 0.19
CA LYS T 49 -5.00 -51.33 1.08
C LYS T 49 -5.73 -52.66 1.18
N TYR T 50 -6.69 -52.75 2.10
CA TYR T 50 -7.44 -53.99 2.28
C TYR T 50 -8.83 -53.75 1.69
N GLY T 51 -8.92 -53.94 0.37
CA GLY T 51 -10.18 -53.78 -0.29
C GLY T 51 -10.03 -54.10 -1.75
N ASN T 52 -10.95 -53.57 -2.56
CA ASN T 52 -10.90 -53.76 -3.99
C ASN T 52 -11.47 -52.58 -4.76
N ILE T 53 -11.27 -52.62 -6.08
CA ILE T 53 -11.92 -51.74 -7.02
C ILE T 53 -12.51 -52.63 -8.09
N SER T 54 -13.80 -52.50 -8.31
CA SER T 54 -14.51 -53.39 -9.21
C SER T 54 -15.34 -52.65 -10.23
N VAL T 55 -15.88 -53.41 -11.18
CA VAL T 55 -16.80 -52.87 -12.13
C VAL T 55 -17.81 -53.99 -12.24
N PHE T 56 -19.02 -53.73 -11.76
CA PHE T 56 -20.06 -54.73 -11.82
C PHE T 56 -20.86 -54.42 -13.03
N ASP T 57 -21.61 -55.42 -13.49
CA ASP T 57 -22.34 -55.36 -14.73
C ASP T 57 -23.66 -56.06 -14.51
N VAL T 58 -24.67 -55.30 -14.10
CA VAL T 58 -25.99 -55.86 -13.77
C VAL T 58 -27.12 -55.06 -14.37
N ASN T 59 -28.34 -55.53 -14.18
CA ASN T 59 -29.51 -55.03 -14.92
C ASN T 59 -30.30 -53.91 -14.26
N SER T 60 -30.01 -53.68 -12.98
CA SER T 60 -30.66 -52.64 -12.22
C SER T 60 -29.78 -52.17 -11.06
N HIS T 61 -30.27 -51.21 -10.26
CA HIS T 61 -29.63 -50.89 -8.99
C HIS T 61 -29.94 -51.96 -7.99
N ASP T 62 -31.17 -52.43 -8.01
CA ASP T 62 -31.69 -53.52 -7.15
C ASP T 62 -30.83 -54.80 -7.18
N GLU T 63 -30.52 -55.33 -8.36
CA GLU T 63 -29.58 -56.45 -8.51
C GLU T 63 -28.23 -56.11 -7.88
N LEU T 64 -27.66 -54.99 -8.31
CA LEU T 64 -26.42 -54.57 -7.74
C LEU T 64 -26.56 -54.57 -6.23
N HIS T 65 -27.72 -54.18 -5.74
CA HIS T 65 -27.87 -54.12 -4.28
C HIS T 65 -27.87 -55.50 -3.63
N GLU T 66 -28.65 -56.41 -4.17
CA GLU T 66 -28.72 -57.78 -3.66
C GLU T 66 -27.35 -58.45 -3.63
N ILE T 67 -26.57 -58.23 -4.68
CA ILE T 67 -25.22 -58.80 -4.80
C ILE T 67 -24.26 -58.18 -3.77
N LEU T 68 -24.27 -56.86 -3.61
CA LEU T 68 -23.38 -56.28 -2.59
C LEU T 68 -23.77 -56.63 -1.13
N TRP T 69 -25.07 -56.76 -0.88
CA TRP T 69 -25.65 -57.00 0.43
C TRP T 69 -25.44 -58.44 0.94
N SER T 70 -24.88 -59.28 0.08
CA SER T 70 -24.70 -60.71 0.33
C SER T 70 -23.21 -61.02 0.53
N LEU T 71 -22.34 -60.15 0.04
CA LEU T 71 -20.91 -60.34 0.30
C LEU T 71 -20.67 -60.60 1.80
N PRO T 72 -20.11 -61.77 2.14
CA PRO T 72 -19.93 -62.15 3.54
C PRO T 72 -19.20 -61.06 4.29
N PHE T 73 -18.49 -60.22 3.54
CA PHE T 73 -17.70 -59.15 4.09
C PHE T 73 -18.48 -57.86 4.26
N PHE T 74 -19.72 -57.86 3.77
CA PHE T 74 -20.56 -56.67 3.84
C PHE T 74 -20.58 -55.91 5.16
N PRO T 75 -20.72 -56.63 6.30
CA PRO T 75 -20.77 -55.91 7.56
C PRO T 75 -19.46 -55.21 7.88
N TYR T 76 -18.37 -55.69 7.31
CA TYR T 76 -17.10 -54.98 7.46
C TYR T 76 -16.66 -54.33 6.15
N LEU T 77 -17.60 -53.60 5.53
CA LEU T 77 -17.30 -52.84 4.32
C LEU T 77 -17.77 -51.39 4.40
N THR T 78 -16.99 -50.55 3.72
CA THR T 78 -17.28 -49.16 3.44
C THR T 78 -17.33 -49.19 1.92
N ILE T 79 -18.44 -48.77 1.33
CA ILE T 79 -18.70 -48.94 -0.11
C ILE T 79 -19.16 -47.69 -0.87
N ASP T 80 -18.40 -47.29 -1.89
CA ASP T 80 -18.86 -46.24 -2.83
C ASP T 80 -19.36 -46.88 -4.10
N VAL T 81 -20.53 -46.46 -4.57
CA VAL T 81 -21.12 -46.97 -5.82
C VAL T 81 -21.29 -45.86 -6.85
N GLU T 82 -20.79 -46.08 -8.04
CA GLU T 82 -20.80 -45.04 -9.05
C GLU T 82 -21.08 -45.58 -10.43
N PRO T 83 -22.23 -45.18 -11.00
CA PRO T 83 -22.70 -45.53 -12.35
C PRO T 83 -21.68 -45.24 -13.46
N LEU T 84 -21.72 -46.05 -14.52
CA LEU T 84 -20.86 -45.87 -15.67
C LEU T 84 -21.69 -45.82 -16.94
N SER T 85 -21.40 -44.81 -17.79
CA SER T 85 -22.11 -44.62 -19.05
C SER T 85 -21.18 -44.91 -20.22
N HIS T 86 -21.73 -45.46 -21.30
CA HIS T 86 -21.00 -45.66 -22.56
C HIS T 86 -20.49 -44.33 -23.09
N HIS T 87 -19.17 -44.22 -23.22
CA HIS T 87 -18.48 -43.02 -23.71
C HIS T 87 -18.47 -43.05 -25.26
N PRO T 88 -18.67 -41.87 -25.92
CA PRO T 88 -18.62 -41.76 -27.39
C PRO T 88 -17.27 -42.11 -28.05
N ALA T 89 -16.16 -41.93 -27.33
CA ALA T 89 -14.83 -42.23 -27.85
C ALA T 89 -14.36 -43.71 -27.71
N ARG T 90 -15.16 -44.54 -27.05
CA ARG T 90 -14.85 -45.98 -26.89
C ARG T 90 -14.77 -46.75 -28.23
N VAL T 91 -13.89 -47.75 -28.30
CA VAL T 91 -13.75 -48.58 -29.51
C VAL T 91 -14.01 -50.11 -29.34
N GLY T 92 -13.37 -50.74 -28.36
CA GLY T 92 -13.39 -52.20 -28.19
C GLY T 92 -14.74 -52.88 -27.89
N LYS T 93 -15.17 -52.78 -26.63
CA LYS T 93 -16.44 -53.37 -26.16
C LYS T 93 -17.03 -52.67 -24.92
N ASP T 94 -17.26 -53.43 -23.84
CA ASP T 94 -17.81 -52.94 -22.56
C ASP T 94 -19.18 -52.23 -22.65
#